data_1LT0
# 
_entry.id   1LT0 
# 
_audit_conform.dict_name       mmcif_pdbx.dic 
_audit_conform.dict_version    5.386 
_audit_conform.dict_location   http://mmcif.pdb.org/dictionaries/ascii/mmcif_pdbx.dic 
# 
loop_
_database_2.database_id 
_database_2.database_code 
_database_2.pdbx_database_accession 
_database_2.pdbx_DOI 
PDB   1LT0         pdb_00001lt0 10.2210/pdb1lt0/pdb 
RCSB  RCSB016252   ?            ?                   
WWPDB D_1000016252 ?            ?                   
# 
loop_
_pdbx_audit_revision_history.ordinal 
_pdbx_audit_revision_history.data_content_type 
_pdbx_audit_revision_history.major_revision 
_pdbx_audit_revision_history.minor_revision 
_pdbx_audit_revision_history.revision_date 
1 'Structure model' 1 0 2002-11-20 
2 'Structure model' 1 1 2008-04-28 
3 'Structure model' 1 2 2011-07-13 
4 'Structure model' 1 3 2024-02-14 
# 
_pdbx_audit_revision_details.ordinal             1 
_pdbx_audit_revision_details.revision_ordinal    1 
_pdbx_audit_revision_details.data_content_type   'Structure model' 
_pdbx_audit_revision_details.provider            repository 
_pdbx_audit_revision_details.type                'Initial release' 
_pdbx_audit_revision_details.description         ? 
_pdbx_audit_revision_details.details             ? 
# 
loop_
_pdbx_audit_revision_group.ordinal 
_pdbx_audit_revision_group.revision_ordinal 
_pdbx_audit_revision_group.data_content_type 
_pdbx_audit_revision_group.group 
1 2 'Structure model' 'Version format compliance' 
2 3 'Structure model' 'Version format compliance' 
3 4 'Structure model' 'Data collection'           
4 4 'Structure model' 'Database references'       
5 4 'Structure model' 'Derived calculations'      
6 4 'Structure model' 'Refinement description'    
# 
loop_
_pdbx_audit_revision_category.ordinal 
_pdbx_audit_revision_category.revision_ordinal 
_pdbx_audit_revision_category.data_content_type 
_pdbx_audit_revision_category.category 
1 4 'Structure model' chem_comp_atom                
2 4 'Structure model' chem_comp_bond                
3 4 'Structure model' database_2                    
4 4 'Structure model' pdbx_initial_refinement_model 
5 4 'Structure model' struct_conn                   
6 4 'Structure model' struct_ref_seq_dif            
7 4 'Structure model' struct_site                   
# 
loop_
_pdbx_audit_revision_item.ordinal 
_pdbx_audit_revision_item.revision_ordinal 
_pdbx_audit_revision_item.data_content_type 
_pdbx_audit_revision_item.item 
1  4 'Structure model' '_database_2.pdbx_DOI'                
2  4 'Structure model' '_database_2.pdbx_database_accession' 
3  4 'Structure model' '_struct_conn.ptnr1_auth_comp_id'     
4  4 'Structure model' '_struct_conn.ptnr1_auth_seq_id'      
5  4 'Structure model' '_struct_conn.ptnr1_label_asym_id'    
6  4 'Structure model' '_struct_conn.ptnr1_label_atom_id'    
7  4 'Structure model' '_struct_conn.ptnr1_label_comp_id'    
8  4 'Structure model' '_struct_conn.ptnr1_label_seq_id'     
9  4 'Structure model' '_struct_conn.ptnr2_auth_comp_id'     
10 4 'Structure model' '_struct_conn.ptnr2_auth_seq_id'      
11 4 'Structure model' '_struct_conn.ptnr2_label_asym_id'    
12 4 'Structure model' '_struct_conn.ptnr2_label_atom_id'    
13 4 'Structure model' '_struct_conn.ptnr2_label_comp_id'    
14 4 'Structure model' '_struct_conn.ptnr2_label_seq_id'     
15 4 'Structure model' '_struct_ref_seq_dif.details'         
16 4 'Structure model' '_struct_site.pdbx_auth_asym_id'      
17 4 'Structure model' '_struct_site.pdbx_auth_comp_id'      
18 4 'Structure model' '_struct_site.pdbx_auth_seq_id'       
# 
_pdbx_database_PDB_obs_spr.id               SPRSDE 
_pdbx_database_PDB_obs_spr.pdb_id           1LT0 
_pdbx_database_PDB_obs_spr.replace_pdb_id   1DRQ 
_pdbx_database_PDB_obs_spr.date             2003-01-21 
_pdbx_database_PDB_obs_spr.details          ? 
# 
_pdbx_database_status.status_code                     REL 
_pdbx_database_status.entry_id                        1LT0 
_pdbx_database_status.recvd_initial_deposition_date   2002-05-20 
_pdbx_database_status.deposit_site                    RCSB 
_pdbx_database_status.process_site                    RCSB 
_pdbx_database_status.SG_entry                        . 
_pdbx_database_status.pdb_format_compatible           Y 
_pdbx_database_status.status_code_mr                  ? 
_pdbx_database_status.status_code_sf                  ? 
_pdbx_database_status.status_code_cs                  ? 
_pdbx_database_status.status_code_nmr_data            ? 
_pdbx_database_status.methods_development_category    ? 
# 
loop_
_pdbx_database_related.db_name 
_pdbx_database_related.db_id 
_pdbx_database_related.details 
_pdbx_database_related.content_type 
PDB 1DP6 'Oxygen-Binding Complex Of Fixl Heme Domain'                        unspecified 
PDB 1DP8 'Crystal Structure Of The Nitric Oxide Bound Fixl Heme Domain'      unspecified 
PDB 1DP9 'Crystal Structure Of Imidazole-Bound Fixl Heme Domain'             unspecified 
PDB 1DRM 'Crystal Structure Of The Ligand Free Bjfixl Heme Domain'           unspecified 
PDB 1LSV 'Crystal structure of the CO-bound BjFixL heme domain'              unspecified 
PDB 1LSW 'Crystal structure of the ferrous BjFixL heme domain'               unspecified 
PDB 1LSX 'Crystal structure of the methylimidazole-bound BjFixL heme domain' unspecified 
# 
loop_
_audit_author.name 
_audit_author.pdbx_ordinal 
'Hao, B.'    1 
'Isaza, C.'  2 
'Arndt, J.'  3 
'Soltis, M.' 4 
'Chan, M.K.' 5 
# 
_citation.id                        primary 
_citation.title                     
;Structure-based mechanism of O2 sensing and ligand discrimination by
the FixL heme domain of Bradyrhizobium japonicum
;
_citation.journal_abbrev            Biochemistry 
_citation.journal_volume            41 
_citation.page_first                12952 
_citation.page_last                 12958 
_citation.year                      2002 
_citation.journal_id_ASTM           BICHAW 
_citation.country                   US 
_citation.journal_id_ISSN           0006-2960 
_citation.journal_id_CSD            0033 
_citation.book_publisher            ? 
_citation.pdbx_database_id_PubMed   12390021 
_citation.pdbx_database_id_DOI      10.1021/bi020144l 
# 
loop_
_citation_author.citation_id 
_citation_author.name 
_citation_author.ordinal 
_citation_author.identifier_ORCID 
primary 'Hao, B.'    1 ? 
primary 'Isaza, C.'  2 ? 
primary 'Arndt, J.'  3 ? 
primary 'Soltis, M.' 4 ? 
primary 'Chan, M.K.' 5 ? 
# 
loop_
_entity.id 
_entity.type 
_entity.src_method 
_entity.pdbx_description 
_entity.formula_weight 
_entity.pdbx_number_of_molecules 
_entity.pdbx_ec 
_entity.pdbx_mutation 
_entity.pdbx_fragment 
_entity.details 
1 polymer     man 'Sensor protein FixL'             14919.858 1  2.7.3.- ? 'Heme domain (residues 141-270)' ? 
2 non-polymer syn 'CYANIDE ION'                     26.017    1  ?       ? ?                                ? 
3 non-polymer syn 'PROTOPORPHYRIN IX CONTAINING FE' 616.487   1  ?       ? ?                                ? 
4 water       nat water                             18.015    36 ?       ? ?                                ? 
# 
_entity_poly.entity_id                      1 
_entity_poly.type                           'polypeptide(L)' 
_entity_poly.nstd_linkage                   no 
_entity_poly.nstd_monomer                   no 
_entity_poly.pdbx_seq_one_letter_code       
;MRETHLRSILHTIPDAMIVIDGHGIIQLFSTAAERLFGWSELEAIGQNVNILMPEPDRSRHDSYISRYRTTSDPHIIGIG
RIVTGKRRDGTTFPMHLSIGEMQSGGEPYFTGFVRDLTEHQQTQARLQELQ
;
_entity_poly.pdbx_seq_one_letter_code_can   
;MRETHLRSILHTIPDAMIVIDGHGIIQLFSTAAERLFGWSELEAIGQNVNILMPEPDRSRHDSYISRYRTTSDPHIIGIG
RIVTGKRRDGTTFPMHLSIGEMQSGGEPYFTGFVRDLTEHQQTQARLQELQ
;
_entity_poly.pdbx_strand_id                 A 
_entity_poly.pdbx_target_identifier         ? 
# 
loop_
_pdbx_entity_nonpoly.entity_id 
_pdbx_entity_nonpoly.name 
_pdbx_entity_nonpoly.comp_id 
2 'CYANIDE ION'                     CYN 
3 'PROTOPORPHYRIN IX CONTAINING FE' HEM 
4 water                             HOH 
# 
loop_
_entity_poly_seq.entity_id 
_entity_poly_seq.num 
_entity_poly_seq.mon_id 
_entity_poly_seq.hetero 
1 1   MET n 
1 2   ARG n 
1 3   GLU n 
1 4   THR n 
1 5   HIS n 
1 6   LEU n 
1 7   ARG n 
1 8   SER n 
1 9   ILE n 
1 10  LEU n 
1 11  HIS n 
1 12  THR n 
1 13  ILE n 
1 14  PRO n 
1 15  ASP n 
1 16  ALA n 
1 17  MET n 
1 18  ILE n 
1 19  VAL n 
1 20  ILE n 
1 21  ASP n 
1 22  GLY n 
1 23  HIS n 
1 24  GLY n 
1 25  ILE n 
1 26  ILE n 
1 27  GLN n 
1 28  LEU n 
1 29  PHE n 
1 30  SER n 
1 31  THR n 
1 32  ALA n 
1 33  ALA n 
1 34  GLU n 
1 35  ARG n 
1 36  LEU n 
1 37  PHE n 
1 38  GLY n 
1 39  TRP n 
1 40  SER n 
1 41  GLU n 
1 42  LEU n 
1 43  GLU n 
1 44  ALA n 
1 45  ILE n 
1 46  GLY n 
1 47  GLN n 
1 48  ASN n 
1 49  VAL n 
1 50  ASN n 
1 51  ILE n 
1 52  LEU n 
1 53  MET n 
1 54  PRO n 
1 55  GLU n 
1 56  PRO n 
1 57  ASP n 
1 58  ARG n 
1 59  SER n 
1 60  ARG n 
1 61  HIS n 
1 62  ASP n 
1 63  SER n 
1 64  TYR n 
1 65  ILE n 
1 66  SER n 
1 67  ARG n 
1 68  TYR n 
1 69  ARG n 
1 70  THR n 
1 71  THR n 
1 72  SER n 
1 73  ASP n 
1 74  PRO n 
1 75  HIS n 
1 76  ILE n 
1 77  ILE n 
1 78  GLY n 
1 79  ILE n 
1 80  GLY n 
1 81  ARG n 
1 82  ILE n 
1 83  VAL n 
1 84  THR n 
1 85  GLY n 
1 86  LYS n 
1 87  ARG n 
1 88  ARG n 
1 89  ASP n 
1 90  GLY n 
1 91  THR n 
1 92  THR n 
1 93  PHE n 
1 94  PRO n 
1 95  MET n 
1 96  HIS n 
1 97  LEU n 
1 98  SER n 
1 99  ILE n 
1 100 GLY n 
1 101 GLU n 
1 102 MET n 
1 103 GLN n 
1 104 SER n 
1 105 GLY n 
1 106 GLY n 
1 107 GLU n 
1 108 PRO n 
1 109 TYR n 
1 110 PHE n 
1 111 THR n 
1 112 GLY n 
1 113 PHE n 
1 114 VAL n 
1 115 ARG n 
1 116 ASP n 
1 117 LEU n 
1 118 THR n 
1 119 GLU n 
1 120 HIS n 
1 121 GLN n 
1 122 GLN n 
1 123 THR n 
1 124 GLN n 
1 125 ALA n 
1 126 ARG n 
1 127 LEU n 
1 128 GLN n 
1 129 GLU n 
1 130 LEU n 
1 131 GLN n 
# 
_entity_src_gen.entity_id                          1 
_entity_src_gen.pdbx_src_id                        1 
_entity_src_gen.pdbx_alt_source_flag               sample 
_entity_src_gen.pdbx_seq_type                      ? 
_entity_src_gen.pdbx_beg_seq_num                   ? 
_entity_src_gen.pdbx_end_seq_num                   ? 
_entity_src_gen.gene_src_common_name               ? 
_entity_src_gen.gene_src_genus                     Bradyrhizobium 
_entity_src_gen.pdbx_gene_src_gene                 FixL 
_entity_src_gen.gene_src_species                   ? 
_entity_src_gen.gene_src_strain                    ? 
_entity_src_gen.gene_src_tissue                    ? 
_entity_src_gen.gene_src_tissue_fraction           ? 
_entity_src_gen.gene_src_details                   ? 
_entity_src_gen.pdbx_gene_src_fragment             ? 
_entity_src_gen.pdbx_gene_src_scientific_name      'Bradyrhizobium japonicum' 
_entity_src_gen.pdbx_gene_src_ncbi_taxonomy_id     375 
_entity_src_gen.pdbx_gene_src_variant              ? 
_entity_src_gen.pdbx_gene_src_cell_line            ? 
_entity_src_gen.pdbx_gene_src_atcc                 ? 
_entity_src_gen.pdbx_gene_src_organ                ? 
_entity_src_gen.pdbx_gene_src_organelle            ? 
_entity_src_gen.pdbx_gene_src_cell                 ? 
_entity_src_gen.pdbx_gene_src_cellular_location    ? 
_entity_src_gen.host_org_common_name               ? 
_entity_src_gen.pdbx_host_org_scientific_name      'Escherichia coli' 
_entity_src_gen.pdbx_host_org_ncbi_taxonomy_id     562 
_entity_src_gen.host_org_genus                     Escherichia 
_entity_src_gen.pdbx_host_org_gene                 ? 
_entity_src_gen.pdbx_host_org_organ                ? 
_entity_src_gen.host_org_species                   ? 
_entity_src_gen.pdbx_host_org_tissue               ? 
_entity_src_gen.pdbx_host_org_tissue_fraction      ? 
_entity_src_gen.pdbx_host_org_strain               TG1 
_entity_src_gen.pdbx_host_org_variant              ? 
_entity_src_gen.pdbx_host_org_cell_line            ? 
_entity_src_gen.pdbx_host_org_atcc                 ? 
_entity_src_gen.pdbx_host_org_culture_collection   ? 
_entity_src_gen.pdbx_host_org_cell                 ? 
_entity_src_gen.pdbx_host_org_organelle            ? 
_entity_src_gen.pdbx_host_org_cellular_location    ? 
_entity_src_gen.pdbx_host_org_vector_type          PLASMID 
_entity_src_gen.pdbx_host_org_vector               ? 
_entity_src_gen.host_org_details                   ? 
_entity_src_gen.expression_system_id               ? 
_entity_src_gen.plasmid_name                       pBH32 
_entity_src_gen.plasmid_details                    ? 
_entity_src_gen.pdbx_description                   ? 
# 
loop_
_chem_comp.id 
_chem_comp.type 
_chem_comp.mon_nstd_flag 
_chem_comp.name 
_chem_comp.pdbx_synonyms 
_chem_comp.formula 
_chem_comp.formula_weight 
ALA 'L-peptide linking' y ALANINE                           ?    'C3 H7 N O2'       89.093  
ARG 'L-peptide linking' y ARGININE                          ?    'C6 H15 N4 O2 1'   175.209 
ASN 'L-peptide linking' y ASPARAGINE                        ?    'C4 H8 N2 O3'      132.118 
ASP 'L-peptide linking' y 'ASPARTIC ACID'                   ?    'C4 H7 N O4'       133.103 
CYN non-polymer         . 'CYANIDE ION'                     ?    'C N -1'           26.017  
GLN 'L-peptide linking' y GLUTAMINE                         ?    'C5 H10 N2 O3'     146.144 
GLU 'L-peptide linking' y 'GLUTAMIC ACID'                   ?    'C5 H9 N O4'       147.129 
GLY 'peptide linking'   y GLYCINE                           ?    'C2 H5 N O2'       75.067  
HEM non-polymer         . 'PROTOPORPHYRIN IX CONTAINING FE' HEME 'C34 H32 Fe N4 O4' 616.487 
HIS 'L-peptide linking' y HISTIDINE                         ?    'C6 H10 N3 O2 1'   156.162 
HOH non-polymer         . WATER                             ?    'H2 O'             18.015  
ILE 'L-peptide linking' y ISOLEUCINE                        ?    'C6 H13 N O2'      131.173 
LEU 'L-peptide linking' y LEUCINE                           ?    'C6 H13 N O2'      131.173 
LYS 'L-peptide linking' y LYSINE                            ?    'C6 H15 N2 O2 1'   147.195 
MET 'L-peptide linking' y METHIONINE                        ?    'C5 H11 N O2 S'    149.211 
PHE 'L-peptide linking' y PHENYLALANINE                     ?    'C9 H11 N O2'      165.189 
PRO 'L-peptide linking' y PROLINE                           ?    'C5 H9 N O2'       115.130 
SER 'L-peptide linking' y SERINE                            ?    'C3 H7 N O3'       105.093 
THR 'L-peptide linking' y THREONINE                         ?    'C4 H9 N O3'       119.119 
TRP 'L-peptide linking' y TRYPTOPHAN                        ?    'C11 H12 N2 O2'    204.225 
TYR 'L-peptide linking' y TYROSINE                          ?    'C9 H11 N O3'      181.189 
VAL 'L-peptide linking' y VALINE                            ?    'C5 H11 N O2'      117.146 
# 
loop_
_pdbx_poly_seq_scheme.asym_id 
_pdbx_poly_seq_scheme.entity_id 
_pdbx_poly_seq_scheme.seq_id 
_pdbx_poly_seq_scheme.mon_id 
_pdbx_poly_seq_scheme.ndb_seq_num 
_pdbx_poly_seq_scheme.pdb_seq_num 
_pdbx_poly_seq_scheme.auth_seq_num 
_pdbx_poly_seq_scheme.pdb_mon_id 
_pdbx_poly_seq_scheme.auth_mon_id 
_pdbx_poly_seq_scheme.pdb_strand_id 
_pdbx_poly_seq_scheme.pdb_ins_code 
_pdbx_poly_seq_scheme.hetero 
A 1 1   MET 1   140 ?   ?   ?   A . n 
A 1 2   ARG 2   141 ?   ?   ?   A . n 
A 1 3   GLU 3   142 ?   ?   ?   A . n 
A 1 4   THR 4   143 ?   ?   ?   A . n 
A 1 5   HIS 5   144 ?   ?   ?   A . n 
A 1 6   LEU 6   145 ?   ?   ?   A . n 
A 1 7   ARG 7   146 ?   ?   ?   A . n 
A 1 8   SER 8   147 ?   ?   ?   A . n 
A 1 9   ILE 9   148 ?   ?   ?   A . n 
A 1 10  LEU 10  149 ?   ?   ?   A . n 
A 1 11  HIS 11  150 ?   ?   ?   A . n 
A 1 12  THR 12  151 ?   ?   ?   A . n 
A 1 13  ILE 13  152 ?   ?   ?   A . n 
A 1 14  PRO 14  153 153 PRO PRO A . n 
A 1 15  ASP 15  154 154 ASP ASP A . n 
A 1 16  ALA 16  155 155 ALA ALA A . n 
A 1 17  MET 17  156 156 MET MET A . n 
A 1 18  ILE 18  157 157 ILE ILE A . n 
A 1 19  VAL 19  158 158 VAL VAL A . n 
A 1 20  ILE 20  159 159 ILE ILE A . n 
A 1 21  ASP 21  160 160 ASP ASP A . n 
A 1 22  GLY 22  161 161 GLY GLY A . n 
A 1 23  HIS 23  162 162 HIS HIS A . n 
A 1 24  GLY 24  163 163 GLY GLY A . n 
A 1 25  ILE 25  164 164 ILE ILE A . n 
A 1 26  ILE 26  165 165 ILE ILE A . n 
A 1 27  GLN 27  166 166 GLN GLN A . n 
A 1 28  LEU 28  167 167 LEU LEU A . n 
A 1 29  PHE 29  168 168 PHE PHE A . n 
A 1 30  SER 30  169 169 SER SER A . n 
A 1 31  THR 31  170 170 THR THR A . n 
A 1 32  ALA 32  171 171 ALA ALA A . n 
A 1 33  ALA 33  172 172 ALA ALA A . n 
A 1 34  GLU 34  173 173 GLU GLU A . n 
A 1 35  ARG 35  174 174 ARG ARG A . n 
A 1 36  LEU 36  175 175 LEU LEU A . n 
A 1 37  PHE 37  176 176 PHE PHE A . n 
A 1 38  GLY 38  177 177 GLY GLY A . n 
A 1 39  TRP 39  178 178 TRP TRP A . n 
A 1 40  SER 40  179 179 SER SER A . n 
A 1 41  GLU 41  180 180 GLU GLU A . n 
A 1 42  LEU 42  181 181 LEU LEU A . n 
A 1 43  GLU 43  182 182 GLU GLU A . n 
A 1 44  ALA 44  183 183 ALA ALA A . n 
A 1 45  ILE 45  184 184 ILE ILE A . n 
A 1 46  GLY 46  185 185 GLY GLY A . n 
A 1 47  GLN 47  186 186 GLN GLN A . n 
A 1 48  ASN 48  187 187 ASN ASN A . n 
A 1 49  VAL 49  188 188 VAL VAL A . n 
A 1 50  ASN 50  189 189 ASN ASN A . n 
A 1 51  ILE 51  190 190 ILE ILE A . n 
A 1 52  LEU 52  191 191 LEU LEU A . n 
A 1 53  MET 53  192 192 MET MET A . n 
A 1 54  PRO 54  193 193 PRO PRO A . n 
A 1 55  GLU 55  194 194 GLU GLU A . n 
A 1 56  PRO 56  195 195 PRO PRO A . n 
A 1 57  ASP 57  196 196 ASP ASP A . n 
A 1 58  ARG 58  197 197 ARG ARG A . n 
A 1 59  SER 59  198 198 SER SER A . n 
A 1 60  ARG 60  199 199 ARG ARG A . n 
A 1 61  HIS 61  200 200 HIS HIS A . n 
A 1 62  ASP 62  201 201 ASP ASP A . n 
A 1 63  SER 63  202 202 SER SER A . n 
A 1 64  TYR 64  203 203 TYR TYR A . n 
A 1 65  ILE 65  204 204 ILE ILE A . n 
A 1 66  SER 66  205 205 SER SER A . n 
A 1 67  ARG 67  206 206 ARG ARG A . n 
A 1 68  TYR 68  207 207 TYR TYR A . n 
A 1 69  ARG 69  208 208 ARG ARG A . n 
A 1 70  THR 70  209 209 THR THR A . n 
A 1 71  THR 71  210 210 THR THR A . n 
A 1 72  SER 72  211 211 SER SER A . n 
A 1 73  ASP 73  212 212 ASP ASP A . n 
A 1 74  PRO 74  213 213 PRO PRO A . n 
A 1 75  HIS 75  214 214 HIS HIS A . n 
A 1 76  ILE 76  215 215 ILE ILE A . n 
A 1 77  ILE 77  216 216 ILE ILE A . n 
A 1 78  GLY 78  217 217 GLY GLY A . n 
A 1 79  ILE 79  218 218 ILE ILE A . n 
A 1 80  GLY 80  219 219 GLY GLY A . n 
A 1 81  ARG 81  220 220 ARG ARG A . n 
A 1 82  ILE 82  221 221 ILE ILE A . n 
A 1 83  VAL 83  222 222 VAL VAL A . n 
A 1 84  THR 84  223 223 THR THR A . n 
A 1 85  GLY 85  224 224 GLY GLY A . n 
A 1 86  LYS 86  225 225 LYS LYS A . n 
A 1 87  ARG 87  226 226 ARG ARG A . n 
A 1 88  ARG 88  227 227 ARG ARG A . n 
A 1 89  ASP 89  228 228 ASP ASP A . n 
A 1 90  GLY 90  229 229 GLY GLY A . n 
A 1 91  THR 91  230 230 THR THR A . n 
A 1 92  THR 92  231 231 THR THR A . n 
A 1 93  PHE 93  232 232 PHE PHE A . n 
A 1 94  PRO 94  233 233 PRO PRO A . n 
A 1 95  MET 95  234 234 MET MET A . n 
A 1 96  HIS 96  235 235 HIS HIS A . n 
A 1 97  LEU 97  236 236 LEU LEU A . n 
A 1 98  SER 98  237 237 SER SER A . n 
A 1 99  ILE 99  238 238 ILE ILE A . n 
A 1 100 GLY 100 239 239 GLY GLY A . n 
A 1 101 GLU 101 240 240 GLU GLU A . n 
A 1 102 MET 102 241 241 MET MET A . n 
A 1 103 GLN 103 242 242 GLN GLN A . n 
A 1 104 SER 104 243 243 SER SER A . n 
A 1 105 GLY 105 244 244 GLY GLY A . n 
A 1 106 GLY 106 245 245 GLY GLY A . n 
A 1 107 GLU 107 246 246 GLU GLU A . n 
A 1 108 PRO 108 247 247 PRO PRO A . n 
A 1 109 TYR 109 248 248 TYR TYR A . n 
A 1 110 PHE 110 249 249 PHE PHE A . n 
A 1 111 THR 111 250 250 THR THR A . n 
A 1 112 GLY 112 251 251 GLY GLY A . n 
A 1 113 PHE 113 252 252 PHE PHE A . n 
A 1 114 VAL 114 253 253 VAL VAL A . n 
A 1 115 ARG 115 254 254 ARG ALA A . n 
A 1 116 ASP 116 255 255 ASP ASP A . n 
A 1 117 LEU 117 256 256 LEU LEU A . n 
A 1 118 THR 118 257 257 THR THR A . n 
A 1 119 GLU 119 258 258 GLU GLU A . n 
A 1 120 HIS 120 259 259 HIS HIS A . n 
A 1 121 GLN 121 260 260 GLN GLN A . n 
A 1 122 GLN 122 261 261 GLN GLN A . n 
A 1 123 THR 123 262 262 THR THR A . n 
A 1 124 GLN 124 263 263 GLN GLN A . n 
A 1 125 ALA 125 264 264 ALA ALA A . n 
A 1 126 ARG 126 265 265 ARG ARG A . n 
A 1 127 LEU 127 266 266 LEU LEU A . n 
A 1 128 GLN 128 267 267 GLN GLN A . n 
A 1 129 GLU 129 268 268 GLU GLU A . n 
A 1 130 LEU 130 269 269 LEU LEU A . n 
A 1 131 GLN 131 270 ?   ?   ?   A . n 
# 
loop_
_pdbx_nonpoly_scheme.asym_id 
_pdbx_nonpoly_scheme.entity_id 
_pdbx_nonpoly_scheme.mon_id 
_pdbx_nonpoly_scheme.ndb_seq_num 
_pdbx_nonpoly_scheme.pdb_seq_num 
_pdbx_nonpoly_scheme.auth_seq_num 
_pdbx_nonpoly_scheme.pdb_mon_id 
_pdbx_nonpoly_scheme.auth_mon_id 
_pdbx_nonpoly_scheme.pdb_strand_id 
_pdbx_nonpoly_scheme.pdb_ins_code 
B 2 CYN 1  500 500 CYN CN  A . 
C 3 HEM 1  719 719 HEM HEM A . 
D 4 HOH 1  1   1   HOH TIP A . 
D 4 HOH 2  2   2   HOH TIP A . 
D 4 HOH 3  4   4   HOH TIP A . 
D 4 HOH 4  5   5   HOH TIP A . 
D 4 HOH 5  6   6   HOH TIP A . 
D 4 HOH 6  7   7   HOH TIP A . 
D 4 HOH 7  9   9   HOH TIP A . 
D 4 HOH 8  11  11  HOH TIP A . 
D 4 HOH 9  13  13  HOH TIP A . 
D 4 HOH 10 14  14  HOH TIP A . 
D 4 HOH 11 16  16  HOH TIP A . 
D 4 HOH 12 17  17  HOH TIP A . 
D 4 HOH 13 18  18  HOH TIP A . 
D 4 HOH 14 20  20  HOH TIP A . 
D 4 HOH 15 21  21  HOH TIP A . 
D 4 HOH 16 22  22  HOH TIP A . 
D 4 HOH 17 23  23  HOH TIP A . 
D 4 HOH 18 24  24  HOH TIP A . 
D 4 HOH 19 25  25  HOH TIP A . 
D 4 HOH 20 26  26  HOH TIP A . 
D 4 HOH 21 34  34  HOH TIP A . 
D 4 HOH 22 36  36  HOH TIP A . 
D 4 HOH 23 38  38  HOH TIP A . 
D 4 HOH 24 40  40  HOH TIP A . 
D 4 HOH 25 41  41  HOH TIP A . 
D 4 HOH 26 49  49  HOH TIP A . 
D 4 HOH 27 50  50  HOH TIP A . 
D 4 HOH 28 52  52  HOH TIP A . 
D 4 HOH 29 55  55  HOH TIP A . 
D 4 HOH 30 56  56  HOH TIP A . 
D 4 HOH 31 57  57  HOH TIP A . 
D 4 HOH 32 58  58  HOH TIP A . 
D 4 HOH 33 60  60  HOH TIP A . 
D 4 HOH 34 64  64  HOH TIP A . 
D 4 HOH 35 65  65  HOH TIP A . 
D 4 HOH 36 66  66  HOH TIP A . 
# 
loop_
_pdbx_unobs_or_zero_occ_atoms.id 
_pdbx_unobs_or_zero_occ_atoms.PDB_model_num 
_pdbx_unobs_or_zero_occ_atoms.polymer_flag 
_pdbx_unobs_or_zero_occ_atoms.occupancy_flag 
_pdbx_unobs_or_zero_occ_atoms.auth_asym_id 
_pdbx_unobs_or_zero_occ_atoms.auth_comp_id 
_pdbx_unobs_or_zero_occ_atoms.auth_seq_id 
_pdbx_unobs_or_zero_occ_atoms.PDB_ins_code 
_pdbx_unobs_or_zero_occ_atoms.auth_atom_id 
_pdbx_unobs_or_zero_occ_atoms.label_alt_id 
_pdbx_unobs_or_zero_occ_atoms.label_asym_id 
_pdbx_unobs_or_zero_occ_atoms.label_comp_id 
_pdbx_unobs_or_zero_occ_atoms.label_seq_id 
_pdbx_unobs_or_zero_occ_atoms.label_atom_id 
1 1 Y 1 A ARG 254 ? CG  ? A ARG 115 CG  
2 1 Y 1 A ARG 254 ? CD  ? A ARG 115 CD  
3 1 Y 1 A ARG 254 ? NE  ? A ARG 115 NE  
4 1 Y 1 A ARG 254 ? CZ  ? A ARG 115 CZ  
5 1 Y 1 A ARG 254 ? NH1 ? A ARG 115 NH1 
6 1 Y 1 A ARG 254 ? NH2 ? A ARG 115 NH2 
# 
loop_
_software.name 
_software.classification 
_software.version 
_software.citation_id 
_software.pdbx_ordinal 
DENZO     'data reduction' .     ? 1 
SCALEPACK 'data scaling'   .     ? 2 
X-PLOR    'model building' .     ? 3 
X-PLOR    refinement       3.851 ? 4 
X-PLOR    phasing          .     ? 5 
# 
_cell.entry_id           1LT0 
_cell.length_a           127.77 
_cell.length_b           127.77 
_cell.length_c           58.30 
_cell.angle_alpha        90.00 
_cell.angle_beta         90.00 
_cell.angle_gamma        120.00 
_cell.Z_PDB              18 
_cell.pdbx_unique_axis   ? 
# 
_symmetry.entry_id                         1LT0 
_symmetry.space_group_name_H-M             'H 3 2' 
_symmetry.pdbx_full_space_group_name_H-M   ? 
_symmetry.cell_setting                     ? 
_symmetry.Int_Tables_number                155 
# 
_exptl.entry_id          1LT0 
_exptl.method            'X-RAY DIFFRACTION' 
_exptl.crystals_number   1 
# 
_exptl_crystal.id                    1 
_exptl_crystal.density_meas          ? 
_exptl_crystal.density_percent_sol   59.91 
_exptl_crystal.density_Matthews      3.07 
_exptl_crystal.description           ? 
# 
_exptl_crystal_grow.crystal_id      1 
_exptl_crystal_grow.method          'VAPOR DIFFUSION, HANGING DROP' 
_exptl_crystal_grow.temp            277 
_exptl_crystal_grow.temp_details    ? 
_exptl_crystal_grow.pH              7.5 
_exptl_crystal_grow.pdbx_details    'SODIUM CHLORIDE, MPD, HEPES, pH 7.5, VAPOR DIFFUSION, HANGING DROP, temperature 277K' 
_exptl_crystal_grow.pdbx_pH_range   . 
# 
_diffrn.id                     1 
_diffrn.ambient_temp           100 
_diffrn.ambient_temp_details   ? 
_diffrn.crystal_id             1 
# 
_diffrn_detector.diffrn_id              1 
_diffrn_detector.detector               CCD 
_diffrn_detector.type                   'ADSC QUANTUM 4' 
_diffrn_detector.pdbx_collection_date   2000-05-28 
_diffrn_detector.details                mirrors 
# 
_diffrn_radiation.diffrn_id                        1 
_diffrn_radiation.wavelength_id                    1 
_diffrn_radiation.pdbx_monochromatic_or_laue_m_l   M 
_diffrn_radiation.monochromator                    GRAPHITE 
_diffrn_radiation.pdbx_diffrn_protocol             'SINGLE WAVELENGTH' 
_diffrn_radiation.pdbx_scattering_type             x-ray 
# 
_diffrn_radiation_wavelength.id           1 
_diffrn_radiation_wavelength.wavelength   1.0000 
_diffrn_radiation_wavelength.wt           1.0 
# 
_diffrn_source.diffrn_id                   1 
_diffrn_source.source                      SYNCHROTRON 
_diffrn_source.type                        'SSRL BEAMLINE BL9-2' 
_diffrn_source.pdbx_synchrotron_site       SSRL 
_diffrn_source.pdbx_synchrotron_beamline   BL9-2 
_diffrn_source.pdbx_wavelength             ? 
_diffrn_source.pdbx_wavelength_list        1.0000 
# 
_reflns.entry_id                     1LT0 
_reflns.observed_criterion_sigma_F   ? 
_reflns.observed_criterion_sigma_I   -3.0 
_reflns.d_resolution_high            2.7 
_reflns.d_resolution_low             20.0 
_reflns.number_all                   7182 
_reflns.number_obs                   7032 
_reflns.percent_possible_obs         96.9 
_reflns.pdbx_Rmerge_I_obs            0.032 
_reflns.pdbx_Rsym_value              0.032 
_reflns.pdbx_netI_over_sigmaI        24.3 
_reflns.B_iso_Wilson_estimate        ? 
_reflns.pdbx_redundancy              3.3 
_reflns.R_free_details               ? 
_reflns.limit_h_max                  ? 
_reflns.limit_h_min                  ? 
_reflns.limit_k_max                  ? 
_reflns.limit_k_min                  ? 
_reflns.limit_l_max                  ? 
_reflns.limit_l_min                  ? 
_reflns.observed_criterion_F_max     ? 
_reflns.observed_criterion_F_min     ? 
_reflns.pdbx_diffrn_id               1 
_reflns.pdbx_ordinal                 1 
# 
_reflns_shell.d_res_high             2.40 
_reflns_shell.d_res_low              2.48 
_reflns_shell.percent_possible_all   100.0 
_reflns_shell.Rmerge_I_obs           0.221 
_reflns_shell.pdbx_Rsym_value        0.221 
_reflns_shell.meanI_over_sigI_obs    7.0 
_reflns_shell.pdbx_redundancy        ? 
_reflns_shell.percent_possible_obs   ? 
_reflns_shell.number_unique_all      900 
_reflns_shell.pdbx_diffrn_id         ? 
_reflns_shell.pdbx_ordinal           1 
# 
_refine.entry_id                                 1LT0 
_refine.ls_d_res_high                            2.40 
_refine.ls_d_res_low                             20.0 
_refine.pdbx_ls_sigma_F                          0 
_refine.pdbx_ls_sigma_I                          0 
_refine.ls_number_reflns_all                     7182 
_refine.ls_number_reflns_obs                     7032 
_refine.ls_number_reflns_R_free                  591 
_refine.ls_percent_reflns_obs                    96.9 
_refine.ls_R_factor_all                          ? 
_refine.ls_R_factor_obs                          ? 
_refine.ls_R_factor_R_work                       0.226 
_refine.ls_R_factor_R_free                       0.268 
_refine.ls_redundancy_reflns_obs                 ? 
_refine.pdbx_data_cutoff_high_absF               ? 
_refine.pdbx_data_cutoff_low_absF                ? 
_refine.ls_number_parameters                     ? 
_refine.ls_number_restraints                     ? 
_refine.ls_percent_reflns_R_free                 ? 
_refine.ls_R_factor_R_free_error                 ? 
_refine.ls_R_factor_R_free_error_details         ? 
_refine.pdbx_method_to_determine_struct          'FOURIER SYNTHESIS' 
_refine.pdbx_starting_model                      'PDB ENTRY 1DRM' 
_refine.pdbx_ls_cross_valid_method               THROUGHOUT 
_refine.pdbx_R_Free_selection_details            RANDOM 
_refine.pdbx_stereochem_target_val_spec_case     ? 
_refine.pdbx_stereochemistry_target_values       'Engh & Huber' 
_refine.solvent_model_details                    ? 
_refine.solvent_model_param_bsol                 ? 
_refine.solvent_model_param_ksol                 ? 
_refine.occupancy_max                            ? 
_refine.occupancy_min                            ? 
_refine.pdbx_isotropic_thermal_model             Isotropic 
_refine.B_iso_mean                               18.8 
_refine.aniso_B[1][1]                            ? 
_refine.aniso_B[1][2]                            ? 
_refine.aniso_B[1][3]                            ? 
_refine.aniso_B[2][2]                            ? 
_refine.aniso_B[2][3]                            ? 
_refine.aniso_B[3][3]                            ? 
_refine.details                                  ? 
_refine.B_iso_min                                ? 
_refine.B_iso_max                                ? 
_refine.correlation_coeff_Fo_to_Fc               ? 
_refine.correlation_coeff_Fo_to_Fc_free          ? 
_refine.pdbx_solvent_vdw_probe_radii             ? 
_refine.pdbx_solvent_ion_probe_radii             ? 
_refine.pdbx_solvent_shrinkage_radii             ? 
_refine.overall_SU_R_Cruickshank_DPI             ? 
_refine.overall_SU_R_free                        ? 
_refine.overall_SU_B                             ? 
_refine.overall_SU_ML                            ? 
_refine.pdbx_overall_ESU_R                       ? 
_refine.pdbx_overall_ESU_R_Free                  ? 
_refine.pdbx_data_cutoff_high_rms_absF           ? 
_refine.pdbx_refine_id                           'X-RAY DIFFRACTION' 
_refine.pdbx_diffrn_id                           1 
_refine.pdbx_TLS_residual_ADP_flag               ? 
_refine.pdbx_overall_phase_error                 ? 
_refine.pdbx_overall_SU_R_free_Cruickshank_DPI   ? 
_refine.pdbx_overall_SU_R_Blow_DPI               ? 
_refine.pdbx_overall_SU_R_free_Blow_DPI          ? 
# 
_refine_hist.pdbx_refine_id                   'X-RAY DIFFRACTION' 
_refine_hist.cycle_id                         LAST 
_refine_hist.pdbx_number_atoms_protein        921 
_refine_hist.pdbx_number_atoms_nucleic_acid   0 
_refine_hist.pdbx_number_atoms_ligand         45 
_refine_hist.number_atoms_solvent             36 
_refine_hist.number_atoms_total               1002 
_refine_hist.d_res_high                       2.40 
_refine_hist.d_res_low                        20.0 
# 
loop_
_refine_ls_restr.type 
_refine_ls_restr.dev_ideal 
_refine_ls_restr.dev_ideal_target 
_refine_ls_restr.weight 
_refine_ls_restr.number 
_refine_ls_restr.pdbx_refine_id 
_refine_ls_restr.pdbx_restraint_function 
x_angle_deg 1.73  ? ? ? 'X-RAY DIFFRACTION' ? 
x_bond_d    0.016 ? ? ? 'X-RAY DIFFRACTION' ? 
# 
_refine_ls_shell.pdbx_total_number_of_bins_used   ? 
_refine_ls_shell.d_res_high                       2.40 
_refine_ls_shell.d_res_low                        2.51 
_refine_ls_shell.number_reflns_R_work             ? 
_refine_ls_shell.R_factor_R_work                  0.225 
_refine_ls_shell.percent_reflns_obs               100.0 
_refine_ls_shell.R_factor_R_free                  0.329 
_refine_ls_shell.R_factor_R_free_error            ? 
_refine_ls_shell.percent_reflns_R_free            ? 
_refine_ls_shell.number_reflns_R_free             66 
_refine_ls_shell.number_reflns_obs                879 
_refine_ls_shell.redundancy_reflns_obs            ? 
_refine_ls_shell.number_reflns_all                ? 
_refine_ls_shell.pdbx_refine_id                   'X-RAY DIFFRACTION' 
_refine_ls_shell.R_factor_all                     ? 
# 
_struct.entry_id                  1LT0 
_struct.title                     'Crystal structure of the CN-bound BjFixL heme domain' 
_struct.pdbx_model_details        ? 
_struct.pdbx_CASP_flag            ? 
_struct.pdbx_model_type_details   ? 
# 
_struct_keywords.entry_id        1LT0 
_struct_keywords.pdbx_keywords   TRANSFERASE 
_struct_keywords.text            'PAS fold, TRANSFERASE' 
# 
loop_
_struct_asym.id 
_struct_asym.pdbx_blank_PDB_chainid_flag 
_struct_asym.pdbx_modified 
_struct_asym.entity_id 
_struct_asym.details 
A N N 1 ? 
B N N 2 ? 
C N N 3 ? 
D N N 4 ? 
# 
_struct_ref.id                         1 
_struct_ref.db_name                    UNP 
_struct_ref.db_code                    FIXL_BRAJA 
_struct_ref.entity_id                  1 
_struct_ref.pdbx_seq_one_letter_code   
;RETHLRSILHTIPDAMIVIDGHGIIQLFSTAAERLFGWSELEAIGQNVNILMPEPDRSRHDSYISRYRTTSDPHIIGIGR
IVTGKRRDGTTFPMHLSIGEMQSGGEPYFTGFVRDLTEHQQTQARLQELQ
;
_struct_ref.pdbx_align_begin           141 
_struct_ref.pdbx_db_accession          P23222 
_struct_ref.pdbx_db_isoform            ? 
# 
_struct_ref_seq.align_id                      1 
_struct_ref_seq.ref_id                        1 
_struct_ref_seq.pdbx_PDB_id_code              1LT0 
_struct_ref_seq.pdbx_strand_id                A 
_struct_ref_seq.seq_align_beg                 2 
_struct_ref_seq.pdbx_seq_align_beg_ins_code   ? 
_struct_ref_seq.seq_align_end                 131 
_struct_ref_seq.pdbx_seq_align_end_ins_code   ? 
_struct_ref_seq.pdbx_db_accession             P23222 
_struct_ref_seq.db_align_beg                  141 
_struct_ref_seq.pdbx_db_align_beg_ins_code    ? 
_struct_ref_seq.db_align_end                  270 
_struct_ref_seq.pdbx_db_align_end_ins_code    ? 
_struct_ref_seq.pdbx_auth_seq_align_beg       141 
_struct_ref_seq.pdbx_auth_seq_align_end       270 
# 
_struct_ref_seq_dif.align_id                     1 
_struct_ref_seq_dif.pdbx_pdb_id_code             1LT0 
_struct_ref_seq_dif.mon_id                       MET 
_struct_ref_seq_dif.pdbx_pdb_strand_id           A 
_struct_ref_seq_dif.seq_num                      1 
_struct_ref_seq_dif.pdbx_pdb_ins_code            ? 
_struct_ref_seq_dif.pdbx_seq_db_name             UNP 
_struct_ref_seq_dif.pdbx_seq_db_accession_code   P23222 
_struct_ref_seq_dif.db_mon_id                    ? 
_struct_ref_seq_dif.pdbx_seq_db_seq_num          ? 
_struct_ref_seq_dif.details                      'initiating methionine' 
_struct_ref_seq_dif.pdbx_auth_seq_num            140 
_struct_ref_seq_dif.pdbx_ordinal                 1 
# 
_pdbx_struct_assembly.id                   1 
_pdbx_struct_assembly.details              author_defined_assembly 
_pdbx_struct_assembly.method_details       ? 
_pdbx_struct_assembly.oligomeric_details   monomeric 
_pdbx_struct_assembly.oligomeric_count     1 
# 
_pdbx_struct_assembly_gen.assembly_id       1 
_pdbx_struct_assembly_gen.oper_expression   1 
_pdbx_struct_assembly_gen.asym_id_list      A,B,C,D 
# 
_pdbx_struct_oper_list.id                   1 
_pdbx_struct_oper_list.type                 'identity operation' 
_pdbx_struct_oper_list.name                 1_555 
_pdbx_struct_oper_list.symmetry_operation   x,y,z 
_pdbx_struct_oper_list.matrix[1][1]         1.0000000000 
_pdbx_struct_oper_list.matrix[1][2]         0.0000000000 
_pdbx_struct_oper_list.matrix[1][3]         0.0000000000 
_pdbx_struct_oper_list.vector[1]            0.0000000000 
_pdbx_struct_oper_list.matrix[2][1]         0.0000000000 
_pdbx_struct_oper_list.matrix[2][2]         1.0000000000 
_pdbx_struct_oper_list.matrix[2][3]         0.0000000000 
_pdbx_struct_oper_list.vector[2]            0.0000000000 
_pdbx_struct_oper_list.matrix[3][1]         0.0000000000 
_pdbx_struct_oper_list.matrix[3][2]         0.0000000000 
_pdbx_struct_oper_list.matrix[3][3]         1.0000000000 
_pdbx_struct_oper_list.vector[3]            0.0000000000 
# 
loop_
_struct_conf.conf_type_id 
_struct_conf.id 
_struct_conf.pdbx_PDB_helix_id 
_struct_conf.beg_label_comp_id 
_struct_conf.beg_label_asym_id 
_struct_conf.beg_label_seq_id 
_struct_conf.pdbx_beg_PDB_ins_code 
_struct_conf.end_label_comp_id 
_struct_conf.end_label_asym_id 
_struct_conf.end_label_seq_id 
_struct_conf.pdbx_end_PDB_ins_code 
_struct_conf.beg_auth_comp_id 
_struct_conf.beg_auth_asym_id 
_struct_conf.beg_auth_seq_id 
_struct_conf.end_auth_comp_id 
_struct_conf.end_auth_asym_id 
_struct_conf.end_auth_seq_id 
_struct_conf.pdbx_PDB_helix_class 
_struct_conf.details 
_struct_conf.pdbx_PDB_helix_length 
HELX_P HELX_P1 1 SER A 30  ? GLY A 38  ? SER A 169 GLY A 177 1 ? 9  
HELX_P HELX_P2 2 SER A 40  ? ILE A 45  ? SER A 179 ILE A 184 1 ? 6  
HELX_P HELX_P3 3 ASN A 48  ? MET A 53  ? ASN A 187 MET A 192 5 ? 6  
HELX_P HELX_P4 4 PRO A 56  ? SER A 72  ? PRO A 195 SER A 211 1 ? 17 
HELX_P HELX_P5 5 LEU A 117 ? LEU A 130 ? LEU A 256 LEU A 269 1 ? 14 
# 
_struct_conf_type.id          HELX_P 
_struct_conf_type.criteria    ? 
_struct_conf_type.reference   ? 
# 
loop_
_struct_conn.id 
_struct_conn.conn_type_id 
_struct_conn.pdbx_leaving_atom_flag 
_struct_conn.pdbx_PDB_id 
_struct_conn.ptnr1_label_asym_id 
_struct_conn.ptnr1_label_comp_id 
_struct_conn.ptnr1_label_seq_id 
_struct_conn.ptnr1_label_atom_id 
_struct_conn.pdbx_ptnr1_label_alt_id 
_struct_conn.pdbx_ptnr1_PDB_ins_code 
_struct_conn.pdbx_ptnr1_standard_comp_id 
_struct_conn.ptnr1_symmetry 
_struct_conn.ptnr2_label_asym_id 
_struct_conn.ptnr2_label_comp_id 
_struct_conn.ptnr2_label_seq_id 
_struct_conn.ptnr2_label_atom_id 
_struct_conn.pdbx_ptnr2_label_alt_id 
_struct_conn.pdbx_ptnr2_PDB_ins_code 
_struct_conn.ptnr1_auth_asym_id 
_struct_conn.ptnr1_auth_comp_id 
_struct_conn.ptnr1_auth_seq_id 
_struct_conn.ptnr2_auth_asym_id 
_struct_conn.ptnr2_auth_comp_id 
_struct_conn.ptnr2_auth_seq_id 
_struct_conn.ptnr2_symmetry 
_struct_conn.pdbx_ptnr3_label_atom_id 
_struct_conn.pdbx_ptnr3_label_seq_id 
_struct_conn.pdbx_ptnr3_label_comp_id 
_struct_conn.pdbx_ptnr3_label_asym_id 
_struct_conn.pdbx_ptnr3_label_alt_id 
_struct_conn.pdbx_ptnr3_PDB_ins_code 
_struct_conn.details 
_struct_conn.pdbx_dist_value 
_struct_conn.pdbx_value_order 
_struct_conn.pdbx_role 
metalc1 metalc ? ? A HIS 61 NE2 ? ? ? 1_555 C HEM . FE ? ? A HIS 200 A HEM 719 1_555 ? ? ? ? ? ? ? 2.099 ? ? 
metalc2 metalc ? ? B CYN .  C   ? ? ? 1_555 C HEM . FE ? ? A CYN 500 A HEM 719 1_555 ? ? ? ? ? ? ? 1.989 ? ? 
metalc3 metalc ? ? B CYN .  N   ? ? ? 1_555 C HEM . FE ? ? A CYN 500 A HEM 719 1_555 ? ? ? ? ? ? ? 3.032 ? ? 
# 
_struct_conn_type.id          metalc 
_struct_conn_type.criteria    ? 
_struct_conn_type.reference   ? 
# 
loop_
_pdbx_struct_conn_angle.id 
_pdbx_struct_conn_angle.ptnr1_label_atom_id 
_pdbx_struct_conn_angle.ptnr1_label_alt_id 
_pdbx_struct_conn_angle.ptnr1_label_asym_id 
_pdbx_struct_conn_angle.ptnr1_label_comp_id 
_pdbx_struct_conn_angle.ptnr1_label_seq_id 
_pdbx_struct_conn_angle.ptnr1_auth_atom_id 
_pdbx_struct_conn_angle.ptnr1_auth_asym_id 
_pdbx_struct_conn_angle.ptnr1_auth_comp_id 
_pdbx_struct_conn_angle.ptnr1_auth_seq_id 
_pdbx_struct_conn_angle.ptnr1_PDB_ins_code 
_pdbx_struct_conn_angle.ptnr1_symmetry 
_pdbx_struct_conn_angle.ptnr2_label_atom_id 
_pdbx_struct_conn_angle.ptnr2_label_alt_id 
_pdbx_struct_conn_angle.ptnr2_label_asym_id 
_pdbx_struct_conn_angle.ptnr2_label_comp_id 
_pdbx_struct_conn_angle.ptnr2_label_seq_id 
_pdbx_struct_conn_angle.ptnr2_auth_atom_id 
_pdbx_struct_conn_angle.ptnr2_auth_asym_id 
_pdbx_struct_conn_angle.ptnr2_auth_comp_id 
_pdbx_struct_conn_angle.ptnr2_auth_seq_id 
_pdbx_struct_conn_angle.ptnr2_PDB_ins_code 
_pdbx_struct_conn_angle.ptnr2_symmetry 
_pdbx_struct_conn_angle.ptnr3_label_atom_id 
_pdbx_struct_conn_angle.ptnr3_label_alt_id 
_pdbx_struct_conn_angle.ptnr3_label_asym_id 
_pdbx_struct_conn_angle.ptnr3_label_comp_id 
_pdbx_struct_conn_angle.ptnr3_label_seq_id 
_pdbx_struct_conn_angle.ptnr3_auth_atom_id 
_pdbx_struct_conn_angle.ptnr3_auth_asym_id 
_pdbx_struct_conn_angle.ptnr3_auth_comp_id 
_pdbx_struct_conn_angle.ptnr3_auth_seq_id 
_pdbx_struct_conn_angle.ptnr3_PDB_ins_code 
_pdbx_struct_conn_angle.ptnr3_symmetry 
_pdbx_struct_conn_angle.value 
_pdbx_struct_conn_angle.value_esd 
1  NE2 ? A HIS 61 ? A HIS 200 ? 1_555 FE ? C HEM . ? A HEM 719 ? 1_555 NA ? C HEM . ? A HEM 719 ? 1_555 90.1  ? 
2  NE2 ? A HIS 61 ? A HIS 200 ? 1_555 FE ? C HEM . ? A HEM 719 ? 1_555 NB ? C HEM . ? A HEM 719 ? 1_555 92.6  ? 
3  NA  ? C HEM .  ? A HEM 719 ? 1_555 FE ? C HEM . ? A HEM 719 ? 1_555 NB ? C HEM . ? A HEM 719 ? 1_555 91.0  ? 
4  NE2 ? A HIS 61 ? A HIS 200 ? 1_555 FE ? C HEM . ? A HEM 719 ? 1_555 NC ? C HEM . ? A HEM 719 ? 1_555 92.6  ? 
5  NA  ? C HEM .  ? A HEM 719 ? 1_555 FE ? C HEM . ? A HEM 719 ? 1_555 NC ? C HEM . ? A HEM 719 ? 1_555 177.3 ? 
6  NB  ? C HEM .  ? A HEM 719 ? 1_555 FE ? C HEM . ? A HEM 719 ? 1_555 NC ? C HEM . ? A HEM 719 ? 1_555 88.9  ? 
7  NE2 ? A HIS 61 ? A HIS 200 ? 1_555 FE ? C HEM . ? A HEM 719 ? 1_555 ND ? C HEM . ? A HEM 719 ? 1_555 88.7  ? 
8  NA  ? C HEM .  ? A HEM 719 ? 1_555 FE ? C HEM . ? A HEM 719 ? 1_555 ND ? C HEM . ? A HEM 719 ? 1_555 90.7  ? 
9  NB  ? C HEM .  ? A HEM 719 ? 1_555 FE ? C HEM . ? A HEM 719 ? 1_555 ND ? C HEM . ? A HEM 719 ? 1_555 177.8 ? 
10 NC  ? C HEM .  ? A HEM 719 ? 1_555 FE ? C HEM . ? A HEM 719 ? 1_555 ND ? C HEM . ? A HEM 719 ? 1_555 89.4  ? 
11 NE2 ? A HIS 61 ? A HIS 200 ? 1_555 FE ? C HEM . ? A HEM 719 ? 1_555 C  ? B CYN . ? A CYN 500 ? 1_555 172.6 ? 
12 NA  ? C HEM .  ? A HEM 719 ? 1_555 FE ? C HEM . ? A HEM 719 ? 1_555 C  ? B CYN . ? A CYN 500 ? 1_555 82.9  ? 
13 NB  ? C HEM .  ? A HEM 719 ? 1_555 FE ? C HEM . ? A HEM 719 ? 1_555 C  ? B CYN . ? A CYN 500 ? 1_555 85.2  ? 
14 NC  ? C HEM .  ? A HEM 719 ? 1_555 FE ? C HEM . ? A HEM 719 ? 1_555 C  ? B CYN . ? A CYN 500 ? 1_555 94.4  ? 
15 ND  ? C HEM .  ? A HEM 719 ? 1_555 FE ? C HEM . ? A HEM 719 ? 1_555 C  ? B CYN . ? A CYN 500 ? 1_555 93.7  ? 
16 NE2 ? A HIS 61 ? A HIS 200 ? 1_555 FE ? C HEM . ? A HEM 719 ? 1_555 N  ? B CYN . ? A CYN 500 ? 1_555 174.4 ? 
17 NA  ? C HEM .  ? A HEM 719 ? 1_555 FE ? C HEM . ? A HEM 719 ? 1_555 N  ? B CYN . ? A CYN 500 ? 1_555 84.4  ? 
18 NB  ? C HEM .  ? A HEM 719 ? 1_555 FE ? C HEM . ? A HEM 719 ? 1_555 N  ? B CYN . ? A CYN 500 ? 1_555 86.2  ? 
19 NC  ? C HEM .  ? A HEM 719 ? 1_555 FE ? C HEM . ? A HEM 719 ? 1_555 N  ? B CYN . ? A CYN 500 ? 1_555 92.9  ? 
20 ND  ? C HEM .  ? A HEM 719 ? 1_555 FE ? C HEM . ? A HEM 719 ? 1_555 N  ? B CYN . ? A CYN 500 ? 1_555 92.7  ? 
21 C   ? B CYN .  ? A CYN 500 ? 1_555 FE ? C HEM . ? A HEM 719 ? 1_555 N  ? B CYN . ? A CYN 500 ? 1_555 1.8   ? 
# 
_struct_mon_prot_cis.pdbx_id                1 
_struct_mon_prot_cis.label_comp_id          GLU 
_struct_mon_prot_cis.label_seq_id           55 
_struct_mon_prot_cis.label_asym_id          A 
_struct_mon_prot_cis.label_alt_id           . 
_struct_mon_prot_cis.pdbx_PDB_ins_code      ? 
_struct_mon_prot_cis.auth_comp_id           GLU 
_struct_mon_prot_cis.auth_seq_id            194 
_struct_mon_prot_cis.auth_asym_id           A 
_struct_mon_prot_cis.pdbx_label_comp_id_2   PRO 
_struct_mon_prot_cis.pdbx_label_seq_id_2    56 
_struct_mon_prot_cis.pdbx_label_asym_id_2   A 
_struct_mon_prot_cis.pdbx_PDB_ins_code_2    ? 
_struct_mon_prot_cis.pdbx_auth_comp_id_2    PRO 
_struct_mon_prot_cis.pdbx_auth_seq_id_2     195 
_struct_mon_prot_cis.pdbx_auth_asym_id_2    A 
_struct_mon_prot_cis.pdbx_PDB_model_num     1 
_struct_mon_prot_cis.pdbx_omega_angle       -0.73 
# 
_struct_sheet.id               A 
_struct_sheet.type             ? 
_struct_sheet.number_strands   5 
_struct_sheet.details          ? 
# 
loop_
_struct_sheet_order.sheet_id 
_struct_sheet_order.range_id_1 
_struct_sheet_order.range_id_2 
_struct_sheet_order.offset 
_struct_sheet_order.sense 
A 1 2 ? anti-parallel 
A 2 3 ? anti-parallel 
A 3 4 ? anti-parallel 
A 4 5 ? anti-parallel 
# 
loop_
_struct_sheet_range.sheet_id 
_struct_sheet_range.id 
_struct_sheet_range.beg_label_comp_id 
_struct_sheet_range.beg_label_asym_id 
_struct_sheet_range.beg_label_seq_id 
_struct_sheet_range.pdbx_beg_PDB_ins_code 
_struct_sheet_range.end_label_comp_id 
_struct_sheet_range.end_label_asym_id 
_struct_sheet_range.end_label_seq_id 
_struct_sheet_range.pdbx_end_PDB_ins_code 
_struct_sheet_range.beg_auth_comp_id 
_struct_sheet_range.beg_auth_asym_id 
_struct_sheet_range.beg_auth_seq_id 
_struct_sheet_range.end_auth_comp_id 
_struct_sheet_range.end_auth_asym_id 
_struct_sheet_range.end_auth_seq_id 
A 1 ILE A 26  ? PHE A 29  ? ILE A 165 PHE A 168 
A 2 ALA A 16  ? ASP A 21  ? ALA A 155 ASP A 160 
A 3 GLU A 107 ? ASP A 116 ? GLU A 246 ASP A 255 
A 4 THR A 92  ? SER A 104 ? THR A 231 SER A 243 
A 5 ARG A 81  ? LYS A 86  ? ARG A 220 LYS A 225 
# 
loop_
_pdbx_struct_sheet_hbond.sheet_id 
_pdbx_struct_sheet_hbond.range_id_1 
_pdbx_struct_sheet_hbond.range_id_2 
_pdbx_struct_sheet_hbond.range_1_label_atom_id 
_pdbx_struct_sheet_hbond.range_1_label_comp_id 
_pdbx_struct_sheet_hbond.range_1_label_asym_id 
_pdbx_struct_sheet_hbond.range_1_label_seq_id 
_pdbx_struct_sheet_hbond.range_1_PDB_ins_code 
_pdbx_struct_sheet_hbond.range_1_auth_atom_id 
_pdbx_struct_sheet_hbond.range_1_auth_comp_id 
_pdbx_struct_sheet_hbond.range_1_auth_asym_id 
_pdbx_struct_sheet_hbond.range_1_auth_seq_id 
_pdbx_struct_sheet_hbond.range_2_label_atom_id 
_pdbx_struct_sheet_hbond.range_2_label_comp_id 
_pdbx_struct_sheet_hbond.range_2_label_asym_id 
_pdbx_struct_sheet_hbond.range_2_label_seq_id 
_pdbx_struct_sheet_hbond.range_2_PDB_ins_code 
_pdbx_struct_sheet_hbond.range_2_auth_atom_id 
_pdbx_struct_sheet_hbond.range_2_auth_comp_id 
_pdbx_struct_sheet_hbond.range_2_auth_asym_id 
_pdbx_struct_sheet_hbond.range_2_auth_seq_id 
A 1 2 O GLN A 27  ? O GLN A 166 N VAL A 19  ? N VAL A 158 
A 2 3 N ILE A 20  ? N ILE A 159 O PHE A 110 ? O PHE A 249 
A 3 4 O ARG A 115 ? O ARG A 254 N HIS A 96  ? N HIS A 235 
A 4 5 O LEU A 97  ? O LEU A 236 N ARG A 81  ? N ARG A 220 
# 
loop_
_struct_site.id 
_struct_site.pdbx_evidence_code 
_struct_site.pdbx_auth_asym_id 
_struct_site.pdbx_auth_comp_id 
_struct_site.pdbx_auth_seq_id 
_struct_site.pdbx_auth_ins_code 
_struct_site.pdbx_num_residues 
_struct_site.details 
AC1 Software A CYN 500 ? 5  'BINDING SITE FOR RESIDUE CYN A 500' 
AC2 Software A HEM 719 ? 21 'BINDING SITE FOR RESIDUE HEM A 719' 
# 
loop_
_struct_site_gen.id 
_struct_site_gen.site_id 
_struct_site_gen.pdbx_num_res 
_struct_site_gen.label_comp_id 
_struct_site_gen.label_asym_id 
_struct_site_gen.label_seq_id 
_struct_site_gen.pdbx_auth_ins_code 
_struct_site_gen.auth_comp_id 
_struct_site_gen.auth_asym_id 
_struct_site_gen.auth_seq_id 
_struct_site_gen.label_atom_id 
_struct_site_gen.label_alt_id 
_struct_site_gen.symmetry 
_struct_site_gen.details 
1  AC1 5  ILE A 76  ? ILE A 215 . ? 1_555 ? 
2  AC1 5  ARG A 81  ? ARG A 220 . ? 1_555 ? 
3  AC1 5  LEU A 97  ? LEU A 236 . ? 1_555 ? 
4  AC1 5  ILE A 99  ? ILE A 238 . ? 1_555 ? 
5  AC1 5  HEM C .   ? HEM A 719 . ? 1_555 ? 
6  AC2 21 HOH D .   ? HOH A 36  . ? 1_555 ? 
7  AC2 21 ILE A 18  ? ILE A 157 . ? 1_555 ? 
8  AC2 21 ILE A 20  ? ILE A 159 . ? 1_555 ? 
9  AC2 21 LEU A 52  ? LEU A 191 . ? 1_555 ? 
10 AC2 21 MET A 53  ? MET A 192 . ? 1_555 ? 
11 AC2 21 ASP A 57  ? ASP A 196 . ? 1_555 ? 
12 AC2 21 HIS A 61  ? HIS A 200 . ? 1_555 ? 
13 AC2 21 TYR A 64  ? TYR A 203 . ? 1_555 ? 
14 AC2 21 ARG A 67  ? ARG A 206 . ? 1_555 ? 
15 AC2 21 PRO A 74  ? PRO A 213 . ? 1_555 ? 
16 AC2 21 HIS A 75  ? HIS A 214 . ? 1_555 ? 
17 AC2 21 ILE A 76  ? ILE A 215 . ? 1_555 ? 
18 AC2 21 ILE A 77  ? ILE A 216 . ? 1_555 ? 
19 AC2 21 ARG A 81  ? ARG A 220 . ? 1_555 ? 
20 AC2 21 THR A 84  ? THR A 223 . ? 1_555 ? 
21 AC2 21 MET A 95  ? MET A 234 . ? 1_555 ? 
22 AC2 21 LEU A 97  ? LEU A 236 . ? 1_555 ? 
23 AC2 21 ILE A 99  ? ILE A 238 . ? 1_555 ? 
24 AC2 21 PHE A 110 ? PHE A 249 . ? 1_555 ? 
25 AC2 21 GLY A 112 ? GLY A 251 . ? 1_555 ? 
26 AC2 21 CYN B .   ? CYN A 500 . ? 1_555 ? 
# 
_pdbx_validate_torsion.id              1 
_pdbx_validate_torsion.PDB_model_num   1 
_pdbx_validate_torsion.auth_comp_id    ASP 
_pdbx_validate_torsion.auth_asym_id    A 
_pdbx_validate_torsion.auth_seq_id     154 
_pdbx_validate_torsion.PDB_ins_code    ? 
_pdbx_validate_torsion.label_alt_id    ? 
_pdbx_validate_torsion.phi             -71.20 
_pdbx_validate_torsion.psi             -153.21 
# 
loop_
_pdbx_unobs_or_zero_occ_residues.id 
_pdbx_unobs_or_zero_occ_residues.PDB_model_num 
_pdbx_unobs_or_zero_occ_residues.polymer_flag 
_pdbx_unobs_or_zero_occ_residues.occupancy_flag 
_pdbx_unobs_or_zero_occ_residues.auth_asym_id 
_pdbx_unobs_or_zero_occ_residues.auth_comp_id 
_pdbx_unobs_or_zero_occ_residues.auth_seq_id 
_pdbx_unobs_or_zero_occ_residues.PDB_ins_code 
_pdbx_unobs_or_zero_occ_residues.label_asym_id 
_pdbx_unobs_or_zero_occ_residues.label_comp_id 
_pdbx_unobs_or_zero_occ_residues.label_seq_id 
1  1 Y 1 A MET 140 ? A MET 1   
2  1 Y 1 A ARG 141 ? A ARG 2   
3  1 Y 1 A GLU 142 ? A GLU 3   
4  1 Y 1 A THR 143 ? A THR 4   
5  1 Y 1 A HIS 144 ? A HIS 5   
6  1 Y 1 A LEU 145 ? A LEU 6   
7  1 Y 1 A ARG 146 ? A ARG 7   
8  1 Y 1 A SER 147 ? A SER 8   
9  1 Y 1 A ILE 148 ? A ILE 9   
10 1 Y 1 A LEU 149 ? A LEU 10  
11 1 Y 1 A HIS 150 ? A HIS 11  
12 1 Y 1 A THR 151 ? A THR 12  
13 1 Y 1 A ILE 152 ? A ILE 13  
14 1 Y 1 A GLN 270 ? A GLN 131 
# 
loop_
_chem_comp_atom.comp_id 
_chem_comp_atom.atom_id 
_chem_comp_atom.type_symbol 
_chem_comp_atom.pdbx_aromatic_flag 
_chem_comp_atom.pdbx_stereo_config 
_chem_comp_atom.pdbx_ordinal 
ALA N    N  N N 1   
ALA CA   C  N S 2   
ALA C    C  N N 3   
ALA O    O  N N 4   
ALA CB   C  N N 5   
ALA OXT  O  N N 6   
ALA H    H  N N 7   
ALA H2   H  N N 8   
ALA HA   H  N N 9   
ALA HB1  H  N N 10  
ALA HB2  H  N N 11  
ALA HB3  H  N N 12  
ALA HXT  H  N N 13  
ARG N    N  N N 14  
ARG CA   C  N S 15  
ARG C    C  N N 16  
ARG O    O  N N 17  
ARG CB   C  N N 18  
ARG CG   C  N N 19  
ARG CD   C  N N 20  
ARG NE   N  N N 21  
ARG CZ   C  N N 22  
ARG NH1  N  N N 23  
ARG NH2  N  N N 24  
ARG OXT  O  N N 25  
ARG H    H  N N 26  
ARG H2   H  N N 27  
ARG HA   H  N N 28  
ARG HB2  H  N N 29  
ARG HB3  H  N N 30  
ARG HG2  H  N N 31  
ARG HG3  H  N N 32  
ARG HD2  H  N N 33  
ARG HD3  H  N N 34  
ARG HE   H  N N 35  
ARG HH11 H  N N 36  
ARG HH12 H  N N 37  
ARG HH21 H  N N 38  
ARG HH22 H  N N 39  
ARG HXT  H  N N 40  
ASN N    N  N N 41  
ASN CA   C  N S 42  
ASN C    C  N N 43  
ASN O    O  N N 44  
ASN CB   C  N N 45  
ASN CG   C  N N 46  
ASN OD1  O  N N 47  
ASN ND2  N  N N 48  
ASN OXT  O  N N 49  
ASN H    H  N N 50  
ASN H2   H  N N 51  
ASN HA   H  N N 52  
ASN HB2  H  N N 53  
ASN HB3  H  N N 54  
ASN HD21 H  N N 55  
ASN HD22 H  N N 56  
ASN HXT  H  N N 57  
ASP N    N  N N 58  
ASP CA   C  N S 59  
ASP C    C  N N 60  
ASP O    O  N N 61  
ASP CB   C  N N 62  
ASP CG   C  N N 63  
ASP OD1  O  N N 64  
ASP OD2  O  N N 65  
ASP OXT  O  N N 66  
ASP H    H  N N 67  
ASP H2   H  N N 68  
ASP HA   H  N N 69  
ASP HB2  H  N N 70  
ASP HB3  H  N N 71  
ASP HD2  H  N N 72  
ASP HXT  H  N N 73  
CYN C    C  N N 74  
CYN N    N  N N 75  
GLN N    N  N N 76  
GLN CA   C  N S 77  
GLN C    C  N N 78  
GLN O    O  N N 79  
GLN CB   C  N N 80  
GLN CG   C  N N 81  
GLN CD   C  N N 82  
GLN OE1  O  N N 83  
GLN NE2  N  N N 84  
GLN OXT  O  N N 85  
GLN H    H  N N 86  
GLN H2   H  N N 87  
GLN HA   H  N N 88  
GLN HB2  H  N N 89  
GLN HB3  H  N N 90  
GLN HG2  H  N N 91  
GLN HG3  H  N N 92  
GLN HE21 H  N N 93  
GLN HE22 H  N N 94  
GLN HXT  H  N N 95  
GLU N    N  N N 96  
GLU CA   C  N S 97  
GLU C    C  N N 98  
GLU O    O  N N 99  
GLU CB   C  N N 100 
GLU CG   C  N N 101 
GLU CD   C  N N 102 
GLU OE1  O  N N 103 
GLU OE2  O  N N 104 
GLU OXT  O  N N 105 
GLU H    H  N N 106 
GLU H2   H  N N 107 
GLU HA   H  N N 108 
GLU HB2  H  N N 109 
GLU HB3  H  N N 110 
GLU HG2  H  N N 111 
GLU HG3  H  N N 112 
GLU HE2  H  N N 113 
GLU HXT  H  N N 114 
GLY N    N  N N 115 
GLY CA   C  N N 116 
GLY C    C  N N 117 
GLY O    O  N N 118 
GLY OXT  O  N N 119 
GLY H    H  N N 120 
GLY H2   H  N N 121 
GLY HA2  H  N N 122 
GLY HA3  H  N N 123 
GLY HXT  H  N N 124 
HEM CHA  C  N N 125 
HEM CHB  C  N N 126 
HEM CHC  C  N N 127 
HEM CHD  C  N N 128 
HEM C1A  C  Y N 129 
HEM C2A  C  Y N 130 
HEM C3A  C  Y N 131 
HEM C4A  C  Y N 132 
HEM CMA  C  N N 133 
HEM CAA  C  N N 134 
HEM CBA  C  N N 135 
HEM CGA  C  N N 136 
HEM O1A  O  N N 137 
HEM O2A  O  N N 138 
HEM C1B  C  N N 139 
HEM C2B  C  N N 140 
HEM C3B  C  N N 141 
HEM C4B  C  N N 142 
HEM CMB  C  N N 143 
HEM CAB  C  N N 144 
HEM CBB  C  N N 145 
HEM C1C  C  Y N 146 
HEM C2C  C  Y N 147 
HEM C3C  C  Y N 148 
HEM C4C  C  Y N 149 
HEM CMC  C  N N 150 
HEM CAC  C  N N 151 
HEM CBC  C  N N 152 
HEM C1D  C  N N 153 
HEM C2D  C  N N 154 
HEM C3D  C  N N 155 
HEM C4D  C  N N 156 
HEM CMD  C  N N 157 
HEM CAD  C  N N 158 
HEM CBD  C  N N 159 
HEM CGD  C  N N 160 
HEM O1D  O  N N 161 
HEM O2D  O  N N 162 
HEM NA   N  Y N 163 
HEM NB   N  N N 164 
HEM NC   N  Y N 165 
HEM ND   N  N N 166 
HEM FE   FE N N 167 
HEM HHB  H  N N 168 
HEM HHC  H  N N 169 
HEM HHD  H  N N 170 
HEM HMA  H  N N 171 
HEM HMAA H  N N 172 
HEM HMAB H  N N 173 
HEM HAA  H  N N 174 
HEM HAAA H  N N 175 
HEM HBA  H  N N 176 
HEM HBAA H  N N 177 
HEM HMB  H  N N 178 
HEM HMBA H  N N 179 
HEM HMBB H  N N 180 
HEM HAB  H  N N 181 
HEM HBB  H  N N 182 
HEM HBBA H  N N 183 
HEM HMC  H  N N 184 
HEM HMCA H  N N 185 
HEM HMCB H  N N 186 
HEM HAC  H  N N 187 
HEM HBC  H  N N 188 
HEM HBCA H  N N 189 
HEM HMD  H  N N 190 
HEM HMDA H  N N 191 
HEM HMDB H  N N 192 
HEM HAD  H  N N 193 
HEM HADA H  N N 194 
HEM HBD  H  N N 195 
HEM HBDA H  N N 196 
HEM H2A  H  N N 197 
HEM H2D  H  N N 198 
HEM HHA  H  N N 199 
HIS N    N  N N 200 
HIS CA   C  N S 201 
HIS C    C  N N 202 
HIS O    O  N N 203 
HIS CB   C  N N 204 
HIS CG   C  Y N 205 
HIS ND1  N  Y N 206 
HIS CD2  C  Y N 207 
HIS CE1  C  Y N 208 
HIS NE2  N  Y N 209 
HIS OXT  O  N N 210 
HIS H    H  N N 211 
HIS H2   H  N N 212 
HIS HA   H  N N 213 
HIS HB2  H  N N 214 
HIS HB3  H  N N 215 
HIS HD1  H  N N 216 
HIS HD2  H  N N 217 
HIS HE1  H  N N 218 
HIS HE2  H  N N 219 
HIS HXT  H  N N 220 
HOH O    O  N N 221 
HOH H1   H  N N 222 
HOH H2   H  N N 223 
ILE N    N  N N 224 
ILE CA   C  N S 225 
ILE C    C  N N 226 
ILE O    O  N N 227 
ILE CB   C  N S 228 
ILE CG1  C  N N 229 
ILE CG2  C  N N 230 
ILE CD1  C  N N 231 
ILE OXT  O  N N 232 
ILE H    H  N N 233 
ILE H2   H  N N 234 
ILE HA   H  N N 235 
ILE HB   H  N N 236 
ILE HG12 H  N N 237 
ILE HG13 H  N N 238 
ILE HG21 H  N N 239 
ILE HG22 H  N N 240 
ILE HG23 H  N N 241 
ILE HD11 H  N N 242 
ILE HD12 H  N N 243 
ILE HD13 H  N N 244 
ILE HXT  H  N N 245 
LEU N    N  N N 246 
LEU CA   C  N S 247 
LEU C    C  N N 248 
LEU O    O  N N 249 
LEU CB   C  N N 250 
LEU CG   C  N N 251 
LEU CD1  C  N N 252 
LEU CD2  C  N N 253 
LEU OXT  O  N N 254 
LEU H    H  N N 255 
LEU H2   H  N N 256 
LEU HA   H  N N 257 
LEU HB2  H  N N 258 
LEU HB3  H  N N 259 
LEU HG   H  N N 260 
LEU HD11 H  N N 261 
LEU HD12 H  N N 262 
LEU HD13 H  N N 263 
LEU HD21 H  N N 264 
LEU HD22 H  N N 265 
LEU HD23 H  N N 266 
LEU HXT  H  N N 267 
LYS N    N  N N 268 
LYS CA   C  N S 269 
LYS C    C  N N 270 
LYS O    O  N N 271 
LYS CB   C  N N 272 
LYS CG   C  N N 273 
LYS CD   C  N N 274 
LYS CE   C  N N 275 
LYS NZ   N  N N 276 
LYS OXT  O  N N 277 
LYS H    H  N N 278 
LYS H2   H  N N 279 
LYS HA   H  N N 280 
LYS HB2  H  N N 281 
LYS HB3  H  N N 282 
LYS HG2  H  N N 283 
LYS HG3  H  N N 284 
LYS HD2  H  N N 285 
LYS HD3  H  N N 286 
LYS HE2  H  N N 287 
LYS HE3  H  N N 288 
LYS HZ1  H  N N 289 
LYS HZ2  H  N N 290 
LYS HZ3  H  N N 291 
LYS HXT  H  N N 292 
MET N    N  N N 293 
MET CA   C  N S 294 
MET C    C  N N 295 
MET O    O  N N 296 
MET CB   C  N N 297 
MET CG   C  N N 298 
MET SD   S  N N 299 
MET CE   C  N N 300 
MET OXT  O  N N 301 
MET H    H  N N 302 
MET H2   H  N N 303 
MET HA   H  N N 304 
MET HB2  H  N N 305 
MET HB3  H  N N 306 
MET HG2  H  N N 307 
MET HG3  H  N N 308 
MET HE1  H  N N 309 
MET HE2  H  N N 310 
MET HE3  H  N N 311 
MET HXT  H  N N 312 
PHE N    N  N N 313 
PHE CA   C  N S 314 
PHE C    C  N N 315 
PHE O    O  N N 316 
PHE CB   C  N N 317 
PHE CG   C  Y N 318 
PHE CD1  C  Y N 319 
PHE CD2  C  Y N 320 
PHE CE1  C  Y N 321 
PHE CE2  C  Y N 322 
PHE CZ   C  Y N 323 
PHE OXT  O  N N 324 
PHE H    H  N N 325 
PHE H2   H  N N 326 
PHE HA   H  N N 327 
PHE HB2  H  N N 328 
PHE HB3  H  N N 329 
PHE HD1  H  N N 330 
PHE HD2  H  N N 331 
PHE HE1  H  N N 332 
PHE HE2  H  N N 333 
PHE HZ   H  N N 334 
PHE HXT  H  N N 335 
PRO N    N  N N 336 
PRO CA   C  N S 337 
PRO C    C  N N 338 
PRO O    O  N N 339 
PRO CB   C  N N 340 
PRO CG   C  N N 341 
PRO CD   C  N N 342 
PRO OXT  O  N N 343 
PRO H    H  N N 344 
PRO HA   H  N N 345 
PRO HB2  H  N N 346 
PRO HB3  H  N N 347 
PRO HG2  H  N N 348 
PRO HG3  H  N N 349 
PRO HD2  H  N N 350 
PRO HD3  H  N N 351 
PRO HXT  H  N N 352 
SER N    N  N N 353 
SER CA   C  N S 354 
SER C    C  N N 355 
SER O    O  N N 356 
SER CB   C  N N 357 
SER OG   O  N N 358 
SER OXT  O  N N 359 
SER H    H  N N 360 
SER H2   H  N N 361 
SER HA   H  N N 362 
SER HB2  H  N N 363 
SER HB3  H  N N 364 
SER HG   H  N N 365 
SER HXT  H  N N 366 
THR N    N  N N 367 
THR CA   C  N S 368 
THR C    C  N N 369 
THR O    O  N N 370 
THR CB   C  N R 371 
THR OG1  O  N N 372 
THR CG2  C  N N 373 
THR OXT  O  N N 374 
THR H    H  N N 375 
THR H2   H  N N 376 
THR HA   H  N N 377 
THR HB   H  N N 378 
THR HG1  H  N N 379 
THR HG21 H  N N 380 
THR HG22 H  N N 381 
THR HG23 H  N N 382 
THR HXT  H  N N 383 
TRP N    N  N N 384 
TRP CA   C  N S 385 
TRP C    C  N N 386 
TRP O    O  N N 387 
TRP CB   C  N N 388 
TRP CG   C  Y N 389 
TRP CD1  C  Y N 390 
TRP CD2  C  Y N 391 
TRP NE1  N  Y N 392 
TRP CE2  C  Y N 393 
TRP CE3  C  Y N 394 
TRP CZ2  C  Y N 395 
TRP CZ3  C  Y N 396 
TRP CH2  C  Y N 397 
TRP OXT  O  N N 398 
TRP H    H  N N 399 
TRP H2   H  N N 400 
TRP HA   H  N N 401 
TRP HB2  H  N N 402 
TRP HB3  H  N N 403 
TRP HD1  H  N N 404 
TRP HE1  H  N N 405 
TRP HE3  H  N N 406 
TRP HZ2  H  N N 407 
TRP HZ3  H  N N 408 
TRP HH2  H  N N 409 
TRP HXT  H  N N 410 
TYR N    N  N N 411 
TYR CA   C  N S 412 
TYR C    C  N N 413 
TYR O    O  N N 414 
TYR CB   C  N N 415 
TYR CG   C  Y N 416 
TYR CD1  C  Y N 417 
TYR CD2  C  Y N 418 
TYR CE1  C  Y N 419 
TYR CE2  C  Y N 420 
TYR CZ   C  Y N 421 
TYR OH   O  N N 422 
TYR OXT  O  N N 423 
TYR H    H  N N 424 
TYR H2   H  N N 425 
TYR HA   H  N N 426 
TYR HB2  H  N N 427 
TYR HB3  H  N N 428 
TYR HD1  H  N N 429 
TYR HD2  H  N N 430 
TYR HE1  H  N N 431 
TYR HE2  H  N N 432 
TYR HH   H  N N 433 
TYR HXT  H  N N 434 
VAL N    N  N N 435 
VAL CA   C  N S 436 
VAL C    C  N N 437 
VAL O    O  N N 438 
VAL CB   C  N N 439 
VAL CG1  C  N N 440 
VAL CG2  C  N N 441 
VAL OXT  O  N N 442 
VAL H    H  N N 443 
VAL H2   H  N N 444 
VAL HA   H  N N 445 
VAL HB   H  N N 446 
VAL HG11 H  N N 447 
VAL HG12 H  N N 448 
VAL HG13 H  N N 449 
VAL HG21 H  N N 450 
VAL HG22 H  N N 451 
VAL HG23 H  N N 452 
VAL HXT  H  N N 453 
# 
loop_
_chem_comp_bond.comp_id 
_chem_comp_bond.atom_id_1 
_chem_comp_bond.atom_id_2 
_chem_comp_bond.value_order 
_chem_comp_bond.pdbx_aromatic_flag 
_chem_comp_bond.pdbx_stereo_config 
_chem_comp_bond.pdbx_ordinal 
ALA N   CA   sing N N 1   
ALA N   H    sing N N 2   
ALA N   H2   sing N N 3   
ALA CA  C    sing N N 4   
ALA CA  CB   sing N N 5   
ALA CA  HA   sing N N 6   
ALA C   O    doub N N 7   
ALA C   OXT  sing N N 8   
ALA CB  HB1  sing N N 9   
ALA CB  HB2  sing N N 10  
ALA CB  HB3  sing N N 11  
ALA OXT HXT  sing N N 12  
ARG N   CA   sing N N 13  
ARG N   H    sing N N 14  
ARG N   H2   sing N N 15  
ARG CA  C    sing N N 16  
ARG CA  CB   sing N N 17  
ARG CA  HA   sing N N 18  
ARG C   O    doub N N 19  
ARG C   OXT  sing N N 20  
ARG CB  CG   sing N N 21  
ARG CB  HB2  sing N N 22  
ARG CB  HB3  sing N N 23  
ARG CG  CD   sing N N 24  
ARG CG  HG2  sing N N 25  
ARG CG  HG3  sing N N 26  
ARG CD  NE   sing N N 27  
ARG CD  HD2  sing N N 28  
ARG CD  HD3  sing N N 29  
ARG NE  CZ   sing N N 30  
ARG NE  HE   sing N N 31  
ARG CZ  NH1  sing N N 32  
ARG CZ  NH2  doub N N 33  
ARG NH1 HH11 sing N N 34  
ARG NH1 HH12 sing N N 35  
ARG NH2 HH21 sing N N 36  
ARG NH2 HH22 sing N N 37  
ARG OXT HXT  sing N N 38  
ASN N   CA   sing N N 39  
ASN N   H    sing N N 40  
ASN N   H2   sing N N 41  
ASN CA  C    sing N N 42  
ASN CA  CB   sing N N 43  
ASN CA  HA   sing N N 44  
ASN C   O    doub N N 45  
ASN C   OXT  sing N N 46  
ASN CB  CG   sing N N 47  
ASN CB  HB2  sing N N 48  
ASN CB  HB3  sing N N 49  
ASN CG  OD1  doub N N 50  
ASN CG  ND2  sing N N 51  
ASN ND2 HD21 sing N N 52  
ASN ND2 HD22 sing N N 53  
ASN OXT HXT  sing N N 54  
ASP N   CA   sing N N 55  
ASP N   H    sing N N 56  
ASP N   H2   sing N N 57  
ASP CA  C    sing N N 58  
ASP CA  CB   sing N N 59  
ASP CA  HA   sing N N 60  
ASP C   O    doub N N 61  
ASP C   OXT  sing N N 62  
ASP CB  CG   sing N N 63  
ASP CB  HB2  sing N N 64  
ASP CB  HB3  sing N N 65  
ASP CG  OD1  doub N N 66  
ASP CG  OD2  sing N N 67  
ASP OD2 HD2  sing N N 68  
ASP OXT HXT  sing N N 69  
CYN C   N    trip N N 70  
GLN N   CA   sing N N 71  
GLN N   H    sing N N 72  
GLN N   H2   sing N N 73  
GLN CA  C    sing N N 74  
GLN CA  CB   sing N N 75  
GLN CA  HA   sing N N 76  
GLN C   O    doub N N 77  
GLN C   OXT  sing N N 78  
GLN CB  CG   sing N N 79  
GLN CB  HB2  sing N N 80  
GLN CB  HB3  sing N N 81  
GLN CG  CD   sing N N 82  
GLN CG  HG2  sing N N 83  
GLN CG  HG3  sing N N 84  
GLN CD  OE1  doub N N 85  
GLN CD  NE2  sing N N 86  
GLN NE2 HE21 sing N N 87  
GLN NE2 HE22 sing N N 88  
GLN OXT HXT  sing N N 89  
GLU N   CA   sing N N 90  
GLU N   H    sing N N 91  
GLU N   H2   sing N N 92  
GLU CA  C    sing N N 93  
GLU CA  CB   sing N N 94  
GLU CA  HA   sing N N 95  
GLU C   O    doub N N 96  
GLU C   OXT  sing N N 97  
GLU CB  CG   sing N N 98  
GLU CB  HB2  sing N N 99  
GLU CB  HB3  sing N N 100 
GLU CG  CD   sing N N 101 
GLU CG  HG2  sing N N 102 
GLU CG  HG3  sing N N 103 
GLU CD  OE1  doub N N 104 
GLU CD  OE2  sing N N 105 
GLU OE2 HE2  sing N N 106 
GLU OXT HXT  sing N N 107 
GLY N   CA   sing N N 108 
GLY N   H    sing N N 109 
GLY N   H2   sing N N 110 
GLY CA  C    sing N N 111 
GLY CA  HA2  sing N N 112 
GLY CA  HA3  sing N N 113 
GLY C   O    doub N N 114 
GLY C   OXT  sing N N 115 
GLY OXT HXT  sing N N 116 
HEM CHA C1A  sing N N 117 
HEM CHA C4D  doub N N 118 
HEM CHA HHA  sing N N 119 
HEM CHB C4A  sing N N 120 
HEM CHB C1B  doub N N 121 
HEM CHB HHB  sing N N 122 
HEM CHC C4B  sing N N 123 
HEM CHC C1C  doub N N 124 
HEM CHC HHC  sing N N 125 
HEM CHD C4C  doub N N 126 
HEM CHD C1D  sing N N 127 
HEM CHD HHD  sing N N 128 
HEM C1A C2A  doub Y N 129 
HEM C1A NA   sing Y N 130 
HEM C2A C3A  sing Y N 131 
HEM C2A CAA  sing N N 132 
HEM C3A C4A  doub Y N 133 
HEM C3A CMA  sing N N 134 
HEM C4A NA   sing Y N 135 
HEM CMA HMA  sing N N 136 
HEM CMA HMAA sing N N 137 
HEM CMA HMAB sing N N 138 
HEM CAA CBA  sing N N 139 
HEM CAA HAA  sing N N 140 
HEM CAA HAAA sing N N 141 
HEM CBA CGA  sing N N 142 
HEM CBA HBA  sing N N 143 
HEM CBA HBAA sing N N 144 
HEM CGA O1A  doub N N 145 
HEM CGA O2A  sing N N 146 
HEM C1B C2B  sing N N 147 
HEM C1B NB   sing N N 148 
HEM C2B C3B  doub N N 149 
HEM C2B CMB  sing N N 150 
HEM C3B C4B  sing N N 151 
HEM C3B CAB  sing N N 152 
HEM C4B NB   doub N N 153 
HEM CMB HMB  sing N N 154 
HEM CMB HMBA sing N N 155 
HEM CMB HMBB sing N N 156 
HEM CAB CBB  doub N N 157 
HEM CAB HAB  sing N N 158 
HEM CBB HBB  sing N N 159 
HEM CBB HBBA sing N N 160 
HEM C1C C2C  sing Y N 161 
HEM C1C NC   sing Y N 162 
HEM C2C C3C  doub Y N 163 
HEM C2C CMC  sing N N 164 
HEM C3C C4C  sing Y N 165 
HEM C3C CAC  sing N N 166 
HEM C4C NC   sing Y N 167 
HEM CMC HMC  sing N N 168 
HEM CMC HMCA sing N N 169 
HEM CMC HMCB sing N N 170 
HEM CAC CBC  doub N N 171 
HEM CAC HAC  sing N N 172 
HEM CBC HBC  sing N N 173 
HEM CBC HBCA sing N N 174 
HEM C1D C2D  sing N N 175 
HEM C1D ND   doub N N 176 
HEM C2D C3D  doub N N 177 
HEM C2D CMD  sing N N 178 
HEM C3D C4D  sing N N 179 
HEM C3D CAD  sing N N 180 
HEM C4D ND   sing N N 181 
HEM CMD HMD  sing N N 182 
HEM CMD HMDA sing N N 183 
HEM CMD HMDB sing N N 184 
HEM CAD CBD  sing N N 185 
HEM CAD HAD  sing N N 186 
HEM CAD HADA sing N N 187 
HEM CBD CGD  sing N N 188 
HEM CBD HBD  sing N N 189 
HEM CBD HBDA sing N N 190 
HEM CGD O1D  doub N N 191 
HEM CGD O2D  sing N N 192 
HEM O2A H2A  sing N N 193 
HEM O2D H2D  sing N N 194 
HEM FE  NA   sing N N 195 
HEM FE  NB   sing N N 196 
HEM FE  NC   sing N N 197 
HEM FE  ND   sing N N 198 
HIS N   CA   sing N N 199 
HIS N   H    sing N N 200 
HIS N   H2   sing N N 201 
HIS CA  C    sing N N 202 
HIS CA  CB   sing N N 203 
HIS CA  HA   sing N N 204 
HIS C   O    doub N N 205 
HIS C   OXT  sing N N 206 
HIS CB  CG   sing N N 207 
HIS CB  HB2  sing N N 208 
HIS CB  HB3  sing N N 209 
HIS CG  ND1  sing Y N 210 
HIS CG  CD2  doub Y N 211 
HIS ND1 CE1  doub Y N 212 
HIS ND1 HD1  sing N N 213 
HIS CD2 NE2  sing Y N 214 
HIS CD2 HD2  sing N N 215 
HIS CE1 NE2  sing Y N 216 
HIS CE1 HE1  sing N N 217 
HIS NE2 HE2  sing N N 218 
HIS OXT HXT  sing N N 219 
HOH O   H1   sing N N 220 
HOH O   H2   sing N N 221 
ILE N   CA   sing N N 222 
ILE N   H    sing N N 223 
ILE N   H2   sing N N 224 
ILE CA  C    sing N N 225 
ILE CA  CB   sing N N 226 
ILE CA  HA   sing N N 227 
ILE C   O    doub N N 228 
ILE C   OXT  sing N N 229 
ILE CB  CG1  sing N N 230 
ILE CB  CG2  sing N N 231 
ILE CB  HB   sing N N 232 
ILE CG1 CD1  sing N N 233 
ILE CG1 HG12 sing N N 234 
ILE CG1 HG13 sing N N 235 
ILE CG2 HG21 sing N N 236 
ILE CG2 HG22 sing N N 237 
ILE CG2 HG23 sing N N 238 
ILE CD1 HD11 sing N N 239 
ILE CD1 HD12 sing N N 240 
ILE CD1 HD13 sing N N 241 
ILE OXT HXT  sing N N 242 
LEU N   CA   sing N N 243 
LEU N   H    sing N N 244 
LEU N   H2   sing N N 245 
LEU CA  C    sing N N 246 
LEU CA  CB   sing N N 247 
LEU CA  HA   sing N N 248 
LEU C   O    doub N N 249 
LEU C   OXT  sing N N 250 
LEU CB  CG   sing N N 251 
LEU CB  HB2  sing N N 252 
LEU CB  HB3  sing N N 253 
LEU CG  CD1  sing N N 254 
LEU CG  CD2  sing N N 255 
LEU CG  HG   sing N N 256 
LEU CD1 HD11 sing N N 257 
LEU CD1 HD12 sing N N 258 
LEU CD1 HD13 sing N N 259 
LEU CD2 HD21 sing N N 260 
LEU CD2 HD22 sing N N 261 
LEU CD2 HD23 sing N N 262 
LEU OXT HXT  sing N N 263 
LYS N   CA   sing N N 264 
LYS N   H    sing N N 265 
LYS N   H2   sing N N 266 
LYS CA  C    sing N N 267 
LYS CA  CB   sing N N 268 
LYS CA  HA   sing N N 269 
LYS C   O    doub N N 270 
LYS C   OXT  sing N N 271 
LYS CB  CG   sing N N 272 
LYS CB  HB2  sing N N 273 
LYS CB  HB3  sing N N 274 
LYS CG  CD   sing N N 275 
LYS CG  HG2  sing N N 276 
LYS CG  HG3  sing N N 277 
LYS CD  CE   sing N N 278 
LYS CD  HD2  sing N N 279 
LYS CD  HD3  sing N N 280 
LYS CE  NZ   sing N N 281 
LYS CE  HE2  sing N N 282 
LYS CE  HE3  sing N N 283 
LYS NZ  HZ1  sing N N 284 
LYS NZ  HZ2  sing N N 285 
LYS NZ  HZ3  sing N N 286 
LYS OXT HXT  sing N N 287 
MET N   CA   sing N N 288 
MET N   H    sing N N 289 
MET N   H2   sing N N 290 
MET CA  C    sing N N 291 
MET CA  CB   sing N N 292 
MET CA  HA   sing N N 293 
MET C   O    doub N N 294 
MET C   OXT  sing N N 295 
MET CB  CG   sing N N 296 
MET CB  HB2  sing N N 297 
MET CB  HB3  sing N N 298 
MET CG  SD   sing N N 299 
MET CG  HG2  sing N N 300 
MET CG  HG3  sing N N 301 
MET SD  CE   sing N N 302 
MET CE  HE1  sing N N 303 
MET CE  HE2  sing N N 304 
MET CE  HE3  sing N N 305 
MET OXT HXT  sing N N 306 
PHE N   CA   sing N N 307 
PHE N   H    sing N N 308 
PHE N   H2   sing N N 309 
PHE CA  C    sing N N 310 
PHE CA  CB   sing N N 311 
PHE CA  HA   sing N N 312 
PHE C   O    doub N N 313 
PHE C   OXT  sing N N 314 
PHE CB  CG   sing N N 315 
PHE CB  HB2  sing N N 316 
PHE CB  HB3  sing N N 317 
PHE CG  CD1  doub Y N 318 
PHE CG  CD2  sing Y N 319 
PHE CD1 CE1  sing Y N 320 
PHE CD1 HD1  sing N N 321 
PHE CD2 CE2  doub Y N 322 
PHE CD2 HD2  sing N N 323 
PHE CE1 CZ   doub Y N 324 
PHE CE1 HE1  sing N N 325 
PHE CE2 CZ   sing Y N 326 
PHE CE2 HE2  sing N N 327 
PHE CZ  HZ   sing N N 328 
PHE OXT HXT  sing N N 329 
PRO N   CA   sing N N 330 
PRO N   CD   sing N N 331 
PRO N   H    sing N N 332 
PRO CA  C    sing N N 333 
PRO CA  CB   sing N N 334 
PRO CA  HA   sing N N 335 
PRO C   O    doub N N 336 
PRO C   OXT  sing N N 337 
PRO CB  CG   sing N N 338 
PRO CB  HB2  sing N N 339 
PRO CB  HB3  sing N N 340 
PRO CG  CD   sing N N 341 
PRO CG  HG2  sing N N 342 
PRO CG  HG3  sing N N 343 
PRO CD  HD2  sing N N 344 
PRO CD  HD3  sing N N 345 
PRO OXT HXT  sing N N 346 
SER N   CA   sing N N 347 
SER N   H    sing N N 348 
SER N   H2   sing N N 349 
SER CA  C    sing N N 350 
SER CA  CB   sing N N 351 
SER CA  HA   sing N N 352 
SER C   O    doub N N 353 
SER C   OXT  sing N N 354 
SER CB  OG   sing N N 355 
SER CB  HB2  sing N N 356 
SER CB  HB3  sing N N 357 
SER OG  HG   sing N N 358 
SER OXT HXT  sing N N 359 
THR N   CA   sing N N 360 
THR N   H    sing N N 361 
THR N   H2   sing N N 362 
THR CA  C    sing N N 363 
THR CA  CB   sing N N 364 
THR CA  HA   sing N N 365 
THR C   O    doub N N 366 
THR C   OXT  sing N N 367 
THR CB  OG1  sing N N 368 
THR CB  CG2  sing N N 369 
THR CB  HB   sing N N 370 
THR OG1 HG1  sing N N 371 
THR CG2 HG21 sing N N 372 
THR CG2 HG22 sing N N 373 
THR CG2 HG23 sing N N 374 
THR OXT HXT  sing N N 375 
TRP N   CA   sing N N 376 
TRP N   H    sing N N 377 
TRP N   H2   sing N N 378 
TRP CA  C    sing N N 379 
TRP CA  CB   sing N N 380 
TRP CA  HA   sing N N 381 
TRP C   O    doub N N 382 
TRP C   OXT  sing N N 383 
TRP CB  CG   sing N N 384 
TRP CB  HB2  sing N N 385 
TRP CB  HB3  sing N N 386 
TRP CG  CD1  doub Y N 387 
TRP CG  CD2  sing Y N 388 
TRP CD1 NE1  sing Y N 389 
TRP CD1 HD1  sing N N 390 
TRP CD2 CE2  doub Y N 391 
TRP CD2 CE3  sing Y N 392 
TRP NE1 CE2  sing Y N 393 
TRP NE1 HE1  sing N N 394 
TRP CE2 CZ2  sing Y N 395 
TRP CE3 CZ3  doub Y N 396 
TRP CE3 HE3  sing N N 397 
TRP CZ2 CH2  doub Y N 398 
TRP CZ2 HZ2  sing N N 399 
TRP CZ3 CH2  sing Y N 400 
TRP CZ3 HZ3  sing N N 401 
TRP CH2 HH2  sing N N 402 
TRP OXT HXT  sing N N 403 
TYR N   CA   sing N N 404 
TYR N   H    sing N N 405 
TYR N   H2   sing N N 406 
TYR CA  C    sing N N 407 
TYR CA  CB   sing N N 408 
TYR CA  HA   sing N N 409 
TYR C   O    doub N N 410 
TYR C   OXT  sing N N 411 
TYR CB  CG   sing N N 412 
TYR CB  HB2  sing N N 413 
TYR CB  HB3  sing N N 414 
TYR CG  CD1  doub Y N 415 
TYR CG  CD2  sing Y N 416 
TYR CD1 CE1  sing Y N 417 
TYR CD1 HD1  sing N N 418 
TYR CD2 CE2  doub Y N 419 
TYR CD2 HD2  sing N N 420 
TYR CE1 CZ   doub Y N 421 
TYR CE1 HE1  sing N N 422 
TYR CE2 CZ   sing Y N 423 
TYR CE2 HE2  sing N N 424 
TYR CZ  OH   sing N N 425 
TYR OH  HH   sing N N 426 
TYR OXT HXT  sing N N 427 
VAL N   CA   sing N N 428 
VAL N   H    sing N N 429 
VAL N   H2   sing N N 430 
VAL CA  C    sing N N 431 
VAL CA  CB   sing N N 432 
VAL CA  HA   sing N N 433 
VAL C   O    doub N N 434 
VAL C   OXT  sing N N 435 
VAL CB  CG1  sing N N 436 
VAL CB  CG2  sing N N 437 
VAL CB  HB   sing N N 438 
VAL CG1 HG11 sing N N 439 
VAL CG1 HG12 sing N N 440 
VAL CG1 HG13 sing N N 441 
VAL CG2 HG21 sing N N 442 
VAL CG2 HG22 sing N N 443 
VAL CG2 HG23 sing N N 444 
VAL OXT HXT  sing N N 445 
# 
_pdbx_initial_refinement_model.id               1 
_pdbx_initial_refinement_model.entity_id_list   ? 
_pdbx_initial_refinement_model.type             'experimental model' 
_pdbx_initial_refinement_model.source_name      PDB 
_pdbx_initial_refinement_model.accession_code   1DRM 
_pdbx_initial_refinement_model.details          'PDB ENTRY 1DRM' 
# 
_atom_sites.entry_id                    1LT0 
_atom_sites.fract_transf_matrix[1][1]   -0.00264057 
_atom_sites.fract_transf_matrix[1][2]   0.00589141 
_atom_sites.fract_transf_matrix[1][3]   0.00632471 
_atom_sites.fract_transf_matrix[2][1]   0.00430392 
_atom_sites.fract_transf_matrix[2][2]   0.00033786 
_atom_sites.fract_transf_matrix[2][3]   0.00793911 
_atom_sites.fract_transf_matrix[3][1]   0.01082438 
_atom_sites.fract_transf_matrix[3][2]   0.01168506 
_atom_sites.fract_transf_matrix[3][3]   -0.00636535 
_atom_sites.fract_transf_vector[1]      0.672950 
_atom_sites.fract_transf_vector[2]      0.515538 
_atom_sites.fract_transf_vector[3]      0.623106 
# 
loop_
_atom_type.symbol 
C  
FE 
N  
O  
S  
# 
loop_
_atom_site.group_PDB 
_atom_site.id 
_atom_site.type_symbol 
_atom_site.label_atom_id 
_atom_site.label_alt_id 
_atom_site.label_comp_id 
_atom_site.label_asym_id 
_atom_site.label_entity_id 
_atom_site.label_seq_id 
_atom_site.pdbx_PDB_ins_code 
_atom_site.Cartn_x 
_atom_site.Cartn_y 
_atom_site.Cartn_z 
_atom_site.occupancy 
_atom_site.B_iso_or_equiv 
_atom_site.pdbx_formal_charge 
_atom_site.auth_seq_id 
_atom_site.auth_comp_id 
_atom_site.auth_asym_id 
_atom_site.auth_atom_id 
_atom_site.pdbx_PDB_model_num 
ATOM   1    N  N   . PRO A 1 14  ? 4.019   13.983  -6.777  1.00 42.58 ? 153 PRO A N   1 
ATOM   2    C  CA  . PRO A 1 14  ? 4.403   13.732  -5.360  1.00 42.52 ? 153 PRO A CA  1 
ATOM   3    C  C   . PRO A 1 14  ? 3.258   13.217  -4.472  1.00 41.89 ? 153 PRO A C   1 
ATOM   4    O  O   . PRO A 1 14  ? 3.054   13.729  -3.366  1.00 43.00 ? 153 PRO A O   1 
ATOM   5    C  CB  . PRO A 1 14  ? 4.909   15.059  -4.825  1.00 42.57 ? 153 PRO A CB  1 
ATOM   6    C  CG  . PRO A 1 14  ? 4.035   16.012  -5.584  1.00 43.24 ? 153 PRO A CG  1 
ATOM   7    C  CD  . PRO A 1 14  ? 3.992   15.433  -7.020  1.00 43.88 ? 153 PRO A CD  1 
ATOM   8    N  N   . ASP A 1 15  ? 2.510   12.235  -4.974  1.00 38.84 ? 154 ASP A N   1 
ATOM   9    C  CA  . ASP A 1 15  ? 1.396   11.673  -4.215  1.00 35.13 ? 154 ASP A CA  1 
ATOM   10   C  C   . ASP A 1 15  ? 1.765   10.812  -3.003  1.00 29.84 ? 154 ASP A C   1 
ATOM   11   O  O   . ASP A 1 15  ? 2.774   11.068  -2.289  1.00 27.90 ? 154 ASP A O   1 
ATOM   12   C  CB  . ASP A 1 15  ? 0.382   10.970  -5.155  1.00 39.90 ? 154 ASP A CB  1 
ATOM   13   C  CG  . ASP A 1 15  ? 1.031   9.953   -6.104  1.00 44.22 ? 154 ASP A CG  1 
ATOM   14   O  OD1 . ASP A 1 15  ? 2.253   9.999   -6.355  1.00 48.97 ? 154 ASP A OD1 1 
ATOM   15   O  OD2 . ASP A 1 15  ? 0.294   9.086   -6.622  1.00 48.32 ? 154 ASP A OD2 1 
ATOM   16   N  N   . ALA A 1 16  ? 0.867   9.895   -2.674  1.00 24.61 ? 155 ALA A N   1 
ATOM   17   C  CA  . ALA A 1 16  ? 1.092   9.014   -1.557  1.00 19.93 ? 155 ALA A CA  1 
ATOM   18   C  C   . ALA A 1 16  ? 2.120   7.983   -2.017  1.00 14.09 ? 155 ALA A C   1 
ATOM   19   O  O   . ALA A 1 16  ? 1.908   7.312   -2.983  1.00 15.12 ? 155 ALA A O   1 
ATOM   20   C  CB  . ALA A 1 16  ? -0.225  8.355   -1.138  1.00 20.53 ? 155 ALA A CB  1 
ATOM   21   N  N   . MET A 1 17  ? 3.282   7.964   -1.393  1.00 12.74 ? 156 MET A N   1 
ATOM   22   C  CA  . MET A 1 17  ? 4.346   7.006   -1.723  1.00 11.08 ? 156 MET A CA  1 
ATOM   23   C  C   . MET A 1 17  ? 4.834   6.365   -0.413  1.00 8.17  ? 156 MET A C   1 
ATOM   24   O  O   . MET A 1 17  ? 4.973   7.039   0.576   1.00 9.51  ? 156 MET A O   1 
ATOM   25   C  CB  . MET A 1 17  ? 5.529   7.714   -2.388  1.00 11.70 ? 156 MET A CB  1 
ATOM   26   C  CG  . MET A 1 17  ? 6.783   6.803   -2.536  1.00 14.79 ? 156 MET A CG  1 
ATOM   27   S  SD  . MET A 1 17  ? 8.307   7.687   -2.847  1.00 29.68 ? 156 MET A SD  1 
ATOM   28   C  CE  . MET A 1 17  ? 8.871   7.960   -1.137  1.00 22.83 ? 156 MET A CE  1 
ATOM   29   N  N   . ILE A 1 18  ? 4.982   5.044   -0.402  1.00 6.72  ? 157 ILE A N   1 
ATOM   30   C  CA  . ILE A 1 18  ? 5.447   4.277   0.743   1.00 5.95  ? 157 ILE A CA  1 
ATOM   31   C  C   . ILE A 1 18  ? 6.570   3.414   0.202   1.00 5.57  ? 157 ILE A C   1 
ATOM   32   O  O   . ILE A 1 18  ? 6.440   2.837   -0.866  1.00 5.30  ? 157 ILE A O   1 
ATOM   33   C  CB  . ILE A 1 18  ? 4.309   3.266   1.306   1.00 6.59  ? 157 ILE A CB  1 
ATOM   34   C  CG1 . ILE A 1 18  ? 3.092   4.054   1.841   1.00 9.78  ? 157 ILE A CG1 1 
ATOM   35   C  CG2 . ILE A 1 18  ? 4.839   2.427   2.425   1.00 7.31  ? 157 ILE A CG2 1 
ATOM   36   C  CD1 . ILE A 1 18  ? 2.008   4.220   0.831   1.00 11.83 ? 157 ILE A CD1 1 
ATOM   37   N  N   . VAL A 1 19  ? 7.673   3.313   0.920   1.00 5.68  ? 158 VAL A N   1 
ATOM   38   C  CA  . VAL A 1 19  ? 8.758   2.433   0.491   1.00 6.83  ? 158 VAL A CA  1 
ATOM   39   C  C   . VAL A 1 19  ? 8.955   1.415   1.620   1.00 6.95  ? 158 VAL A C   1 
ATOM   40   O  O   . VAL A 1 19  ? 9.053   1.812   2.791   1.00 8.78  ? 158 VAL A O   1 
ATOM   41   C  CB  . VAL A 1 19  ? 10.099  3.212   0.329   1.00 5.16  ? 158 VAL A CB  1 
ATOM   42   C  CG1 . VAL A 1 19  ? 11.237  2.228   0.040   1.00 3.73  ? 158 VAL A CG1 1 
ATOM   43   C  CG2 . VAL A 1 19  ? 9.951   4.274   -0.803  1.00 3.87  ? 158 VAL A CG2 1 
ATOM   44   N  N   . ILE A 1 20  ? 9.097   0.149   1.268   1.00 6.47  ? 159 ILE A N   1 
ATOM   45   C  CA  . ILE A 1 20  ? 9.320   -0.902  2.266   1.00 9.76  ? 159 ILE A CA  1 
ATOM   46   C  C   . ILE A 1 20  ? 10.573  -1.701  1.940   1.00 9.09  ? 159 ILE A C   1 
ATOM   47   O  O   . ILE A 1 20  ? 10.994  -1.718  0.781   1.00 9.05  ? 159 ILE A O   1 
ATOM   48   C  CB  . ILE A 1 20  ? 8.152   -1.956  2.312   1.00 7.05  ? 159 ILE A CB  1 
ATOM   49   C  CG1 . ILE A 1 20  ? 8.047   -2.728  0.992   1.00 8.50  ? 159 ILE A CG1 1 
ATOM   50   C  CG2 . ILE A 1 20  ? 6.801   -1.297  2.684   1.00 8.86  ? 159 ILE A CG2 1 
ATOM   51   C  CD1 . ILE A 1 20  ? 6.842   -3.715  0.908   1.00 4.29  ? 159 ILE A CD1 1 
ATOM   52   N  N   . ASP A 1 21  ? 11.168  -2.345  2.947   1.00 9.34  ? 160 ASP A N   1 
ATOM   53   C  CA  . ASP A 1 21  ? 12.322  -3.227  2.699   1.00 10.69 ? 160 ASP A CA  1 
ATOM   54   C  C   . ASP A 1 21  ? 11.801  -4.610  2.247   1.00 12.29 ? 160 ASP A C   1 
ATOM   55   O  O   . ASP A 1 21  ? 10.581  -4.787  2.021   1.00 14.55 ? 160 ASP A O   1 
ATOM   56   C  CB  . ASP A 1 21  ? 13.247  -3.367  3.922   1.00 9.04  ? 160 ASP A CB  1 
ATOM   57   C  CG  . ASP A 1 21  ? 12.559  -3.977  5.175   1.00 16.93 ? 160 ASP A CG  1 
ATOM   58   O  OD1 . ASP A 1 21  ? 11.493  -4.630  5.092   1.00 17.54 ? 160 ASP A OD1 1 
ATOM   59   O  OD2 . ASP A 1 21  ? 13.108  -3.766  6.289   1.00 17.54 ? 160 ASP A OD2 1 
ATOM   60   N  N   . GLY A 1 22  ? 12.695  -5.602  2.184   1.00 14.82 ? 161 GLY A N   1 
ATOM   61   C  CA  . GLY A 1 22  ? 12.304  -6.938  1.794   1.00 14.71 ? 161 GLY A CA  1 
ATOM   62   C  C   . GLY A 1 22  ? 11.385  -7.666  2.767   1.00 19.00 ? 161 GLY A C   1 
ATOM   63   O  O   . GLY A 1 22  ? 10.759  -8.663  2.389   1.00 22.25 ? 161 GLY A O   1 
ATOM   64   N  N   . HIS A 1 23  ? 11.306  -7.211  4.016   1.00 19.34 ? 162 HIS A N   1 
ATOM   65   C  CA  . HIS A 1 23  ? 10.441  -7.858  5.014   1.00 19.63 ? 162 HIS A CA  1 
ATOM   66   C  C   . HIS A 1 23  ? 9.108   -7.140  5.233   1.00 18.84 ? 162 HIS A C   1 
ATOM   67   O  O   . HIS A 1 23  ? 8.302   -7.532  6.094   1.00 19.71 ? 162 HIS A O   1 
ATOM   68   C  CB  . HIS A 1 23  ? 11.184  -8.073  6.338   1.00 24.01 ? 162 HIS A CB  1 
ATOM   69   C  CG  . HIS A 1 23  ? 12.434  -8.889  6.188   1.00 29.21 ? 162 HIS A CG  1 
ATOM   70   N  ND1 . HIS A 1 23  ? 12.443  -10.137 5.589   1.00 33.09 ? 162 HIS A ND1 1 
ATOM   71   C  CD2 . HIS A 1 23  ? 13.723  -8.620  6.507   1.00 31.92 ? 162 HIS A CD2 1 
ATOM   72   C  CE1 . HIS A 1 23  ? 13.682  -10.598 5.545   1.00 30.86 ? 162 HIS A CE1 1 
ATOM   73   N  NE2 . HIS A 1 23  ? 14.478  -9.700  6.093   1.00 33.66 ? 162 HIS A NE2 1 
ATOM   74   N  N   . GLY A 1 24  ? 8.856   -6.124  4.405   1.00 15.80 ? 163 GLY A N   1 
ATOM   75   C  CA  . GLY A 1 24  ? 7.613   -5.401  4.485   1.00 10.05 ? 163 GLY A CA  1 
ATOM   76   C  C   . GLY A 1 24  ? 7.559   -4.297  5.500   1.00 9.02  ? 163 GLY A C   1 
ATOM   77   O  O   . GLY A 1 24  ? 6.485   -3.746  5.728   1.00 12.27 ? 163 GLY A O   1 
ATOM   78   N  N   . ILE A 1 25  ? 8.689   -3.952  6.097   1.00 9.13  ? 164 ILE A N   1 
ATOM   79   C  CA  . ILE A 1 25  ? 8.720   -2.878  7.103   1.00 7.70  ? 164 ILE A CA  1 
ATOM   80   C  C   . ILE A 1 25  ? 8.785   -1.536  6.376   1.00 6.89  ? 164 ILE A C   1 
ATOM   81   O  O   . ILE A 1 25  ? 9.608   -1.370  5.482   1.00 8.17  ? 164 ILE A O   1 
ATOM   82   C  CB  . ILE A 1 25  ? 9.954   -3.027  8.069   1.00 7.64  ? 164 ILE A CB  1 
ATOM   83   C  CG1 . ILE A 1 25  ? 9.925   -4.375  8.795   1.00 9.96  ? 164 ILE A CG1 1 
ATOM   84   C  CG2 . ILE A 1 25  ? 10.029  -1.852  9.032   1.00 4.56  ? 164 ILE A CG2 1 
ATOM   85   C  CD1 . ILE A 1 25  ? 8.598   -4.662  9.580   1.00 12.18 ? 164 ILE A CD1 1 
ATOM   86   N  N   . ILE A 1 26  ? 7.923   -0.596  6.748   1.00 7.98  ? 165 ILE A N   1 
ATOM   87   C  CA  . ILE A 1 26  ? 7.875   0.746   6.117   1.00 6.77  ? 165 ILE A CA  1 
ATOM   88   C  C   . ILE A 1 26  ? 9.191   1.464   6.415   1.00 6.11  ? 165 ILE A C   1 
ATOM   89   O  O   . ILE A 1 26  ? 9.551   1.576   7.576   1.00 5.09  ? 165 ILE A O   1 
ATOM   90   C  CB  . ILE A 1 26  ? 6.664   1.604   6.674   1.00 5.44  ? 165 ILE A CB  1 
ATOM   91   C  CG1 . ILE A 1 26  ? 5.317   0.906   6.404   1.00 2.00  ? 165 ILE A CG1 1 
ATOM   92   C  CG2 . ILE A 1 26  ? 6.705   3.033   6.156   1.00 5.49  ? 165 ILE A CG2 1 
ATOM   93   C  CD1 . ILE A 1 26  ? 4.051   1.746   6.767   1.00 2.00  ? 165 ILE A CD1 1 
ATOM   94   N  N   . GLN A 1 27  ? 9.867   1.957   5.361   1.00 9.11  ? 166 GLN A N   1 
ATOM   95   C  CA  . GLN A 1 27  ? 11.151  2.696   5.434   1.00 8.77  ? 166 GLN A CA  1 
ATOM   96   C  C   . GLN A 1 27  ? 10.941  4.238   5.255   1.00 9.31  ? 166 GLN A C   1 
ATOM   97   O  O   . GLN A 1 27  ? 11.495  5.040   6.000   1.00 13.05 ? 166 GLN A O   1 
ATOM   98   C  CB  . GLN A 1 27  ? 12.112  2.241   4.322   1.00 8.90  ? 166 GLN A CB  1 
ATOM   99   C  CG  . GLN A 1 27  ? 12.570  0.757   4.345   1.00 12.00 ? 166 GLN A CG  1 
ATOM   100  C  CD  . GLN A 1 27  ? 13.118  0.339   5.702   1.00 14.40 ? 166 GLN A CD  1 
ATOM   101  O  OE1 . GLN A 1 27  ? 14.020  0.972   6.238   1.00 13.40 ? 166 GLN A OE1 1 
ATOM   102  N  NE2 . GLN A 1 27  ? 12.524  -0.703  6.289   1.00 17.72 ? 166 GLN A NE2 1 
ATOM   103  N  N   . LEU A 1 28  ? 10.145  4.624   4.262   1.00 6.35  ? 167 LEU A N   1 
ATOM   104  C  CA  . LEU A 1 28  ? 9.845   6.018   3.965   1.00 5.46  ? 167 LEU A CA  1 
ATOM   105  C  C   . LEU A 1 28  ? 8.340   6.082   3.814   1.00 3.62  ? 167 LEU A C   1 
ATOM   106  O  O   . LEU A 1 28  ? 7.737   5.162   3.260   1.00 6.12  ? 167 LEU A O   1 
ATOM   107  C  CB  . LEU A 1 28  ? 10.565  6.455   2.639   1.00 7.01  ? 167 LEU A CB  1 
ATOM   108  C  CG  . LEU A 1 28  ? 12.102  6.431   2.664   1.00 5.73  ? 167 LEU A CG  1 
ATOM   109  C  CD1 . LEU A 1 28  ? 12.708  6.562   1.252   1.00 5.84  ? 167 LEU A CD1 1 
ATOM   110  C  CD2 . LEU A 1 28  ? 12.622  7.564   3.601   1.00 5.16  ? 167 LEU A CD2 1 
ATOM   111  N  N   . PHE A 1 29  ? 7.745   7.211   4.162   1.00 4.57  ? 168 PHE A N   1 
ATOM   112  C  CA  . PHE A 1 29  ? 6.297   7.367   4.105   1.00 6.70  ? 168 PHE A CA  1 
ATOM   113  C  C   . PHE A 1 29  ? 6.094   8.871   3.795   1.00 11.83 ? 168 PHE A C   1 
ATOM   114  O  O   . PHE A 1 29  ? 6.393   9.723   4.622   1.00 12.72 ? 168 PHE A O   1 
ATOM   115  C  CB  . PHE A 1 29  ? 5.744   7.034   5.508   1.00 3.78  ? 168 PHE A CB  1 
ATOM   116  C  CG  . PHE A 1 29  ? 4.258   6.715   5.554   1.00 3.25  ? 168 PHE A CG  1 
ATOM   117  C  CD1 . PHE A 1 29  ? 3.762   5.525   5.027   1.00 2.00  ? 168 PHE A CD1 1 
ATOM   118  C  CD2 . PHE A 1 29  ? 3.394   7.541   6.248   1.00 2.00  ? 168 PHE A CD2 1 
ATOM   119  C  CE1 . PHE A 1 29  ? 2.452   5.178   5.212   1.00 6.01  ? 168 PHE A CE1 1 
ATOM   120  C  CE2 . PHE A 1 29  ? 2.074   7.202   6.436   1.00 2.00  ? 168 PHE A CE2 1 
ATOM   121  C  CZ  . PHE A 1 29  ? 1.592   6.036   5.933   1.00 6.15  ? 168 PHE A CZ  1 
ATOM   122  N  N   . SER A 1 30  ? 5.567   9.193   2.614   1.00 11.05 ? 169 SER A N   1 
ATOM   123  C  CA  . SER A 1 30  ? 5.426   10.581  2.232   1.00 11.65 ? 169 SER A CA  1 
ATOM   124  C  C   . SER A 1 30  ? 4.368   11.297  3.042   1.00 13.66 ? 169 SER A C   1 
ATOM   125  O  O   . SER A 1 30  ? 3.545   10.666  3.719   1.00 15.58 ? 169 SER A O   1 
ATOM   126  C  CB  . SER A 1 30  ? 5.132   10.739  0.705   1.00 3.54  ? 169 SER A CB  1 
ATOM   127  O  OG  . SER A 1 30  ? 3.794   10.356  0.388   1.00 10.43 ? 169 SER A OG  1 
ATOM   128  N  N   . THR A 1 31  ? 4.445   12.623  2.991   1.00 13.26 ? 170 THR A N   1 
ATOM   129  C  CA  . THR A 1 31  ? 3.526   13.529  3.657   1.00 17.30 ? 170 THR A CA  1 
ATOM   130  C  C   . THR A 1 31  ? 2.097   13.237  3.223   1.00 16.39 ? 170 THR A C   1 
ATOM   131  O  O   . THR A 1 31  ? 1.202   13.213  4.023   1.00 21.52 ? 170 THR A O   1 
ATOM   132  C  CB  . THR A 1 31  ? 3.867   14.992  3.246   1.00 16.55 ? 170 THR A CB  1 
ATOM   133  O  OG1 . THR A 1 31  ? 5.220   15.275  3.589   1.00 16.47 ? 170 THR A OG1 1 
ATOM   134  C  CG2 . THR A 1 31  ? 2.969   15.966  3.897   1.00 16.17 ? 170 THR A CG2 1 
ATOM   135  N  N   . ALA A 1 32  ? 1.902   13.013  1.936   1.00 17.45 ? 171 ALA A N   1 
ATOM   136  C  CA  . ALA A 1 32  ? 0.589   12.696  1.382   1.00 16.56 ? 171 ALA A CA  1 
ATOM   137  C  C   . ALA A 1 32  ? 0.092   11.335  1.914   1.00 16.56 ? 171 ALA A C   1 
ATOM   138  O  O   . ALA A 1 32  ? -1.109  11.051  1.940   1.00 19.58 ? 171 ALA A O   1 
ATOM   139  C  CB  . ALA A 1 32  ? 0.687   12.654  -0.173  1.00 16.45 ? 171 ALA A CB  1 
ATOM   140  N  N   . ALA A 1 33  ? 1.026   10.441  2.194   1.00 16.97 ? 172 ALA A N   1 
ATOM   141  C  CA  . ALA A 1 33  ? 0.668   9.123   2.726   1.00 16.52 ? 172 ALA A CA  1 
ATOM   142  C  C   . ALA A 1 33  ? 0.195   9.294   4.176   1.00 16.49 ? 172 ALA A C   1 
ATOM   143  O  O   . ALA A 1 33  ? -0.685  8.580   4.632   1.00 13.16 ? 172 ALA A O   1 
ATOM   144  C  CB  . ALA A 1 33  ? 1.844   8.190   2.644   1.00 11.32 ? 172 ALA A CB  1 
ATOM   145  N  N   . GLU A 1 34  ? 0.740   10.295  4.857   1.00 18.12 ? 173 GLU A N   1 
ATOM   146  C  CA  . GLU A 1 34  ? 0.352   10.613  6.226   1.00 21.81 ? 173 GLU A CA  1 
ATOM   147  C  C   . GLU A 1 34  ? -1.085  11.126  6.199   1.00 23.19 ? 173 GLU A C   1 
ATOM   148  O  O   . GLU A 1 34  ? -1.920  10.724  6.996   1.00 22.67 ? 173 GLU A O   1 
ATOM   149  C  CB  . GLU A 1 34  ? 1.249   11.733  6.772   1.00 20.26 ? 173 GLU A CB  1 
ATOM   150  C  CG  . GLU A 1 34  ? 2.716   11.381  6.941   1.00 22.50 ? 173 GLU A CG  1 
ATOM   151  C  CD  . GLU A 1 34  ? 3.490   12.484  7.635   1.00 26.08 ? 173 GLU A CD  1 
ATOM   152  O  OE1 . GLU A 1 34  ? 4.512   12.199  8.277   1.00 32.31 ? 173 GLU A OE1 1 
ATOM   153  O  OE2 . GLU A 1 34  ? 3.070   13.652  7.563   1.00 32.73 ? 173 GLU A OE2 1 
ATOM   154  N  N   . ARG A 1 35  ? -1.352  12.054  5.286   1.00 25.97 ? 174 ARG A N   1 
ATOM   155  C  CA  . ARG A 1 35  ? -2.684  12.639  5.158   1.00 25.59 ? 174 ARG A CA  1 
ATOM   156  C  C   . ARG A 1 35  ? -3.688  11.608  4.730   1.00 22.40 ? 174 ARG A C   1 
ATOM   157  O  O   . ARG A 1 35  ? -4.838  11.630  5.154   1.00 23.26 ? 174 ARG A O   1 
ATOM   158  C  CB  . ARG A 1 35  ? -2.646  13.821  4.196   1.00 30.19 ? 174 ARG A CB  1 
ATOM   159  C  CG  . ARG A 1 35  ? -1.681  14.926  4.642   1.00 35.35 ? 174 ARG A CG  1 
ATOM   160  C  CD  . ARG A 1 35  ? -2.034  16.229  3.940   1.00 41.32 ? 174 ARG A CD  1 
ATOM   161  N  NE  . ARG A 1 35  ? -0.916  17.164  3.877   1.00 43.37 ? 174 ARG A NE  1 
ATOM   162  C  CZ  . ARG A 1 35  ? -0.646  17.912  2.810   1.00 46.81 ? 174 ARG A CZ  1 
ATOM   163  N  NH1 . ARG A 1 35  ? -1.419  17.833  1.733   1.00 46.53 ? 174 ARG A NH1 1 
ATOM   164  N  NH2 . ARG A 1 35  ? 0.396   18.732  2.811   1.00 47.71 ? 174 ARG A NH2 1 
ATOM   165  N  N   . LEU A 1 36  ? -3.256  10.648  3.935   1.00 19.43 ? 175 LEU A N   1 
ATOM   166  C  CA  . LEU A 1 36  ? -4.196  9.616   3.522   1.00 16.16 ? 175 LEU A CA  1 
ATOM   167  C  C   . LEU A 1 36  ? -4.402  8.496   4.552   1.00 16.01 ? 175 LEU A C   1 
ATOM   168  O  O   . LEU A 1 36  ? -5.538  8.009   4.765   1.00 15.32 ? 175 LEU A O   1 
ATOM   169  C  CB  . LEU A 1 36  ? -3.735  9.006   2.215   1.00 14.27 ? 175 LEU A CB  1 
ATOM   170  C  CG  . LEU A 1 36  ? -4.683  8.042   1.554   1.00 16.11 ? 175 LEU A CG  1 
ATOM   171  C  CD1 . LEU A 1 36  ? -5.931  8.834   1.066   1.00 21.19 ? 175 LEU A CD1 1 
ATOM   172  C  CD2 . LEU A 1 36  ? -3.973  7.402   0.379   1.00 20.42 ? 175 LEU A CD2 1 
ATOM   173  N  N   . PHE A 1 37  ? -3.317  8.049   5.180   1.00 11.89 ? 176 PHE A N   1 
ATOM   174  C  CA  . PHE A 1 37  ? -3.500  6.944   6.103   1.00 14.90 ? 176 PHE A CA  1 
ATOM   175  C  C   . PHE A 1 37  ? -3.706  7.349   7.565   1.00 14.80 ? 176 PHE A C   1 
ATOM   176  O  O   . PHE A 1 37  ? -4.234  6.582   8.365   1.00 12.21 ? 176 PHE A O   1 
ATOM   177  C  CB  . PHE A 1 37  ? -2.423  5.851   5.894   1.00 9.72  ? 176 PHE A CB  1 
ATOM   178  C  CG  . PHE A 1 37  ? -2.488  5.190   4.519   1.00 11.03 ? 176 PHE A CG  1 
ATOM   179  C  CD1 . PHE A 1 37  ? -3.316  4.117   4.291   1.00 11.60 ? 176 PHE A CD1 1 
ATOM   180  C  CD2 . PHE A 1 37  ? -1.662  5.626   3.477   1.00 12.64 ? 176 PHE A CD2 1 
ATOM   181  C  CE1 . PHE A 1 37  ? -3.342  3.448   3.054   1.00 15.53 ? 176 PHE A CE1 1 
ATOM   182  C  CE2 . PHE A 1 37  ? -1.664  4.988   2.244   1.00 15.58 ? 176 PHE A CE2 1 
ATOM   183  C  CZ  . PHE A 1 37  ? -2.511  3.877   2.020   1.00 16.92 ? 176 PHE A CZ  1 
ATOM   184  N  N   . GLY A 1 38  ? -3.394  8.595   7.876   1.00 16.82 ? 177 GLY A N   1 
ATOM   185  C  CA  . GLY A 1 38  ? -3.579  9.082   9.231   1.00 22.15 ? 177 GLY A CA  1 
ATOM   186  C  C   . GLY A 1 38  ? -2.395  8.847   10.167  1.00 24.19 ? 177 GLY A C   1 
ATOM   187  O  O   . GLY A 1 38  ? -2.436  9.299   11.311  1.00 27.01 ? 177 GLY A O   1 
ATOM   188  N  N   . TRP A 1 39  ? -1.360  8.151   9.686   1.00 22.83 ? 178 TRP A N   1 
ATOM   189  C  CA  . TRP A 1 39  ? -0.168  7.862   10.484  1.00 20.63 ? 178 TRP A CA  1 
ATOM   190  C  C   . TRP A 1 39  ? 0.905   8.879   10.177  1.00 20.46 ? 178 TRP A C   1 
ATOM   191  O  O   . TRP A 1 39  ? 1.073   9.303   9.030   1.00 25.06 ? 178 TRP A O   1 
ATOM   192  C  CB  . TRP A 1 39  ? 0.404   6.486   10.133  1.00 18.20 ? 178 TRP A CB  1 
ATOM   193  C  CG  . TRP A 1 39  ? -0.511  5.363   10.395  1.00 18.06 ? 178 TRP A CG  1 
ATOM   194  C  CD1 . TRP A 1 39  ? -1.355  4.775   9.499   1.00 17.93 ? 178 TRP A CD1 1 
ATOM   195  C  CD2 . TRP A 1 39  ? -0.667  4.646   11.632  1.00 18.50 ? 178 TRP A CD2 1 
ATOM   196  N  NE1 . TRP A 1 39  ? -2.024  3.733   10.096  1.00 17.50 ? 178 TRP A NE1 1 
ATOM   197  C  CE2 . TRP A 1 39  ? -1.631  3.635   11.400  1.00 19.49 ? 178 TRP A CE2 1 
ATOM   198  C  CE3 . TRP A 1 39  ? -0.094  4.775   12.910  1.00 18.73 ? 178 TRP A CE3 1 
ATOM   199  C  CZ2 . TRP A 1 39  ? -2.024  2.729   12.403  1.00 22.88 ? 178 TRP A CZ2 1 
ATOM   200  C  CZ3 . TRP A 1 39  ? -0.485  3.882   13.913  1.00 21.28 ? 178 TRP A CZ3 1 
ATOM   201  C  CH2 . TRP A 1 39  ? -1.445  2.870   13.654  1.00 23.66 ? 178 TRP A CH2 1 
ATOM   202  N  N   . SER A 1 40  ? 1.620   9.325   11.186  1.00 17.05 ? 179 SER A N   1 
ATOM   203  C  CA  . SER A 1 40  ? 2.697   10.246  10.883  1.00 15.22 ? 179 SER A CA  1 
ATOM   204  C  C   . SER A 1 40  ? 3.831   9.367   10.362  1.00 13.69 ? 179 SER A C   1 
ATOM   205  O  O   . SER A 1 40  ? 3.835   8.139   10.541  1.00 13.95 ? 179 SER A O   1 
ATOM   206  C  CB  . SER A 1 40  ? 3.141   11.036  12.118  1.00 11.41 ? 179 SER A CB  1 
ATOM   207  O  OG  . SER A 1 40  ? 4.030   10.262  12.890  1.00 14.68 ? 179 SER A OG  1 
ATOM   208  N  N   . GLU A 1 41  ? 4.809   9.984   9.723   1.00 13.95 ? 180 GLU A N   1 
ATOM   209  C  CA  . GLU A 1 41  ? 5.948   9.221   9.171   1.00 12.65 ? 180 GLU A CA  1 
ATOM   210  C  C   . GLU A 1 41  ? 6.719   8.517   10.279  1.00 8.75  ? 180 GLU A C   1 
ATOM   211  O  O   . GLU A 1 41  ? 7.171   7.400   10.107  1.00 12.93 ? 180 GLU A O   1 
ATOM   212  C  CB  . GLU A 1 41  ? 6.827   10.173  8.315   1.00 13.11 ? 180 GLU A CB  1 
ATOM   213  C  CG  . GLU A 1 41  ? 8.304   10.262  8.657   1.00 12.52 ? 180 GLU A CG  1 
ATOM   214  C  CD  . GLU A 1 41  ? 9.013   11.404  7.906   1.00 13.04 ? 180 GLU A CD  1 
ATOM   215  O  OE1 . GLU A 1 41  ? 9.289   12.453  8.528   1.00 11.99 ? 180 GLU A OE1 1 
ATOM   216  O  OE2 . GLU A 1 41  ? 9.296   11.230  6.703   1.00 10.76 ? 180 GLU A OE2 1 
ATOM   217  N  N   . LEU A 1 42  ? 6.934   9.178   11.399  1.00 10.81 ? 181 LEU A N   1 
ATOM   218  C  CA  . LEU A 1 42  ? 7.657   8.546   12.515  1.00 14.16 ? 181 LEU A CA  1 
ATOM   219  C  C   . LEU A 1 42  ? 6.906   7.351   13.090  1.00 11.05 ? 181 LEU A C   1 
ATOM   220  O  O   . LEU A 1 42  ? 7.520   6.456   13.625  1.00 12.40 ? 181 LEU A O   1 
ATOM   221  C  CB  . LEU A 1 42  ? 7.887   9.523   13.686  1.00 15.97 ? 181 LEU A CB  1 
ATOM   222  C  CG  . LEU A 1 42  ? 9.140   10.383  13.770  1.00 21.55 ? 181 LEU A CG  1 
ATOM   223  C  CD1 . LEU A 1 42  ? 9.065   11.247  15.077  1.00 22.47 ? 181 LEU A CD1 1 
ATOM   224  C  CD2 . LEU A 1 42  ? 10.392  9.498   13.786  1.00 21.36 ? 181 LEU A CD2 1 
ATOM   225  N  N   . GLU A 1 43  ? 5.579   7.445   13.147  1.00 10.06 ? 182 GLU A N   1 
ATOM   226  C  CA  . GLU A 1 43  ? 4.764   6.336   13.675  1.00 10.52 ? 182 GLU A CA  1 
ATOM   227  C  C   . GLU A 1 43  ? 4.735   5.212   12.668  1.00 10.04 ? 182 GLU A C   1 
ATOM   228  O  O   . GLU A 1 43  ? 4.606   4.036   13.053  1.00 9.87  ? 182 GLU A O   1 
ATOM   229  C  CB  . GLU A 1 43  ? 3.295   6.763   13.931  1.00 10.83 ? 182 GLU A CB  1 
ATOM   230  C  CG  . GLU A 1 43  ? 3.059   7.744   15.077  1.00 9.84  ? 182 GLU A CG  1 
ATOM   231  C  CD  . GLU A 1 43  ? 1.599   8.279   15.105  1.00 15.16 ? 182 GLU A CD  1 
ATOM   232  O  OE1 . GLU A 1 43  ? 0.966   8.331   14.033  1.00 16.21 ? 182 GLU A OE1 1 
ATOM   233  O  OE2 . GLU A 1 43  ? 1.078   8.663   16.200  1.00 14.80 ? 182 GLU A OE2 1 
ATOM   234  N  N   . ALA A 1 44  ? 4.721   5.566   11.369  1.00 8.89  ? 183 ALA A N   1 
ATOM   235  C  CA  . ALA A 1 44  ? 4.657   4.511   10.339  1.00 10.12 ? 183 ALA A CA  1 
ATOM   236  C  C   . ALA A 1 44  ? 5.979   3.783   10.173  1.00 10.05 ? 183 ALA A C   1 
ATOM   237  O  O   . ALA A 1 44  ? 6.000   2.556   10.119  1.00 5.38  ? 183 ALA A O   1 
ATOM   238  C  CB  . ALA A 1 44  ? 4.206   5.063   8.972   1.00 12.37 ? 183 ALA A CB  1 
ATOM   239  N  N   . ILE A 1 45  ? 7.080   4.546   10.061  1.00 11.08 ? 184 ILE A N   1 
ATOM   240  C  CA  . ILE A 1 45  ? 8.399   3.957   9.863   1.00 12.19 ? 184 ILE A CA  1 
ATOM   241  C  C   . ILE A 1 45  ? 8.661   2.956   10.958  1.00 13.96 ? 184 ILE A C   1 
ATOM   242  O  O   . ILE A 1 45  ? 8.347   3.207   12.120  1.00 16.79 ? 184 ILE A O   1 
ATOM   243  C  CB  . ILE A 1 45  ? 9.520   5.032   9.750   1.00 14.17 ? 184 ILE A CB  1 
ATOM   244  C  CG1 . ILE A 1 45  ? 9.331   5.791   8.437   1.00 16.19 ? 184 ILE A CG1 1 
ATOM   245  C  CG2 . ILE A 1 45  ? 10.926  4.387   9.782   1.00 11.62 ? 184 ILE A CG2 1 
ATOM   246  C  CD1 . ILE A 1 45  ? 10.231  6.961   8.266   1.00 18.80 ? 184 ILE A CD1 1 
ATOM   247  N  N   . GLY A 1 46  ? 9.120   1.774   10.562  1.00 12.08 ? 185 GLY A N   1 
ATOM   248  C  CA  . GLY A 1 46  ? 9.360   0.721   11.523  1.00 13.93 ? 185 GLY A CA  1 
ATOM   249  C  C   . GLY A 1 46  ? 8.172   -0.227  11.681  1.00 12.40 ? 185 GLY A C   1 
ATOM   250  O  O   . GLY A 1 46  ? 8.298   -1.230  12.385  1.00 12.84 ? 185 GLY A O   1 
ATOM   251  N  N   . GLN A 1 47  ? 6.998   0.142   11.168  1.00 9.56  ? 186 GLN A N   1 
ATOM   252  C  CA  . GLN A 1 47  ? 5.810   -0.743  11.245  1.00 10.08 ? 186 GLN A CA  1 
ATOM   253  C  C   . GLN A 1 47  ? 5.788   -1.523  9.924   1.00 10.11 ? 186 GLN A C   1 
ATOM   254  O  O   . GLN A 1 47  ? 6.362   -1.093  8.919   1.00 11.67 ? 186 GLN A O   1 
ATOM   255  C  CB  . GLN A 1 47  ? 4.464   0.033   11.400  1.00 5.90  ? 186 GLN A CB  1 
ATOM   256  C  CG  . GLN A 1 47  ? 4.284   0.886   12.682  1.00 13.66 ? 186 GLN A CG  1 
ATOM   257  C  CD  . GLN A 1 47  ? 2.822   1.259   13.031  1.00 16.98 ? 186 GLN A CD  1 
ATOM   258  O  OE1 . GLN A 1 47  ? 2.415   2.432   12.909  1.00 20.37 ? 186 GLN A OE1 1 
ATOM   259  N  NE2 . GLN A 1 47  ? 2.063   0.301   13.579  1.00 21.72 ? 186 GLN A NE2 1 
ATOM   260  N  N   . ASN A 1 48  ? 5.090   -2.640  9.922   1.00 10.87 ? 187 ASN A N   1 
ATOM   261  C  CA  . ASN A 1 48  ? 4.918   -3.471  8.746   1.00 7.57  ? 187 ASN A CA  1 
ATOM   262  C  C   . ASN A 1 48  ? 3.848   -2.764  7.860   1.00 8.43  ? 187 ASN A C   1 
ATOM   263  O  O   . ASN A 1 48  ? 2.921   -2.105  8.356   1.00 8.54  ? 187 ASN A O   1 
ATOM   264  C  CB  . ASN A 1 48  ? 4.409   -4.843  9.219   1.00 8.43  ? 187 ASN A CB  1 
ATOM   265  C  CG  . ASN A 1 48  ? 4.440   -5.908  8.129   1.00 12.07 ? 187 ASN A CG  1 
ATOM   266  O  OD1 . ASN A 1 48  ? 5.019   -6.992  8.327   1.00 10.39 ? 187 ASN A OD1 1 
ATOM   267  N  ND2 . ASN A 1 48  ? 3.793   -5.626  6.977   1.00 8.19  ? 187 ASN A ND2 1 
ATOM   268  N  N   . VAL A 1 49  ? 3.965   -2.905  6.549   1.00 8.35  ? 188 VAL A N   1 
ATOM   269  C  CA  . VAL A 1 49  ? 3.036   -2.269  5.643   1.00 7.88  ? 188 VAL A CA  1 
ATOM   270  C  C   . VAL A 1 49  ? 1.605   -2.809  5.774   1.00 7.67  ? 188 VAL A C   1 
ATOM   271  O  O   . VAL A 1 49  ? 0.648   -2.092  5.500   1.00 5.33  ? 188 VAL A O   1 
ATOM   272  C  CB  . VAL A 1 49  ? 3.595   -2.306  4.176   1.00 6.66  ? 188 VAL A CB  1 
ATOM   273  C  CG1 . VAL A 1 49  ? 3.660   -3.729  3.647   1.00 4.77  ? 188 VAL A CG1 1 
ATOM   274  C  CG2 . VAL A 1 49  ? 2.781   -1.369  3.247   1.00 7.65  ? 188 VAL A CG2 1 
ATOM   275  N  N   . ASN A 1 50  ? 1.467   -4.010  6.353   1.00 11.72 ? 189 ASN A N   1 
ATOM   276  C  CA  . ASN A 1 50  ? 0.160   -4.617  6.577   1.00 9.38  ? 189 ASN A CA  1 
ATOM   277  C  C   . ASN A 1 50  ? -0.746  -3.823  7.490   1.00 9.52  ? 189 ASN A C   1 
ATOM   278  O  O   . ASN A 1 50  ? -1.977  -3.986  7.418   1.00 12.53 ? 189 ASN A O   1 
ATOM   279  C  CB  . ASN A 1 50  ? 0.231   -6.112  6.960   1.00 8.61  ? 189 ASN A CB  1 
ATOM   280  C  CG  . ASN A 1 50  ? 0.948   -6.402  8.300   1.00 7.97  ? 189 ASN A CG  1 
ATOM   281  O  OD1 . ASN A 1 50  ? 0.869   -5.664  9.284   1.00 7.20  ? 189 ASN A OD1 1 
ATOM   282  N  ND2 . ASN A 1 50  ? 1.625   -7.547  8.334   1.00 10.25 ? 189 ASN A ND2 1 
ATOM   283  N  N   . ILE A 1 51  ? -0.188  -2.887  8.262   1.00 10.86 ? 190 ILE A N   1 
ATOM   284  C  CA  . ILE A 1 51  ? -1.033  -2.016  9.111   1.00 10.74 ? 190 ILE A CA  1 
ATOM   285  C  C   . ILE A 1 51  ? -1.920  -1.092  8.246   1.00 14.32 ? 190 ILE A C   1 
ATOM   286  O  O   . ILE A 1 51  ? -2.739  -0.283  8.761   1.00 17.14 ? 190 ILE A O   1 
ATOM   287  C  CB  . ILE A 1 51  ? -0.192  -1.068  10.023  1.00 12.51 ? 190 ILE A CB  1 
ATOM   288  C  CG1 . ILE A 1 51  ? 0.835   -0.263  9.176   1.00 5.85  ? 190 ILE A CG1 1 
ATOM   289  C  CG2 . ILE A 1 51  ? 0.578   -1.900  11.179  1.00 6.86  ? 190 ILE A CG2 1 
ATOM   290  C  CD1 . ILE A 1 51  ? 1.035   1.166   9.641   1.00 10.02 ? 190 ILE A CD1 1 
ATOM   291  N  N   . LEU A 1 52  ? -1.706  -1.124  6.942   1.00 15.42 ? 191 LEU A N   1 
ATOM   292  C  CA  . LEU A 1 52  ? -2.472  -0.233  6.051   1.00 17.19 ? 191 LEU A CA  1 
ATOM   293  C  C   . LEU A 1 52  ? -3.589  -0.921  5.301   1.00 15.44 ? 191 LEU A C   1 
ATOM   294  O  O   . LEU A 1 52  ? -4.230  -0.317  4.460   1.00 17.11 ? 191 LEU A O   1 
ATOM   295  C  CB  . LEU A 1 52  ? -1.537  0.447   5.031   1.00 16.25 ? 191 LEU A CB  1 
ATOM   296  C  CG  . LEU A 1 52  ? -0.391  1.269   5.635   1.00 17.67 ? 191 LEU A CG  1 
ATOM   297  C  CD1 . LEU A 1 52  ? 0.616   1.677   4.523   1.00 12.41 ? 191 LEU A CD1 1 
ATOM   298  C  CD2 . LEU A 1 52  ? -0.966  2.463   6.400   1.00 14.11 ? 191 LEU A CD2 1 
ATOM   299  N  N   . MET A 1 53  ? -3.824  -2.184  5.585   1.00 18.08 ? 192 MET A N   1 
ATOM   300  C  CA  . MET A 1 53  ? -4.849  -2.910  4.869   1.00 20.57 ? 192 MET A CA  1 
ATOM   301  C  C   . MET A 1 53  ? -5.708  -3.715  5.838   1.00 21.36 ? 192 MET A C   1 
ATOM   302  O  O   . MET A 1 53  ? -5.396  -3.815  7.031   1.00 21.86 ? 192 MET A O   1 
ATOM   303  C  CB  . MET A 1 53  ? -4.185  -3.810  3.838   1.00 19.43 ? 192 MET A CB  1 
ATOM   304  C  CG  . MET A 1 53  ? -3.149  -4.663  4.448   1.00 18.34 ? 192 MET A CG  1 
ATOM   305  S  SD  . MET A 1 53  ? -2.253  -5.657  3.349   1.00 21.07 ? 192 MET A SD  1 
ATOM   306  C  CE  . MET A 1 53  ? -1.025  -4.424  2.866   1.00 19.14 ? 192 MET A CE  1 
ATOM   307  N  N   . PRO A 1 54  ? -6.846  -4.225  5.358   1.00 21.90 ? 193 PRO A N   1 
ATOM   308  C  CA  . PRO A 1 54  ? -7.674  -4.998  6.285   1.00 22.03 ? 193 PRO A CA  1 
ATOM   309  C  C   . PRO A 1 54  ? -7.441  -6.494  6.138   1.00 22.34 ? 193 PRO A C   1 
ATOM   310  O  O   . PRO A 1 54  ? -6.686  -6.931  5.260   1.00 22.44 ? 193 PRO A O   1 
ATOM   311  C  CB  . PRO A 1 54  ? -9.086  -4.595  5.872   1.00 23.31 ? 193 PRO A CB  1 
ATOM   312  C  CG  . PRO A 1 54  ? -8.979  -4.413  4.371   1.00 23.30 ? 193 PRO A CG  1 
ATOM   313  C  CD  . PRO A 1 54  ? -7.597  -3.812  4.151   1.00 23.22 ? 193 PRO A CD  1 
ATOM   314  N  N   . GLU A 1 55  ? -8.005  -7.290  7.041   1.00 21.48 ? 194 GLU A N   1 
ATOM   315  C  CA  . GLU A 1 55  ? -7.876  -8.746  6.895   1.00 22.25 ? 194 GLU A CA  1 
ATOM   316  C  C   . GLU A 1 55  ? -8.869  -9.120  5.776   1.00 19.21 ? 194 GLU A C   1 
ATOM   317  O  O   . GLU A 1 55  ? -9.858  -8.426  5.576   1.00 16.19 ? 194 GLU A O   1 
ATOM   318  C  CB  . GLU A 1 55  ? -8.189  -9.463  8.218   1.00 23.25 ? 194 GLU A CB  1 
ATOM   319  C  CG  . GLU A 1 55  ? -7.292  -9.050  9.384   1.00 23.04 ? 194 GLU A CG  1 
ATOM   320  C  CD  . GLU A 1 55  ? -5.941  -9.747  9.415   1.00 27.02 ? 194 GLU A CD  1 
ATOM   321  O  OE1 . GLU A 1 55  ? -5.651  -10.608 8.556   1.00 27.52 ? 194 GLU A OE1 1 
ATOM   322  O  OE2 . GLU A 1 55  ? -5.152  -9.457  10.346  1.00 29.72 ? 194 GLU A OE2 1 
ATOM   323  N  N   . PRO A 1 56  ? -8.649  -10.242 5.072   1.00 21.30 ? 195 PRO A N   1 
ATOM   324  C  CA  . PRO A 1 56  ? -7.559  -11.220 5.181   1.00 23.30 ? 195 PRO A CA  1 
ATOM   325  C  C   . PRO A 1 56  ? -6.157  -10.800 4.716   1.00 23.52 ? 195 PRO A C   1 
ATOM   326  O  O   . PRO A 1 56  ? -5.173  -11.268 5.262   1.00 24.92 ? 195 PRO A O   1 
ATOM   327  C  CB  . PRO A 1 56  ? -8.105  -12.410 4.383   1.00 22.92 ? 195 PRO A CB  1 
ATOM   328  C  CG  . PRO A 1 56  ? -8.860  -11.752 3.320   1.00 25.15 ? 195 PRO A CG  1 
ATOM   329  C  CD  . PRO A 1 56  ? -9.619  -10.667 4.051   1.00 22.65 ? 195 PRO A CD  1 
ATOM   330  N  N   . ASP A 1 57  ? -6.073  -9.869  3.768   1.00 24.02 ? 196 ASP A N   1 
ATOM   331  C  CA  . ASP A 1 57  ? -4.806  -9.362  3.244   1.00 21.63 ? 196 ASP A CA  1 
ATOM   332  C  C   . ASP A 1 57  ? -3.722  -9.055  4.290   1.00 20.76 ? 196 ASP A C   1 
ATOM   333  O  O   . ASP A 1 57  ? -2.596  -9.474  4.159   1.00 16.53 ? 196 ASP A O   1 
ATOM   334  C  CB  . ASP A 1 57  ? -5.080  -8.139  2.369   1.00 22.03 ? 196 ASP A CB  1 
ATOM   335  C  CG  . ASP A 1 57  ? -5.609  -8.515  0.996   1.00 20.16 ? 196 ASP A CG  1 
ATOM   336  O  OD1 . ASP A 1 57  ? -5.413  -9.680  0.594   1.00 22.84 ? 196 ASP A OD1 1 
ATOM   337  O  OD2 . ASP A 1 57  ? -6.188  -7.651  0.317   1.00 16.24 ? 196 ASP A OD2 1 
ATOM   338  N  N   . ARG A 1 58  ? -4.094  -8.362  5.350   1.00 23.18 ? 197 ARG A N   1 
ATOM   339  C  CA  . ARG A 1 58  ? -3.175  -8.032  6.416   1.00 25.76 ? 197 ARG A CA  1 
ATOM   340  C  C   . ARG A 1 58  ? -2.318  -9.231  6.889   1.00 24.95 ? 197 ARG A C   1 
ATOM   341  O  O   . ARG A 1 58  ? -1.074  -9.157  6.827   1.00 21.23 ? 197 ARG A O   1 
ATOM   342  C  CB  . ARG A 1 58  ? -3.985  -7.482  7.572   1.00 29.10 ? 197 ARG A CB  1 
ATOM   343  C  CG  . ARG A 1 58  ? -3.229  -6.611  8.586   1.00 34.90 ? 197 ARG A CG  1 
ATOM   344  C  CD  . ARG A 1 58  ? -4.280  -5.792  9.345   1.00 37.18 ? 197 ARG A CD  1 
ATOM   345  N  NE  . ARG A 1 58  ? -3.727  -4.648  10.058  1.00 40.38 ? 197 ARG A NE  1 
ATOM   346  C  CZ  . ARG A 1 58  ? -3.146  -4.735  11.246  1.00 42.04 ? 197 ARG A CZ  1 
ATOM   347  N  NH1 . ARG A 1 58  ? -3.037  -5.922  11.833  1.00 42.56 ? 197 ARG A NH1 1 
ATOM   348  N  NH2 . ARG A 1 58  ? -2.702  -3.646  11.857  1.00 41.98 ? 197 ARG A NH2 1 
ATOM   349  N  N   . SER A 1 59  ? -2.974  -10.325 7.314   1.00 21.51 ? 198 SER A N   1 
ATOM   350  C  CA  . SER A 1 59  ? -2.269  -11.507 7.840   1.00 21.65 ? 198 SER A CA  1 
ATOM   351  C  C   . SER A 1 59  ? -1.566  -12.273 6.758   1.00 19.88 ? 198 SER A C   1 
ATOM   352  O  O   . SER A 1 59  ? -0.626  -13.043 7.003   1.00 20.32 ? 198 SER A O   1 
ATOM   353  C  CB  . SER A 1 59  ? -3.224  -12.468 8.577   1.00 22.30 ? 198 SER A CB  1 
ATOM   354  O  OG  . SER A 1 59  ? -3.630  -11.938 9.833   1.00 22.49 ? 198 SER A OG  1 
ATOM   355  N  N   . ARG A 1 60  ? -2.094  -12.116 5.557   1.00 21.65 ? 199 ARG A N   1 
ATOM   356  C  CA  . ARG A 1 60  ? -1.545  -12.745 4.381   1.00 23.80 ? 199 ARG A CA  1 
ATOM   357  C  C   . ARG A 1 60  ? -0.385  -12.005 3.722   1.00 20.87 ? 199 ARG A C   1 
ATOM   358  O  O   . ARG A 1 60  ? 0.491   -12.649 3.133   1.00 24.43 ? 199 ARG A O   1 
ATOM   359  C  CB  . ARG A 1 60  ? -2.659  -12.948 3.355   1.00 27.35 ? 199 ARG A CB  1 
ATOM   360  C  CG  . ARG A 1 60  ? -3.526  -14.133 3.689   1.00 33.04 ? 199 ARG A CG  1 
ATOM   361  C  CD  . ARG A 1 60  ? -4.545  -14.486 2.611   1.00 32.52 ? 199 ARG A CD  1 
ATOM   362  N  NE  . ARG A 1 60  ? -5.224  -15.693 3.064   1.00 35.85 ? 199 ARG A NE  1 
ATOM   363  C  CZ  . ARG A 1 60  ? -6.506  -15.975 2.865   1.00 35.45 ? 199 ARG A CZ  1 
ATOM   364  N  NH1 . ARG A 1 60  ? -7.300  -15.148 2.178   1.00 37.10 ? 199 ARG A NH1 1 
ATOM   365  N  NH2 . ARG A 1 60  ? -7.008  -17.045 3.459   1.00 35.20 ? 199 ARG A NH2 1 
ATOM   366  N  N   . HIS A 1 61  ? -0.316  -10.691 3.891   1.00 18.24 ? 200 HIS A N   1 
ATOM   367  C  CA  . HIS A 1 61  ? 0.717   -9.875  3.228   1.00 17.09 ? 200 HIS A CA  1 
ATOM   368  C  C   . HIS A 1 61  ? 2.179   -10.329 3.288   1.00 17.14 ? 200 HIS A C   1 
ATOM   369  O  O   . HIS A 1 61  ? 2.886   -10.337 2.269   1.00 16.88 ? 200 HIS A O   1 
ATOM   370  C  CB  . HIS A 1 61  ? 0.564   -8.381  3.565   1.00 14.98 ? 200 HIS A CB  1 
ATOM   371  C  CG  . HIS A 1 61  ? 1.014   -7.472  2.439   1.00 18.05 ? 200 HIS A CG  1 
ATOM   372  N  ND1 . HIS A 1 61  ? 2.272   -6.946  2.339   1.00 12.47 ? 200 HIS A ND1 1 
ATOM   373  C  CD2 . HIS A 1 61  ? 0.344   -7.049  1.338   1.00 13.67 ? 200 HIS A CD2 1 
ATOM   374  C  CE1 . HIS A 1 61  ? 2.340   -6.227  1.197   1.00 13.88 ? 200 HIS A CE1 1 
ATOM   375  N  NE2 . HIS A 1 61  ? 1.188   -6.260  0.551   1.00 14.85 ? 200 HIS A NE2 1 
ATOM   376  N  N   . ASP A 1 62  ? 2.656   -10.749 4.449   1.00 18.43 ? 201 ASP A N   1 
ATOM   377  C  CA  . ASP A 1 62  ? 4.046   -11.219 4.504   1.00 21.68 ? 201 ASP A CA  1 
ATOM   378  C  C   . ASP A 1 62  ? 4.242   -12.490 3.672   1.00 23.30 ? 201 ASP A C   1 
ATOM   379  O  O   . ASP A 1 62  ? 5.354   -12.745 3.173   1.00 25.40 ? 201 ASP A O   1 
ATOM   380  C  CB  . ASP A 1 62  ? 4.481   -11.484 5.942   1.00 23.93 ? 201 ASP A CB  1 
ATOM   381  C  CG  . ASP A 1 62  ? 4.847   -10.207 6.683   1.00 26.73 ? 201 ASP A CG  1 
ATOM   382  O  OD1 . ASP A 1 62  ? 4.818   -9.101  6.082   1.00 23.82 ? 201 ASP A OD1 1 
ATOM   383  O  OD2 . ASP A 1 62  ? 5.230   -10.318 7.861   1.00 27.57 ? 201 ASP A OD2 1 
ATOM   384  N  N   . SER A 1 63  ? 3.177   -13.268 3.463   1.00 21.94 ? 202 SER A N   1 
ATOM   385  C  CA  . SER A 1 63  ? 3.356   -14.500 2.688   1.00 24.55 ? 202 SER A CA  1 
ATOM   386  C  C   . SER A 1 63  ? 3.420   -14.162 1.213   1.00 22.98 ? 202 SER A C   1 
ATOM   387  O  O   . SER A 1 63  ? 4.152   -14.798 0.449   1.00 24.91 ? 202 SER A O   1 
ATOM   388  C  CB  . SER A 1 63  ? 2.293   -15.585 3.019   1.00 22.47 ? 202 SER A CB  1 
ATOM   389  O  OG  . SER A 1 63  ? 0.980   -15.201 2.635   1.00 21.33 ? 202 SER A OG  1 
ATOM   390  N  N   . TYR A 1 64  ? 2.672   -13.139 0.815   1.00 22.48 ? 203 TYR A N   1 
ATOM   391  C  CA  . TYR A 1 64  ? 2.703   -12.676 -0.558  1.00 22.06 ? 203 TYR A CA  1 
ATOM   392  C  C   . TYR A 1 64  ? 4.136   -12.188 -0.847  1.00 21.21 ? 203 TYR A C   1 
ATOM   393  O  O   . TYR A 1 64  ? 4.740   -12.560 -1.860  1.00 22.51 ? 203 TYR A O   1 
ATOM   394  C  CB  . TYR A 1 64  ? 1.732   -11.518 -0.765  1.00 24.70 ? 203 TYR A CB  1 
ATOM   395  C  CG  . TYR A 1 64  ? 0.262   -11.790 -0.500  1.00 28.00 ? 203 TYR A CG  1 
ATOM   396  C  CD1 . TYR A 1 64  ? -0.334  -13.012 -0.808  1.00 28.70 ? 203 TYR A CD1 1 
ATOM   397  C  CD2 . TYR A 1 64  ? -0.538  -10.793 0.047   1.00 29.77 ? 203 TYR A CD2 1 
ATOM   398  C  CE1 . TYR A 1 64  ? -1.696  -13.211 -0.576  1.00 31.18 ? 203 TYR A CE1 1 
ATOM   399  C  CE2 . TYR A 1 64  ? -1.866  -10.983 0.280   1.00 29.24 ? 203 TYR A CE2 1 
ATOM   400  C  CZ  . TYR A 1 64  ? -2.454  -12.178 -0.020  1.00 29.64 ? 203 TYR A CZ  1 
ATOM   401  O  OH  . TYR A 1 64  ? -3.806  -12.307 0.239   1.00 30.50 ? 203 TYR A OH  1 
ATOM   402  N  N   . ILE A 1 65  ? 4.690   -11.366 0.040   1.00 22.31 ? 204 ILE A N   1 
ATOM   403  C  CA  . ILE A 1 65  ? 6.056   -10.843 -0.163  1.00 20.77 ? 204 ILE A CA  1 
ATOM   404  C  C   . ILE A 1 65  ? 7.099   -11.958 -0.175  1.00 21.13 ? 204 ILE A C   1 
ATOM   405  O  O   . ILE A 1 65  ? 8.022   -11.914 -0.979  1.00 22.92 ? 204 ILE A O   1 
ATOM   406  C  CB  . ILE A 1 65  ? 6.441   -9.739  0.879   1.00 18.45 ? 204 ILE A CB  1 
ATOM   407  C  CG1 . ILE A 1 65  ? 5.496   -8.544  0.761   1.00 17.60 ? 204 ILE A CG1 1 
ATOM   408  C  CG2 . ILE A 1 65  ? 7.866   -9.277  0.658   1.00 17.49 ? 204 ILE A CG2 1 
ATOM   409  C  CD1 . ILE A 1 65  ? 5.747   -7.463  1.816   1.00 12.48 ? 204 ILE A CD1 1 
ATOM   410  N  N   . SER A 1 66  ? 6.956   -12.951 0.705   1.00 24.50 ? 205 SER A N   1 
ATOM   411  C  CA  . SER A 1 66  ? 7.881   -14.104 0.767   1.00 26.59 ? 205 SER A CA  1 
ATOM   412  C  C   . SER A 1 66  ? 7.794   -14.902 -0.534  1.00 26.79 ? 205 SER A C   1 
ATOM   413  O  O   . SER A 1 66  ? 8.802   -15.287 -1.118  1.00 27.75 ? 205 SER A O   1 
ATOM   414  C  CB  . SER A 1 66  ? 7.499   -15.081 1.900   1.00 30.41 ? 205 SER A CB  1 
ATOM   415  O  OG  . SER A 1 66  ? 7.444   -14.474 3.189   1.00 36.38 ? 205 SER A OG  1 
ATOM   416  N  N   . ARG A 1 67  ? 6.576   -15.166 -0.969  1.00 26.73 ? 206 ARG A N   1 
ATOM   417  C  CA  . ARG A 1 67  ? 6.340   -15.924 -2.176  1.00 27.39 ? 206 ARG A CA  1 
ATOM   418  C  C   . ARG A 1 67  ? 7.145   -15.309 -3.322  1.00 30.04 ? 206 ARG A C   1 
ATOM   419  O  O   . ARG A 1 67  ? 8.032   -15.968 -3.910  1.00 27.33 ? 206 ARG A O   1 
ATOM   420  C  CB  . ARG A 1 67  ? 4.862   -15.866 -2.524  1.00 28.65 ? 206 ARG A CB  1 
ATOM   421  C  CG  . ARG A 1 67  ? 4.404   -16.920 -3.496  1.00 31.35 ? 206 ARG A CG  1 
ATOM   422  C  CD  . ARG A 1 67  ? 3.185   -16.458 -4.291  1.00 35.66 ? 206 ARG A CD  1 
ATOM   423  N  NE  . ARG A 1 67  ? 3.584   -16.222 -5.669  1.00 40.53 ? 206 ARG A NE  1 
ATOM   424  C  CZ  . ARG A 1 67  ? 4.169   -15.116 -6.118  1.00 41.96 ? 206 ARG A CZ  1 
ATOM   425  N  NH1 . ARG A 1 67  ? 4.408   -14.101 -5.306  1.00 43.70 ? 206 ARG A NH1 1 
ATOM   426  N  NH2 . ARG A 1 67  ? 4.620   -15.083 -7.361  1.00 43.36 ? 206 ARG A NH2 1 
ATOM   427  N  N   . TYR A 1 68  ? 6.883   -14.027 -3.579  1.00 29.35 ? 207 TYR A N   1 
ATOM   428  C  CA  . TYR A 1 68  ? 7.565   -13.320 -4.654  1.00 31.74 ? 207 TYR A CA  1 
ATOM   429  C  C   . TYR A 1 68  ? 9.064   -13.354 -4.516  1.00 29.85 ? 207 TYR A C   1 
ATOM   430  O  O   . TYR A 1 68  ? 9.744   -13.669 -5.485  1.00 32.26 ? 207 TYR A O   1 
ATOM   431  C  CB  . TYR A 1 68  ? 7.102   -11.860 -4.809  1.00 31.23 ? 207 TYR A CB  1 
ATOM   432  C  CG  . TYR A 1 68  ? 7.921   -11.146 -5.858  1.00 32.62 ? 207 TYR A CG  1 
ATOM   433  C  CD1 . TYR A 1 68  ? 8.028   -11.675 -7.149  1.00 31.97 ? 207 TYR A CD1 1 
ATOM   434  C  CD2 . TYR A 1 68  ? 8.670   -10.004 -5.550  1.00 30.05 ? 207 TYR A CD2 1 
ATOM   435  C  CE1 . TYR A 1 68  ? 8.857   -11.099 -8.100  1.00 31.09 ? 207 TYR A CE1 1 
ATOM   436  C  CE2 . TYR A 1 68  ? 9.511   -9.425  -6.503  1.00 29.99 ? 207 TYR A CE2 1 
ATOM   437  C  CZ  . TYR A 1 68  ? 9.593   -9.975  -7.774  1.00 30.70 ? 207 TYR A CZ  1 
ATOM   438  O  OH  . TYR A 1 68  ? 10.404  -9.414  -8.734  1.00 27.05 ? 207 TYR A OH  1 
ATOM   439  N  N   . ARG A 1 69  ? 9.571   -13.097 -3.316  1.00 31.11 ? 208 ARG A N   1 
ATOM   440  C  CA  . ARG A 1 69  ? 11.015  -13.104 -3.087  1.00 34.00 ? 208 ARG A CA  1 
ATOM   441  C  C   . ARG A 1 69  ? 11.716  -14.428 -3.398  1.00 36.16 ? 208 ARG A C   1 
ATOM   442  O  O   . ARG A 1 69  ? 12.939  -14.474 -3.551  1.00 34.85 ? 208 ARG A O   1 
ATOM   443  C  CB  . ARG A 1 69  ? 11.336  -12.662 -1.655  1.00 35.36 ? 208 ARG A CB  1 
ATOM   444  C  CG  . ARG A 1 69  ? 11.084  -11.183 -1.397  1.00 38.70 ? 208 ARG A CG  1 
ATOM   445  C  CD  . ARG A 1 69  ? 11.933  -10.649 -0.257  1.00 42.85 ? 208 ARG A CD  1 
ATOM   446  N  NE  . ARG A 1 69  ? 13.368  -10.735 -0.538  1.00 46.54 ? 208 ARG A NE  1 
ATOM   447  C  CZ  . ARG A 1 69  ? 14.323  -10.500 0.360   1.00 47.78 ? 208 ARG A CZ  1 
ATOM   448  N  NH1 . ARG A 1 69  ? 14.000  -10.161 1.608   1.00 49.27 ? 208 ARG A NH1 1 
ATOM   449  N  NH2 . ARG A 1 69  ? 15.598  -10.601 0.009   1.00 48.63 ? 208 ARG A NH2 1 
ATOM   450  N  N   . THR A 1 70  ? 10.956  -15.514 -3.475  1.00 39.83 ? 209 THR A N   1 
ATOM   451  C  CA  . THR A 1 70  ? 11.564  -16.806 -3.751  1.00 43.03 ? 209 THR A CA  1 
ATOM   452  C  C   . THR A 1 70  ? 11.296  -17.356 -5.128  1.00 41.31 ? 209 THR A C   1 
ATOM   453  O  O   . THR A 1 70  ? 12.099  -18.084 -5.672  1.00 45.19 ? 209 THR A O   1 
ATOM   454  C  CB  . THR A 1 70  ? 11.151  -17.855 -2.733  1.00 44.39 ? 209 THR A CB  1 
ATOM   455  O  OG1 . THR A 1 70  ? 10.838  -17.217 -1.493  1.00 49.49 ? 209 THR A OG1 1 
ATOM   456  C  CG2 . THR A 1 70  ? 12.310  -18.797 -2.502  1.00 46.81 ? 209 THR A CG2 1 
ATOM   457  N  N   . THR A 1 71  ? 10.157  -17.030 -5.696  1.00 42.32 ? 210 THR A N   1 
ATOM   458  C  CA  . THR A 1 71  ? 9.828   -17.535 -7.002  1.00 42.23 ? 210 THR A CA  1 
ATOM   459  C  C   . THR A 1 71  ? 10.287  -16.589 -8.105  1.00 44.23 ? 210 THR A C   1 
ATOM   460  O  O   . THR A 1 71  ? 10.353  -16.976 -9.287  1.00 43.19 ? 210 THR A O   1 
ATOM   461  C  CB  . THR A 1 71  ? 8.335   -17.709 -7.096  1.00 41.65 ? 210 THR A CB  1 
ATOM   462  O  OG1 . THR A 1 71  ? 7.712   -16.450 -6.830  1.00 44.58 ? 210 THR A OG1 1 
ATOM   463  C  CG2 . THR A 1 71  ? 7.862   -18.716 -6.048  1.00 41.15 ? 210 THR A CG2 1 
ATOM   464  N  N   . SER A 1 72  ? 10.629  -15.360 -7.704  1.00 44.45 ? 211 SER A N   1 
ATOM   465  C  CA  . SER A 1 72  ? 11.019  -14.311 -8.634  1.00 44.51 ? 211 SER A CA  1 
ATOM   466  C  C   . SER A 1 72  ? 9.891   -14.229 -9.644  1.00 44.62 ? 211 SER A C   1 
ATOM   467  O  O   . SER A 1 72  ? 10.102  -13.982 -10.824 1.00 44.69 ? 211 SER A O   1 
ATOM   468  C  CB  . SER A 1 72  ? 12.355  -14.621 -9.310  1.00 45.14 ? 211 SER A CB  1 
ATOM   469  O  OG  . SER A 1 72  ? 13.424  -14.446 -8.392  1.00 43.32 ? 211 SER A OG  1 
ATOM   470  N  N   . ASP A 1 73  ? 8.681   -14.415 -9.129  1.00 46.84 ? 212 ASP A N   1 
ATOM   471  C  CA  . ASP A 1 73  ? 7.464   -14.406 -9.918  1.00 49.48 ? 212 ASP A CA  1 
ATOM   472  C  C   . ASP A 1 73  ? 6.566   -13.213 -9.700  1.00 49.26 ? 212 ASP A C   1 
ATOM   473  O  O   . ASP A 1 73  ? 5.835   -13.161 -8.723  1.00 51.40 ? 212 ASP A O   1 
ATOM   474  C  CB  . ASP A 1 73  ? 6.669   -15.662 -9.606  1.00 51.91 ? 212 ASP A CB  1 
ATOM   475  C  CG  . ASP A 1 73  ? 6.778   -16.687 -10.682 1.00 51.81 ? 212 ASP A CG  1 
ATOM   476  O  OD1 . ASP A 1 73  ? 7.899   -16.878 -11.206 1.00 53.00 ? 212 ASP A OD1 1 
ATOM   477  O  OD2 . ASP A 1 73  ? 5.735   -17.287 -11.007 1.00 52.02 ? 212 ASP A OD2 1 
ATOM   478  N  N   . PRO A 1 74  ? 6.588   -12.245 -10.622 1.00 49.24 ? 213 PRO A N   1 
ATOM   479  C  CA  . PRO A 1 74  ? 5.738   -11.062 -10.470 1.00 47.11 ? 213 PRO A CA  1 
ATOM   480  C  C   . PRO A 1 74  ? 4.255   -11.403 -10.614 1.00 46.27 ? 213 PRO A C   1 
ATOM   481  O  O   . PRO A 1 74  ? 3.860   -12.164 -11.508 1.00 46.57 ? 213 PRO A O   1 
ATOM   482  C  CB  . PRO A 1 74  ? 6.202   -10.161 -11.612 1.00 48.35 ? 213 PRO A CB  1 
ATOM   483  C  CG  . PRO A 1 74  ? 7.632   -10.589 -11.826 1.00 49.60 ? 213 PRO A CG  1 
ATOM   484  C  CD  . PRO A 1 74  ? 7.520   -12.080 -11.750 1.00 48.29 ? 213 PRO A CD  1 
ATOM   485  N  N   . HIS A 1 75  ? 3.444   -10.853 -9.719  1.00 43.91 ? 214 HIS A N   1 
ATOM   486  C  CA  . HIS A 1 75  ? 2.007   -11.060 -9.736  1.00 41.52 ? 214 HIS A CA  1 
ATOM   487  C  C   . HIS A 1 75  ? 1.363   -9.698  -9.911  1.00 40.33 ? 214 HIS A C   1 
ATOM   488  O  O   . HIS A 1 75  ? 0.346   -9.577  -10.593 1.00 40.87 ? 214 HIS A O   1 
ATOM   489  C  CB  . HIS A 1 75  ? 1.520   -11.693 -8.420  1.00 43.25 ? 214 HIS A CB  1 
ATOM   490  C  CG  . HIS A 1 75  ? 1.372   -13.184 -8.476  1.00 45.74 ? 214 HIS A CG  1 
ATOM   491  N  ND1 . HIS A 1 75  ? 1.004   -13.940 -7.379  1.00 47.29 ? 214 HIS A ND1 1 
ATOM   492  C  CD2 . HIS A 1 75  ? 1.537   -14.062 -9.493  1.00 46.96 ? 214 HIS A CD2 1 
ATOM   493  C  CE1 . HIS A 1 75  ? 0.948   -15.215 -7.717  1.00 46.31 ? 214 HIS A CE1 1 
ATOM   494  N  NE2 . HIS A 1 75  ? 1.267   -15.314 -8.996  1.00 48.77 ? 214 HIS A NE2 1 
ATOM   495  N  N   . ILE A 1 76  ? 1.964   -8.678  -9.294  1.00 35.32 ? 215 ILE A N   1 
ATOM   496  C  CA  . ILE A 1 76  ? 1.448   -7.322  -9.371  1.00 30.71 ? 215 ILE A CA  1 
ATOM   497  C  C   . ILE A 1 76  ? 2.547   -6.259  -9.465  1.00 27.94 ? 215 ILE A C   1 
ATOM   498  O  O   . ILE A 1 76  ? 2.269   -5.047  -9.388  1.00 23.60 ? 215 ILE A O   1 
ATOM   499  C  CB  . ILE A 1 76  ? 0.496   -6.995  -8.173  1.00 31.37 ? 215 ILE A CB  1 
ATOM   500  C  CG1 . ILE A 1 76  ? 1.183   -7.257  -6.827  1.00 29.43 ? 215 ILE A CG1 1 
ATOM   501  C  CG2 . ILE A 1 76  ? -0.769  -7.819  -8.272  1.00 31.94 ? 215 ILE A CG2 1 
ATOM   502  C  CD1 . ILE A 1 76  ? 2.238   -6.221  -6.428  1.00 28.75 ? 215 ILE A CD1 1 
ATOM   503  N  N   . ILE A 1 77  ? 3.786   -6.726  -9.574  1.00 28.24 ? 216 ILE A N   1 
ATOM   504  C  CA  . ILE A 1 77  ? 4.956   -5.869  -9.688  1.00 30.48 ? 216 ILE A CA  1 
ATOM   505  C  C   . ILE A 1 77  ? 4.846   -5.174  -11.030 1.00 32.26 ? 216 ILE A C   1 
ATOM   506  O  O   . ILE A 1 77  ? 4.804   -5.843  -12.074 1.00 30.82 ? 216 ILE A O   1 
ATOM   507  C  CB  . ILE A 1 77  ? 6.264   -6.691  -9.697  1.00 33.63 ? 216 ILE A CB  1 
ATOM   508  C  CG1 . ILE A 1 77  ? 6.513   -7.285  -8.322  1.00 34.96 ? 216 ILE A CG1 1 
ATOM   509  C  CG2 . ILE A 1 77  ? 7.462   -5.824  -10.184 1.00 35.50 ? 216 ILE A CG2 1 
ATOM   510  C  CD1 . ILE A 1 77  ? 6.587   -6.250  -7.199  1.00 33.30 ? 216 ILE A CD1 1 
ATOM   511  N  N   . GLY A 1 78  ? 4.734   -3.848  -10.977 1.00 33.34 ? 217 GLY A N   1 
ATOM   512  C  CA  . GLY A 1 78  ? 4.636   -3.030  -12.172 1.00 35.00 ? 217 GLY A CA  1 
ATOM   513  C  C   . GLY A 1 78  ? 3.339   -3.142  -12.941 1.00 36.79 ? 217 GLY A C   1 
ATOM   514  O  O   . GLY A 1 78  ? 3.303   -2.736  -14.102 1.00 35.82 ? 217 GLY A O   1 
ATOM   515  N  N   . ILE A 1 79  ? 2.272   -3.604  -12.280 1.00 38.31 ? 218 ILE A N   1 
ATOM   516  C  CA  . ILE A 1 79  ? 0.953   -3.796  -12.903 1.00 40.23 ? 218 ILE A CA  1 
ATOM   517  C  C   . ILE A 1 79  ? -0.112  -2.697  -12.727 1.00 39.44 ? 218 ILE A C   1 
ATOM   518  O  O   . ILE A 1 79  ? -0.805  -2.344  -13.691 1.00 42.03 ? 218 ILE A O   1 
ATOM   519  C  CB  . ILE A 1 79  ? 0.341   -5.157  -12.465 1.00 42.08 ? 218 ILE A CB  1 
ATOM   520  C  CG1 . ILE A 1 79  ? 1.213   -6.297  -12.977 1.00 43.86 ? 218 ILE A CG1 1 
ATOM   521  C  CG2 . ILE A 1 79  ? -1.082  -5.326  -12.998 1.00 43.47 ? 218 ILE A CG2 1 
ATOM   522  C  CD1 . ILE A 1 79  ? 1.473   -6.244  -14.479 1.00 46.09 ? 218 ILE A CD1 1 
ATOM   523  N  N   . GLY A 1 80  ? -0.288  -2.194  -11.509 1.00 37.67 ? 219 GLY A N   1 
ATOM   524  C  CA  . GLY A 1 80  ? -1.294  -1.163  -11.269 1.00 33.66 ? 219 GLY A CA  1 
ATOM   525  C  C   . GLY A 1 80  ? -2.691  -1.737  -11.082 1.00 31.30 ? 219 GLY A C   1 
ATOM   526  O  O   . GLY A 1 80  ? -3.218  -2.328  -12.002 1.00 32.55 ? 219 GLY A O   1 
ATOM   527  N  N   . ARG A 1 81  ? -3.305  -1.575  -9.912  1.00 29.71 ? 220 ARG A N   1 
ATOM   528  C  CA  . ARG A 1 81  ? -4.655  -2.109  -9.681  1.00 27.59 ? 220 ARG A CA  1 
ATOM   529  C  C   . ARG A 1 81  ? -5.381  -1.469  -8.507  1.00 25.68 ? 220 ARG A C   1 
ATOM   530  O  O   . ARG A 1 81  ? -4.805  -0.658  -7.796  1.00 25.49 ? 220 ARG A O   1 
ATOM   531  C  CB  . ARG A 1 81  ? -4.611  -3.621  -9.489  1.00 29.03 ? 220 ARG A CB  1 
ATOM   532  C  CG  . ARG A 1 81  ? -3.938  -4.022  -8.203  1.00 33.30 ? 220 ARG A CG  1 
ATOM   533  C  CD  . ARG A 1 81  ? -3.552  -5.465  -8.187  1.00 33.19 ? 220 ARG A CD  1 
ATOM   534  N  NE  . ARG A 1 81  ? -3.221  -5.896  -6.825  1.00 37.00 ? 220 ARG A NE  1 
ATOM   535  C  CZ  . ARG A 1 81  ? -2.186  -5.449  -6.115  1.00 36.87 ? 220 ARG A CZ  1 
ATOM   536  N  NH1 . ARG A 1 81  ? -1.351  -4.546  -6.618  1.00 37.43 ? 220 ARG A NH1 1 
ATOM   537  N  NH2 . ARG A 1 81  ? -1.996  -5.895  -4.885  1.00 36.59 ? 220 ARG A NH2 1 
ATOM   538  N  N   . ILE A 1 82  ? -6.665  -1.788  -8.342  1.00 22.51 ? 221 ILE A N   1 
ATOM   539  C  CA  . ILE A 1 82  ? -7.472  -1.220  -7.255  1.00 21.49 ? 221 ILE A CA  1 
ATOM   540  C  C   . ILE A 1 82  ? -7.672  -2.198  -6.086  1.00 19.43 ? 221 ILE A C   1 
ATOM   541  O  O   . ILE A 1 82  ? -8.030  -3.354  -6.275  1.00 18.16 ? 221 ILE A O   1 
ATOM   542  C  CB  . ILE A 1 82  ? -8.850  -0.742  -7.783  1.00 22.11 ? 221 ILE A CB  1 
ATOM   543  C  CG1 . ILE A 1 82  ? -8.642  0.337   -8.867  1.00 21.84 ? 221 ILE A CG1 1 
ATOM   544  C  CG2 . ILE A 1 82  ? -9.758  -0.272  -6.633  1.00 19.36 ? 221 ILE A CG2 1 
ATOM   545  C  CD1 . ILE A 1 82  ? -9.955  0.910   -9.453  1.00 22.81 ? 221 ILE A CD1 1 
ATOM   546  N  N   . VAL A 1 83  ? -7.363  -1.739  -4.882  1.00 18.94 ? 222 VAL A N   1 
ATOM   547  C  CA  . VAL A 1 83  ? -7.513  -2.561  -3.690  1.00 16.75 ? 222 VAL A CA  1 
ATOM   548  C  C   . VAL A 1 83  ? -8.132  -1.682  -2.646  1.00 14.36 ? 222 VAL A C   1 
ATOM   549  O  O   . VAL A 1 83  ? -8.341  -0.505  -2.873  1.00 14.02 ? 222 VAL A O   1 
ATOM   550  C  CB  . VAL A 1 83  ? -6.135  -3.048  -3.070  1.00 14.15 ? 222 VAL A CB  1 
ATOM   551  C  CG1 . VAL A 1 83  ? -5.420  -4.016  -3.988  1.00 10.62 ? 222 VAL A CG1 1 
ATOM   552  C  CG2 . VAL A 1 83  ? -5.244  -1.848  -2.684  1.00 11.79 ? 222 VAL A CG2 1 
ATOM   553  N  N   . THR A 1 84  ? -8.433  -2.276  -1.517  1.00 13.81 ? 223 THR A N   1 
ATOM   554  C  CA  . THR A 1 84  ? -8.974  -1.561  -0.371  1.00 17.33 ? 223 THR A CA  1 
ATOM   555  C  C   . THR A 1 84  ? -7.845  -1.441  0.674   1.00 14.86 ? 223 THR A C   1 
ATOM   556  O  O   . THR A 1 84  ? -7.177  -2.415  0.981   1.00 14.38 ? 223 THR A O   1 
ATOM   557  C  CB  . THR A 1 84  ? -10.087 -2.380  0.268   1.00 17.45 ? 223 THR A CB  1 
ATOM   558  O  OG1 . THR A 1 84  ? -11.090 -2.644  -0.717  1.00 22.08 ? 223 THR A OG1 1 
ATOM   559  C  CG2 . THR A 1 84  ? -10.646 -1.655  1.476   1.00 10.45 ? 223 THR A CG2 1 
ATOM   560  N  N   . GLY A 1 85  ? -7.615  -0.238  1.140   1.00 16.09 ? 224 GLY A N   1 
ATOM   561  C  CA  . GLY A 1 85  ? -6.617  0.027   2.142   1.00 18.14 ? 224 GLY A CA  1 
ATOM   562  C  C   . GLY A 1 85  ? -7.398  0.406   3.391   1.00 19.72 ? 224 GLY A C   1 
ATOM   563  O  O   . GLY A 1 85  ? -8.615  0.708   3.300   1.00 15.82 ? 224 GLY A O   1 
ATOM   564  N  N   . LYS A 1 86  ? -6.668  0.585   4.494   1.00 19.94 ? 225 LYS A N   1 
ATOM   565  C  CA  . LYS A 1 86  ? -7.257  0.875   5.802   1.00 21.80 ? 225 LYS A CA  1 
ATOM   566  C  C   . LYS A 1 86  ? -6.554  2.064   6.478   1.00 22.04 ? 225 LYS A C   1 
ATOM   567  O  O   . LYS A 1 86  ? -5.316  2.125   6.517   1.00 24.65 ? 225 LYS A O   1 
ATOM   568  C  CB  . LYS A 1 86  ? -7.113  -0.409  6.648   1.00 20.50 ? 225 LYS A CB  1 
ATOM   569  C  CG  . LYS A 1 86  ? -7.913  -0.545  7.929   1.00 19.23 ? 225 LYS A CG  1 
ATOM   570  C  CD  . LYS A 1 86  ? -7.187  -1.532  8.859   1.00 23.73 ? 225 LYS A CD  1 
ATOM   571  C  CE  . LYS A 1 86  ? -7.910  -1.764  10.175  1.00 30.20 ? 225 LYS A CE  1 
ATOM   572  N  NZ  . LYS A 1 86  ? -8.867  -2.958  10.115  1.00 35.12 ? 225 LYS A NZ  1 
ATOM   573  N  N   . ARG A 1 87  ? -7.324  3.046   6.945   1.00 23.13 ? 226 ARG A N   1 
ATOM   574  C  CA  . ARG A 1 87  ? -6.728  4.219   7.597   1.00 22.99 ? 226 ARG A CA  1 
ATOM   575  C  C   . ARG A 1 87  ? -6.562  3.925   9.074   1.00 23.48 ? 226 ARG A C   1 
ATOM   576  O  O   . ARG A 1 87  ? -7.108  2.974   9.595   1.00 20.37 ? 226 ARG A O   1 
ATOM   577  C  CB  . ARG A 1 87  ? -7.583  5.483   7.466   1.00 24.91 ? 226 ARG A CB  1 
ATOM   578  C  CG  . ARG A 1 87  ? -8.061  5.847   6.089   1.00 27.98 ? 226 ARG A CG  1 
ATOM   579  C  CD  . ARG A 1 87  ? -9.008  7.059   6.166   1.00 31.50 ? 226 ARG A CD  1 
ATOM   580  N  NE  . ARG A 1 87  ? -9.965  7.012   5.061   1.00 36.05 ? 226 ARG A NE  1 
ATOM   581  C  CZ  . ARG A 1 87  ? -9.890  7.794   3.990   1.00 39.78 ? 226 ARG A CZ  1 
ATOM   582  N  NH1 . ARG A 1 87  ? -8.913  8.700   3.909   1.00 37.60 ? 226 ARG A NH1 1 
ATOM   583  N  NH2 . ARG A 1 87  ? -10.714 7.591   2.956   1.00 39.89 ? 226 ARG A NH2 1 
ATOM   584  N  N   . ARG A 1 88  ? -5.886  4.827   9.767   1.00 25.75 ? 227 ARG A N   1 
ATOM   585  C  CA  . ARG A 1 88  ? -5.620  4.660   11.175  1.00 26.49 ? 227 ARG A CA  1 
ATOM   586  C  C   . ARG A 1 88  ? -6.896  4.490   12.019  1.00 27.58 ? 227 ARG A C   1 
ATOM   587  O  O   . ARG A 1 88  ? -6.946  3.622   12.883  1.00 27.64 ? 227 ARG A O   1 
ATOM   588  C  CB  . ARG A 1 88  ? -4.790  5.830   11.661  1.00 27.11 ? 227 ARG A CB  1 
ATOM   589  C  CG  . ARG A 1 88  ? -4.475  5.743   13.120  1.00 27.43 ? 227 ARG A CG  1 
ATOM   590  C  CD  . ARG A 1 88  ? -3.608  6.843   13.564  1.00 24.99 ? 227 ARG A CD  1 
ATOM   591  N  NE  . ARG A 1 88  ? -2.915  6.440   14.774  1.00 29.07 ? 227 ARG A NE  1 
ATOM   592  C  CZ  . ARG A 1 88  ? -2.027  7.195   15.407  1.00 32.76 ? 227 ARG A CZ  1 
ATOM   593  N  NH1 . ARG A 1 88  ? -1.716  8.405   14.925  1.00 36.43 ? 227 ARG A NH1 1 
ATOM   594  N  NH2 . ARG A 1 88  ? -1.479  6.755   16.535  1.00 28.85 ? 227 ARG A NH2 1 
ATOM   595  N  N   . ASP A 1 89  ? -7.944  5.258   11.705  1.00 28.13 ? 228 ASP A N   1 
ATOM   596  C  CA  . ASP A 1 89  ? -9.220  5.183   12.432  1.00 28.01 ? 228 ASP A CA  1 
ATOM   597  C  C   . ASP A 1 89  ? -10.059 3.948   12.116  1.00 26.75 ? 228 ASP A C   1 
ATOM   598  O  O   . ASP A 1 89  ? -11.226 3.889   12.453  1.00 29.23 ? 228 ASP A O   1 
ATOM   599  C  CB  . ASP A 1 89  ? -10.067 6.444   12.210  1.00 30.01 ? 228 ASP A CB  1 
ATOM   600  C  CG  . ASP A 1 89  ? -10.464 6.653   10.755  1.00 33.45 ? 228 ASP A CG  1 
ATOM   601  O  OD1 . ASP A 1 89  ? -10.405 5.707   9.946   1.00 38.16 ? 228 ASP A OD1 1 
ATOM   602  O  OD2 . ASP A 1 89  ? -10.826 7.788   10.402  1.00 34.49 ? 228 ASP A OD2 1 
ATOM   603  N  N   . GLY A 1 90  ? -9.493  2.990   11.403  1.00 24.73 ? 229 GLY A N   1 
ATOM   604  C  CA  . GLY A 1 90  ? -10.247 1.794   11.104  1.00 23.84 ? 229 GLY A CA  1 
ATOM   605  C  C   . GLY A 1 90  ? -11.091 1.823   9.834   1.00 24.56 ? 229 GLY A C   1 
ATOM   606  O  O   . GLY A 1 90  ? -11.621 0.780   9.473   1.00 22.93 ? 229 GLY A O   1 
ATOM   607  N  N   . THR A 1 91  ? -11.247 2.981   9.176   1.00 22.58 ? 230 THR A N   1 
ATOM   608  C  CA  . THR A 1 91  ? -12.029 3.048   7.939   1.00 25.89 ? 230 THR A CA  1 
ATOM   609  C  C   . THR A 1 91  ? -11.299 2.475   6.723   1.00 25.76 ? 230 THR A C   1 
ATOM   610  O  O   . THR A 1 91  ? -10.069 2.540   6.623   1.00 26.76 ? 230 THR A O   1 
ATOM   611  C  CB  . THR A 1 91  ? -12.557 4.484   7.611   1.00 25.40 ? 230 THR A CB  1 
ATOM   612  O  OG1 . THR A 1 91  ? -11.467 5.389   7.404   1.00 26.44 ? 230 THR A OG1 1 
ATOM   613  C  CG2 . THR A 1 91  ? -13.420 4.987   8.756   1.00 26.35 ? 230 THR A CG2 1 
ATOM   614  N  N   . THR A 1 92  ? -12.049 1.792   5.871   1.00 26.41 ? 231 THR A N   1 
ATOM   615  C  CA  . THR A 1 92  ? -11.465 1.200   4.680   1.00 26.92 ? 231 THR A CA  1 
ATOM   616  C  C   . THR A 1 92  ? -11.782 2.111   3.484   1.00 27.13 ? 231 THR A C   1 
ATOM   617  O  O   . THR A 1 92  ? -12.649 2.983   3.573   1.00 26.50 ? 231 THR A O   1 
ATOM   618  C  CB  . THR A 1 92  ? -12.011 -0.207  4.462   1.00 27.83 ? 231 THR A CB  1 
ATOM   619  O  OG1 . THR A 1 92  ? -13.429 -0.175  4.653   1.00 31.58 ? 231 THR A OG1 1 
ATOM   620  C  CG2 . THR A 1 92  ? -11.393 -1.198  5.470   1.00 26.99 ? 231 THR A CG2 1 
ATOM   621  N  N   . PHE A 1 93  ? -11.042 1.953   2.387   1.00 25.41 ? 232 PHE A N   1 
ATOM   622  C  CA  . PHE A 1 93  ? -11.258 2.793   1.214   1.00 22.03 ? 232 PHE A CA  1 
ATOM   623  C  C   . PHE A 1 93  ? -10.555 2.185   0.006   1.00 21.25 ? 232 PHE A C   1 
ATOM   624  O  O   . PHE A 1 93  ? -9.540  1.507   0.159   1.00 23.09 ? 232 PHE A O   1 
ATOM   625  C  CB  . PHE A 1 93  ? -10.707 4.198   1.475   1.00 20.31 ? 232 PHE A CB  1 
ATOM   626  C  CG  . PHE A 1 93  ? -9.184  4.268   1.555   1.00 16.76 ? 232 PHE A CG  1 
ATOM   627  C  CD1 . PHE A 1 93  ? -8.511  3.935   2.730   1.00 17.37 ? 232 PHE A CD1 1 
ATOM   628  C  CD2 . PHE A 1 93  ? -8.438  4.694   0.459   1.00 16.03 ? 232 PHE A CD2 1 
ATOM   629  C  CE1 . PHE A 1 93  ? -7.105  4.033   2.812   1.00 14.27 ? 232 PHE A CE1 1 
ATOM   630  C  CE2 . PHE A 1 93  ? -7.042  4.798   0.529   1.00 17.91 ? 232 PHE A CE2 1 
ATOM   631  C  CZ  . PHE A 1 93  ? -6.377  4.456   1.736   1.00 15.31 ? 232 PHE A CZ  1 
ATOM   632  N  N   . PRO A 1 94  ? -11.086 2.415   -1.210  1.00 19.51 ? 233 PRO A N   1 
ATOM   633  C  CA  . PRO A 1 94  ? -10.444 1.858   -2.402  1.00 16.26 ? 233 PRO A CA  1 
ATOM   634  C  C   . PRO A 1 94  ? -9.341  2.798   -2.837  1.00 15.16 ? 233 PRO A C   1 
ATOM   635  O  O   . PRO A 1 94  ? -9.420  4.031   -2.698  1.00 12.68 ? 233 PRO A O   1 
ATOM   636  C  CB  . PRO A 1 94  ? -11.582 1.834   -3.439  1.00 15.69 ? 233 PRO A CB  1 
ATOM   637  C  CG  . PRO A 1 94  ? -12.361 3.068   -3.088  1.00 15.87 ? 233 PRO A CG  1 
ATOM   638  C  CD  . PRO A 1 94  ? -12.324 3.151   -1.564  1.00 20.39 ? 233 PRO A CD  1 
ATOM   639  N  N   . MET A 1 95  ? -8.306  2.227   -3.405  1.00 14.75 ? 234 MET A N   1 
ATOM   640  C  CA  . MET A 1 95  ? -7.208  3.052   -3.845  1.00 16.74 ? 234 MET A CA  1 
ATOM   641  C  C   . MET A 1 95  ? -6.562  2.322   -4.968  1.00 15.71 ? 234 MET A C   1 
ATOM   642  O  O   . MET A 1 95  ? -6.643  1.102   -5.023  1.00 15.24 ? 234 MET A O   1 
ATOM   643  C  CB  . MET A 1 95  ? -6.204  3.258   -2.695  1.00 13.55 ? 234 MET A CB  1 
ATOM   644  C  CG  . MET A 1 95  ? -5.845  1.951   -1.986  1.00 20.95 ? 234 MET A CG  1 
ATOM   645  S  SD  . MET A 1 95  ? -4.650  2.058   -0.562  1.00 19.86 ? 234 MET A SD  1 
ATOM   646  C  CE  . MET A 1 95  ? -3.176  1.368   -1.318  1.00 12.36 ? 234 MET A CE  1 
ATOM   647  N  N   . HIS A 1 96  ? -6.027  3.076   -5.922  1.00 16.41 ? 235 HIS A N   1 
ATOM   648  C  CA  . HIS A 1 96  ? -5.289  2.472   -7.031  1.00 18.13 ? 235 HIS A CA  1 
ATOM   649  C  C   . HIS A 1 96  ? -3.868  2.351   -6.459  1.00 17.11 ? 235 HIS A C   1 
ATOM   650  O  O   . HIS A 1 96  ? -3.389  3.291   -5.831  1.00 17.39 ? 235 HIS A O   1 
ATOM   651  C  CB  . HIS A 1 96  ? -5.278  3.390   -8.274  1.00 17.60 ? 235 HIS A CB  1 
ATOM   652  C  CG  . HIS A 1 96  ? -4.493  2.832   -9.427  1.00 20.14 ? 235 HIS A CG  1 
ATOM   653  N  ND1 . HIS A 1 96  ? -3.129  3.000   -9.548  1.00 20.85 ? 235 HIS A ND1 1 
ATOM   654  C  CD2 . HIS A 1 96  ? -4.870  2.047   -10.472 1.00 16.55 ? 235 HIS A CD2 1 
ATOM   655  C  CE1 . HIS A 1 96  ? -2.689  2.329   -10.604 1.00 21.87 ? 235 HIS A CE1 1 
ATOM   656  N  NE2 . HIS A 1 96  ? -3.730  1.741   -11.182 1.00 19.84 ? 235 HIS A NE2 1 
ATOM   657  N  N   . LEU A 1 97  ? -3.194  1.237   -6.735  1.00 17.82 ? 236 LEU A N   1 
ATOM   658  C  CA  . LEU A 1 97  ? -1.855  0.953   -6.226  1.00 17.35 ? 236 LEU A CA  1 
ATOM   659  C  C   . LEU A 1 97  ? -0.910  0.429   -7.301  1.00 15.21 ? 236 LEU A C   1 
ATOM   660  O  O   . LEU A 1 97  ? -1.292  -0.418  -8.105  1.00 13.18 ? 236 LEU A O   1 
ATOM   661  C  CB  . LEU A 1 97  ? -1.971  -0.109  -5.107  1.00 19.92 ? 236 LEU A CB  1 
ATOM   662  C  CG  . LEU A 1 97  ? -0.681  -0.601  -4.438  1.00 23.28 ? 236 LEU A CG  1 
ATOM   663  C  CD1 . LEU A 1 97  ? -0.066  0.534   -3.631  1.00 23.60 ? 236 LEU A CD1 1 
ATOM   664  C  CD2 . LEU A 1 97  ? -0.986  -1.831  -3.526  1.00 20.84 ? 236 LEU A CD2 1 
ATOM   665  N  N   . SER A 1 98  ? 0.299   0.987   -7.356  1.00 13.94 ? 237 SER A N   1 
ATOM   666  C  CA  . SER A 1 98  ? 1.299   0.542   -8.317  1.00 14.76 ? 237 SER A CA  1 
ATOM   667  C  C   . SER A 1 98  ? 2.541   0.246   -7.532  1.00 10.51 ? 237 SER A C   1 
ATOM   668  O  O   . SER A 1 98  ? 3.026   1.082   -6.781  1.00 11.45 ? 237 SER A O   1 
ATOM   669  C  CB  . SER A 1 98  ? 1.618   1.627   -9.336  1.00 18.70 ? 237 SER A CB  1 
ATOM   670  O  OG  . SER A 1 98  ? 0.423   2.166   -9.865  1.00 27.15 ? 237 SER A OG  1 
ATOM   671  N  N   . ILE A 1 99  ? 3.004   -0.975  -7.631  1.00 11.39 ? 238 ILE A N   1 
ATOM   672  C  CA  . ILE A 1 99  ? 4.200   -1.364  -6.920  1.00 14.33 ? 238 ILE A CA  1 
ATOM   673  C  C   . ILE A 1 99  ? 5.350   -1.375  -7.885  1.00 15.29 ? 238 ILE A C   1 
ATOM   674  O  O   . ILE A 1 99  ? 5.214   -1.890  -8.992  1.00 17.79 ? 238 ILE A O   1 
ATOM   675  C  CB  . ILE A 1 99  ? 4.032   -2.754  -6.291  1.00 13.27 ? 238 ILE A CB  1 
ATOM   676  C  CG1 . ILE A 1 99  ? 2.796   -2.742  -5.401  1.00 8.05  ? 238 ILE A CG1 1 
ATOM   677  C  CG2 . ILE A 1 99  ? 5.269   -3.168  -5.537  1.00 11.12 ? 238 ILE A CG2 1 
ATOM   678  C  CD1 . ILE A 1 99  ? 2.900   -1.857  -4.244  1.00 15.16 ? 238 ILE A CD1 1 
ATOM   679  N  N   . GLY A 1 100 ? 6.461   -0.779  -7.463  1.00 15.28 ? 239 GLY A N   1 
ATOM   680  C  CA  . GLY A 1 100 ? 7.673   -0.742  -8.265  1.00 16.45 ? 239 GLY A CA  1 
ATOM   681  C  C   . GLY A 1 100 ? 8.773   -1.429  -7.436  1.00 17.59 ? 239 GLY A C   1 
ATOM   682  O  O   . GLY A 1 100 ? 8.747   -1.397  -6.180  1.00 16.24 ? 239 GLY A O   1 
ATOM   683  N  N   . GLU A 1 101 ? 9.728   -2.050  -8.108  1.00 15.00 ? 240 GLU A N   1 
ATOM   684  C  CA  . GLU A 1 101 ? 10.782  -2.766  -7.400  1.00 17.07 ? 240 GLU A CA  1 
ATOM   685  C  C   . GLU A 1 101 ? 12.131  -2.096  -7.595  1.00 15.34 ? 240 GLU A C   1 
ATOM   686  O  O   . GLU A 1 101 ? 12.466  -1.634  -8.697  1.00 12.41 ? 240 GLU A O   1 
ATOM   687  C  CB  . GLU A 1 101 ? 10.834  -4.211  -7.900  1.00 19.21 ? 240 GLU A CB  1 
ATOM   688  C  CG  . GLU A 1 101 ? 11.728  -5.152  -7.058  1.00 24.12 ? 240 GLU A CG  1 
ATOM   689  C  CD  . GLU A 1 101 ? 11.657  -6.604  -7.552  1.00 23.19 ? 240 GLU A CD  1 
ATOM   690  O  OE1 . GLU A 1 101 ? 10.970  -6.867  -8.548  1.00 26.34 ? 240 GLU A OE1 1 
ATOM   691  O  OE2 . GLU A 1 101 ? 12.328  -7.473  -6.973  1.00 28.19 ? 240 GLU A OE2 1 
ATOM   692  N  N   . MET A 1 102 ? 12.909  -2.073  -6.527  1.00 16.88 ? 241 MET A N   1 
ATOM   693  C  CA  . MET A 1 102 ? 14.231  -1.452  -6.543  1.00 21.20 ? 241 MET A CA  1 
ATOM   694  C  C   . MET A 1 102 ? 15.194  -2.262  -5.682  1.00 23.38 ? 241 MET A C   1 
ATOM   695  O  O   . MET A 1 102 ? 14.777  -3.174  -4.928  1.00 21.98 ? 241 MET A O   1 
ATOM   696  C  CB  . MET A 1 102 ? 14.142  -0.030  -5.960  1.00 23.25 ? 241 MET A CB  1 
ATOM   697  C  CG  . MET A 1 102 ? 13.467  0.971   -6.834  1.00 20.71 ? 241 MET A CG  1 
ATOM   698  S  SD  . MET A 1 102 ? 12.897  2.384   -5.883  1.00 25.93 ? 241 MET A SD  1 
ATOM   699  C  CE  . MET A 1 102 ? 12.444  1.609   -4.353  1.00 29.16 ? 241 MET A CE  1 
ATOM   700  N  N   . GLN A 1 103 ? 16.469  -1.914  -5.796  1.00 26.79 ? 242 GLN A N   1 
ATOM   701  C  CA  . GLN A 1 103 ? 17.541  -2.558  -5.031  1.00 31.24 ? 242 GLN A CA  1 
ATOM   702  C  C   . GLN A 1 103 ? 18.432  -1.454  -4.472  1.00 30.62 ? 242 GLN A C   1 
ATOM   703  O  O   . GLN A 1 103 ? 18.618  -0.436  -5.117  1.00 29.74 ? 242 GLN A O   1 
ATOM   704  C  CB  . GLN A 1 103 ? 18.395  -3.462  -5.920  1.00 34.45 ? 242 GLN A CB  1 
ATOM   705  C  CG  . GLN A 1 103 ? 17.658  -4.592  -6.613  1.00 39.28 ? 242 GLN A CG  1 
ATOM   706  C  CD  . GLN A 1 103 ? 18.009  -5.956  -6.037  1.00 43.15 ? 242 GLN A CD  1 
ATOM   707  O  OE1 . GLN A 1 103 ? 17.334  -6.446  -5.135  1.00 46.49 ? 242 GLN A OE1 1 
ATOM   708  N  NE2 . GLN A 1 103 ? 19.060  -6.583  -6.574  1.00 44.81 ? 242 GLN A NE2 1 
ATOM   709  N  N   . SER A 1 104 ? 18.926  -1.654  -3.257  1.00 33.20 ? 243 SER A N   1 
ATOM   710  C  CA  . SER A 1 104 ? 19.820  -0.716  -2.577  1.00 34.90 ? 243 SER A CA  1 
ATOM   711  C  C   . SER A 1 104 ? 20.535  -1.531  -1.498  1.00 34.84 ? 243 SER A C   1 
ATOM   712  O  O   . SER A 1 104 ? 19.917  -2.361  -0.844  1.00 34.18 ? 243 SER A O   1 
ATOM   713  C  CB  . SER A 1 104 ? 19.005  0.430   -1.964  1.00 39.07 ? 243 SER A CB  1 
ATOM   714  O  OG  . SER A 1 104 ? 19.809  1.331   -1.217  1.00 41.90 ? 243 SER A OG  1 
ATOM   715  N  N   . GLY A 1 105 ? 21.862  -1.379  -1.400  1.00 37.41 ? 244 GLY A N   1 
ATOM   716  C  CA  . GLY A 1 105 ? 22.657  -2.110  -0.411  1.00 33.01 ? 244 GLY A CA  1 
ATOM   717  C  C   . GLY A 1 105 ? 22.537  -3.615  -0.569  1.00 33.81 ? 244 GLY A C   1 
ATOM   718  O  O   . GLY A 1 105 ? 22.573  -4.359  0.416   1.00 36.01 ? 244 GLY A O   1 
ATOM   719  N  N   . GLY A 1 106 ? 22.341  -4.064  -1.800  1.00 32.85 ? 245 GLY A N   1 
ATOM   720  C  CA  . GLY A 1 106 ? 22.203  -5.490  -2.060  1.00 33.21 ? 245 GLY A CA  1 
ATOM   721  C  C   . GLY A 1 106 ? 20.851  -6.117  -1.742  1.00 34.81 ? 245 GLY A C   1 
ATOM   722  O  O   . GLY A 1 106 ? 20.589  -7.265  -2.147  1.00 35.55 ? 245 GLY A O   1 
ATOM   723  N  N   . GLU A 1 107 ? 19.975  -5.373  -1.064  1.00 34.00 ? 246 GLU A N   1 
ATOM   724  C  CA  . GLU A 1 107 ? 18.657  -5.883  -0.713  1.00 32.11 ? 246 GLU A CA  1 
ATOM   725  C  C   . GLU A 1 107 ? 17.473  -5.185  -1.406  1.00 30.13 ? 246 GLU A C   1 
ATOM   726  O  O   . GLU A 1 107 ? 17.518  -3.990  -1.734  1.00 26.97 ? 246 GLU A O   1 
ATOM   727  C  CB  . GLU A 1 107 ? 18.484  -5.860  0.812   1.00 38.34 ? 246 GLU A CB  1 
ATOM   728  C  CG  . GLU A 1 107 ? 19.580  -6.633  1.592   1.00 41.41 ? 246 GLU A CG  1 
ATOM   729  C  CD  . GLU A 1 107 ? 19.465  -8.157  1.492   1.00 46.23 ? 246 GLU A CD  1 
ATOM   730  O  OE1 . GLU A 1 107 ? 18.778  -8.683  0.582   1.00 47.99 ? 246 GLU A OE1 1 
ATOM   731  O  OE2 . GLU A 1 107 ? 20.074  -8.838  2.356   1.00 49.19 ? 246 GLU A OE2 1 
ATOM   732  N  N   . PRO A 1 108 ? 16.394  -5.952  -1.663  1.00 28.56 ? 247 PRO A N   1 
ATOM   733  C  CA  . PRO A 1 108 ? 15.188  -5.451  -2.315  1.00 26.37 ? 247 PRO A CA  1 
ATOM   734  C  C   . PRO A 1 108 ? 14.463  -4.396  -1.499  1.00 24.29 ? 247 PRO A C   1 
ATOM   735  O  O   . PRO A 1 108 ? 14.549  -4.358  -0.262  1.00 24.23 ? 247 PRO A O   1 
ATOM   736  C  CB  . PRO A 1 108 ? 14.334  -6.708  -2.451  1.00 27.26 ? 247 PRO A CB  1 
ATOM   737  C  CG  . PRO A 1 108 ? 14.702  -7.462  -1.168  1.00 26.89 ? 247 PRO A CG  1 
ATOM   738  C  CD  . PRO A 1 108 ? 16.204  -7.351  -1.237  1.00 27.80 ? 247 PRO A CD  1 
ATOM   739  N  N   . TYR A 1 109 ? 13.830  -3.488  -2.230  1.00 21.51 ? 248 TYR A N   1 
ATOM   740  C  CA  . TYR A 1 109 ? 13.024  -2.419  -1.676  1.00 17.94 ? 248 TYR A CA  1 
ATOM   741  C  C   . TYR A 1 109 ? 11.870  -2.350  -2.644  1.00 16.31 ? 248 TYR A C   1 
ATOM   742  O  O   . TYR A 1 109 ? 12.007  -2.756  -3.792  1.00 17.39 ? 248 TYR A O   1 
ATOM   743  C  CB  . TYR A 1 109 ? 13.794  -1.101  -1.627  1.00 17.19 ? 248 TYR A CB  1 
ATOM   744  C  CG  . TYR A 1 109 ? 14.751  -1.031  -0.468  1.00 17.62 ? 248 TYR A CG  1 
ATOM   745  C  CD1 . TYR A 1 109 ? 16.049  -1.544  -0.571  1.00 20.29 ? 248 TYR A CD1 1 
ATOM   746  C  CD2 . TYR A 1 109 ? 14.340  -0.524  0.770   1.00 17.89 ? 248 TYR A CD2 1 
ATOM   747  C  CE1 . TYR A 1 109 ? 16.920  -1.568  0.540   1.00 18.24 ? 248 TYR A CE1 1 
ATOM   748  C  CE2 . TYR A 1 109 ? 15.219  -0.525  1.896   1.00 16.94 ? 248 TYR A CE2 1 
ATOM   749  C  CZ  . TYR A 1 109 ? 16.494  -1.049  1.765   1.00 19.21 ? 248 TYR A CZ  1 
ATOM   750  O  OH  . TYR A 1 109 ? 17.352  -1.037  2.863   1.00 21.56 ? 248 TYR A OH  1 
ATOM   751  N  N   . PHE A 1 110 ? 10.699  -1.981  -2.156  1.00 14.72 ? 249 PHE A N   1 
ATOM   752  C  CA  . PHE A 1 110 ? 9.532   -1.886  -2.999  1.00 9.37  ? 249 PHE A CA  1 
ATOM   753  C  C   . PHE A 1 110 ? 8.978   -0.509  -2.690  1.00 7.39  ? 249 PHE A C   1 
ATOM   754  O  O   . PHE A 1 110 ? 9.152   -0.035  -1.572  1.00 4.43  ? 249 PHE A O   1 
ATOM   755  C  CB  . PHE A 1 110 ? 8.517   -3.019  -2.629  1.00 8.94  ? 249 PHE A CB  1 
ATOM   756  C  CG  . PHE A 1 110 ? 9.042   -4.425  -2.922  1.00 9.60  ? 249 PHE A CG  1 
ATOM   757  C  CD1 . PHE A 1 110 ? 9.142   -4.884  -4.247  1.00 6.78  ? 249 PHE A CD1 1 
ATOM   758  C  CD2 . PHE A 1 110 ? 9.509   -5.250  -1.901  1.00 8.13  ? 249 PHE A CD2 1 
ATOM   759  C  CE1 . PHE A 1 110 ? 9.703   -6.149  -4.534  1.00 9.66  ? 249 PHE A CE1 1 
ATOM   760  C  CE2 . PHE A 1 110 ? 10.076  -6.504  -2.168  1.00 5.96  ? 249 PHE A CE2 1 
ATOM   761  C  CZ  . PHE A 1 110 ? 10.181  -6.959  -3.484  1.00 7.84  ? 249 PHE A CZ  1 
ATOM   762  N  N   . THR A 1 111 ? 8.282   0.094   -3.667  1.00 4.37  ? 250 THR A N   1 
ATOM   763  C  CA  . THR A 1 111 ? 7.691   1.412   -3.559  1.00 3.19  ? 250 THR A CA  1 
ATOM   764  C  C   . THR A 1 111 ? 6.210   1.238   -3.970  1.00 3.30  ? 250 THR A C   1 
ATOM   765  O  O   . THR A 1 111 ? 5.825   0.372   -4.773  1.00 7.72  ? 250 THR A O   1 
ATOM   766  C  CB  . THR A 1 111 ? 8.487   2.446   -4.494  1.00 7.08  ? 250 THR A CB  1 
ATOM   767  O  OG1 . THR A 1 111 ? 9.870   2.388   -4.159  1.00 15.94 ? 250 THR A OG1 1 
ATOM   768  C  CG2 . THR A 1 111 ? 8.138   3.880   -4.286  1.00 7.13  ? 250 THR A CG2 1 
ATOM   769  N  N   . GLY A 1 112 ? 5.343   1.935   -3.293  1.00 2.69  ? 251 GLY A N   1 
ATOM   770  C  CA  . GLY A 1 112 ? 3.956   1.834   -3.646  1.00 7.56  ? 251 GLY A CA  1 
ATOM   771  C  C   . GLY A 1 112 ? 3.453   3.237   -3.807  1.00 8.94  ? 251 GLY A C   1 
ATOM   772  O  O   . GLY A 1 112 ? 3.749   4.079   -2.930  1.00 11.13 ? 251 GLY A O   1 
ATOM   773  N  N   . PHE A 1 113 ? 2.924   3.511   -5.008  1.00 7.19  ? 252 PHE A N   1 
ATOM   774  C  CA  . PHE A 1 113 ? 2.332   4.809   -5.335  1.00 10.18 ? 252 PHE A CA  1 
ATOM   775  C  C   . PHE A 1 113 ? 0.840   4.569   -5.199  1.00 8.03  ? 252 PHE A C   1 
ATOM   776  O  O   . PHE A 1 113 ? 0.299   3.593   -5.703  1.00 8.74  ? 252 PHE A O   1 
ATOM   777  C  CB  . PHE A 1 113 ? 2.728   5.230   -6.763  1.00 10.40 ? 252 PHE A CB  1 
ATOM   778  C  CG  . PHE A 1 113 ? 4.230   5.273   -6.971  1.00 11.83 ? 252 PHE A CG  1 
ATOM   779  C  CD1 . PHE A 1 113 ? 4.944   6.451   -6.770  1.00 12.76 ? 252 PHE A CD1 1 
ATOM   780  C  CD2 . PHE A 1 113 ? 4.936   4.128   -7.308  1.00 13.76 ? 252 PHE A CD2 1 
ATOM   781  C  CE1 . PHE A 1 113 ? 6.334   6.492   -6.909  1.00 8.28  ? 252 PHE A CE1 1 
ATOM   782  C  CE2 . PHE A 1 113 ? 6.340   4.161   -7.449  1.00 14.89 ? 252 PHE A CE2 1 
ATOM   783  C  CZ  . PHE A 1 113 ? 7.028   5.358   -7.243  1.00 9.37  ? 252 PHE A CZ  1 
ATOM   784  N  N   . VAL A 1 114 ? 0.192   5.424   -4.446  1.00 8.91  ? 253 VAL A N   1 
ATOM   785  C  CA  . VAL A 1 114 ? -1.215  5.256   -4.154  1.00 11.17 ? 253 VAL A CA  1 
ATOM   786  C  C   . VAL A 1 114 ? -2.002  6.477   -4.593  1.00 13.77 ? 253 VAL A C   1 
ATOM   787  O  O   . VAL A 1 114 ? -1.550  7.628   -4.425  1.00 18.06 ? 253 VAL A O   1 
ATOM   788  C  CB  . VAL A 1 114 ? -1.411  5.062   -2.609  1.00 8.98  ? 253 VAL A CB  1 
ATOM   789  C  CG1 . VAL A 1 114 ? -2.873  4.792   -2.261  1.00 14.18 ? 253 VAL A CG1 1 
ATOM   790  C  CG2 . VAL A 1 114 ? -0.592  3.933   -2.130  1.00 11.34 ? 253 VAL A CG2 1 
ATOM   791  N  N   . ARG A 1 115 ? -3.163  6.206   -5.168  1.00 14.09 ? 254 ARG A N   1 
ATOM   792  C  CA  . ARG A 1 115 ? -4.086  7.229   -5.612  1.00 15.97 ? 254 ARG A CA  1 
ATOM   793  C  C   . ARG A 1 115 ? -5.401  6.896   -4.940  1.00 15.90 ? 254 ARG A C   1 
ATOM   794  O  O   . ARG A 1 115 ? -5.976  5.830   -5.170  1.00 18.98 ? 254 ARG A O   1 
ATOM   795  C  CB  . ARG A 1 115 ? -4.242  7.201   -7.124  1.00 16.03 ? 254 ARG A CB  1 
ATOM   796  N  N   . ASP A 1 116 ? -5.841  7.790   -4.072  1.00 17.27 ? 255 ASP A N   1 
ATOM   797  C  CA  . ASP A 1 116 ? -7.071  7.613   -3.348  1.00 22.34 ? 255 ASP A CA  1 
ATOM   798  C  C   . ASP A 1 116 ? -8.232  7.668   -4.365  1.00 23.67 ? 255 ASP A C   1 
ATOM   799  O  O   . ASP A 1 116 ? -8.296  8.562   -5.196  1.00 26.58 ? 255 ASP A O   1 
ATOM   800  C  CB  . ASP A 1 116 ? -7.182  8.708   -2.269  1.00 21.97 ? 255 ASP A CB  1 
ATOM   801  C  CG  . ASP A 1 116 ? -8.446  8.597   -1.447  1.00 21.44 ? 255 ASP A CG  1 
ATOM   802  O  OD1 . ASP A 1 116 ? -8.988  7.485   -1.340  1.00 24.06 ? 255 ASP A OD1 1 
ATOM   803  O  OD2 . ASP A 1 116 ? -8.888  9.616   -0.885  1.00 23.34 ? 255 ASP A OD2 1 
ATOM   804  N  N   . LEU A 1 117 ? -9.169  6.739   -4.238  1.00 24.27 ? 256 LEU A N   1 
ATOM   805  C  CA  . LEU A 1 117 ? -10.292 6.634   -5.158  1.00 23.34 ? 256 LEU A CA  1 
ATOM   806  C  C   . LEU A 1 117 ? -11.658 6.690   -4.481  1.00 26.96 ? 256 LEU A C   1 
ATOM   807  O  O   . LEU A 1 117 ? -12.678 6.457   -5.143  1.00 26.78 ? 256 LEU A O   1 
ATOM   808  C  CB  . LEU A 1 117 ? -10.151 5.324   -5.931  1.00 19.03 ? 256 LEU A CB  1 
ATOM   809  C  CG  . LEU A 1 117 ? -9.782  5.264   -7.410  1.00 15.17 ? 256 LEU A CG  1 
ATOM   810  C  CD1 . LEU A 1 117 ? -8.957  6.436   -7.922  1.00 13.31 ? 256 LEU A CD1 1 
ATOM   811  C  CD2 . LEU A 1 117 ? -9.076  3.922   -7.655  1.00 14.37 ? 256 LEU A CD2 1 
ATOM   812  N  N   . THR A 1 118 ? -11.687 7.062   -3.193  1.00 28.42 ? 257 THR A N   1 
ATOM   813  C  CA  . THR A 1 118 ? -12.946 7.164   -2.440  1.00 31.53 ? 257 THR A CA  1 
ATOM   814  C  C   . THR A 1 118 ? -13.983 8.064   -3.095  1.00 32.30 ? 257 THR A C   1 
ATOM   815  O  O   . THR A 1 118 ? -15.175 7.727   -3.133  1.00 33.06 ? 257 THR A O   1 
ATOM   816  C  CB  . THR A 1 118 ? -12.762 7.751   -1.017  1.00 32.47 ? 257 THR A CB  1 
ATOM   817  O  OG1 . THR A 1 118 ? -11.425 8.221   -0.829  1.00 35.48 ? 257 THR A OG1 1 
ATOM   818  C  CG2 . THR A 1 118 ? -13.130 6.736   0.017   1.00 33.35 ? 257 THR A CG2 1 
ATOM   819  N  N   . GLU A 1 119 ? -13.532 9.226   -3.558  1.00 33.67 ? 258 GLU A N   1 
ATOM   820  C  CA  . GLU A 1 119 ? -14.402 10.204  -4.195  1.00 33.84 ? 258 GLU A CA  1 
ATOM   821  C  C   . GLU A 1 119 ? -15.022 9.586   -5.442  1.00 33.67 ? 258 GLU A C   1 
ATOM   822  O  O   . GLU A 1 119 ? -16.237 9.686   -5.640  1.00 34.01 ? 258 GLU A O   1 
ATOM   823  C  CB  . GLU A 1 119 ? -13.605 11.486  -4.505  1.00 36.90 ? 258 GLU A CB  1 
ATOM   824  C  CG  . GLU A 1 119 ? -14.411 12.634  -5.114  1.00 40.93 ? 258 GLU A CG  1 
ATOM   825  C  CD  . GLU A 1 119 ? -13.778 14.000  -4.869  1.00 42.72 ? 258 GLU A CD  1 
ATOM   826  O  OE1 . GLU A 1 119 ? -12.526 14.106  -4.917  1.00 40.96 ? 258 GLU A OE1 1 
ATOM   827  O  OE2 . GLU A 1 119 ? -14.547 14.970  -4.624  1.00 44.19 ? 258 GLU A OE2 1 
ATOM   828  N  N   . HIS A 1 120 ? -14.197 8.931   -6.265  1.00 32.54 ? 259 HIS A N   1 
ATOM   829  C  CA  . HIS A 1 120 ? -14.682 8.252   -7.484  1.00 30.69 ? 259 HIS A CA  1 
ATOM   830  C  C   . HIS A 1 120 ? -15.759 7.227   -7.134  1.00 28.54 ? 259 HIS A C   1 
ATOM   831  O  O   . HIS A 1 120 ? -16.768 7.144   -7.817  1.00 29.20 ? 259 HIS A O   1 
ATOM   832  C  CB  . HIS A 1 120 ? -13.558 7.481   -8.196  1.00 32.18 ? 259 HIS A CB  1 
ATOM   833  C  CG  . HIS A 1 120 ? -12.531 8.355   -8.848  1.00 34.89 ? 259 HIS A CG  1 
ATOM   834  N  ND1 . HIS A 1 120 ? -12.640 8.794   -10.150 1.00 37.96 ? 259 HIS A ND1 1 
ATOM   835  C  CD2 . HIS A 1 120 ? -11.375 8.873   -8.372  1.00 34.70 ? 259 HIS A CD2 1 
ATOM   836  C  CE1 . HIS A 1 120 ? -11.595 9.544   -10.454 1.00 35.99 ? 259 HIS A CE1 1 
ATOM   837  N  NE2 . HIS A 1 120 ? -10.812 9.606   -9.389  1.00 39.42 ? 259 HIS A NE2 1 
ATOM   838  N  N   . GLN A 1 121 ? -15.511 6.413   -6.108  1.00 26.58 ? 260 GLN A N   1 
ATOM   839  C  CA  . GLN A 1 121 ? -16.455 5.380   -5.689  1.00 25.79 ? 260 GLN A CA  1 
ATOM   840  C  C   . GLN A 1 121 ? -17.766 5.992   -5.167  1.00 26.19 ? 260 GLN A C   1 
ATOM   841  O  O   . GLN A 1 121 ? -18.835 5.429   -5.398  1.00 24.73 ? 260 GLN A O   1 
ATOM   842  C  CB  . GLN A 1 121 ? -15.810 4.438   -4.653  1.00 25.90 ? 260 GLN A CB  1 
ATOM   843  C  CG  . GLN A 1 121 ? -16.670 3.238   -4.245  1.00 29.97 ? 260 GLN A CG  1 
ATOM   844  C  CD  . GLN A 1 121 ? -16.065 2.419   -3.088  1.00 32.02 ? 260 GLN A CD  1 
ATOM   845  O  OE1 . GLN A 1 121 ? -15.772 2.956   -2.028  1.00 30.54 ? 260 GLN A OE1 1 
ATOM   846  N  NE2 . GLN A 1 121 ? -15.922 1.113   -3.289  1.00 29.92 ? 260 GLN A NE2 1 
ATOM   847  N  N   . GLN A 1 122 ? -17.669 7.156   -4.511  1.00 24.95 ? 261 GLN A N   1 
ATOM   848  C  CA  . GLN A 1 122 ? -18.830 7.875   -4.001  1.00 25.85 ? 261 GLN A CA  1 
ATOM   849  C  C   . GLN A 1 122 ? -19.685 8.379   -5.154  1.00 23.98 ? 261 GLN A C   1 
ATOM   850  O  O   . GLN A 1 122 ? -20.879 8.113   -5.216  1.00 24.97 ? 261 GLN A O   1 
ATOM   851  C  CB  . GLN A 1 122 ? -18.393 9.063   -3.127  1.00 30.28 ? 261 GLN A CB  1 
ATOM   852  C  CG  . GLN A 1 122 ? -17.985 8.729   -1.699  1.00 35.61 ? 261 GLN A CG  1 
ATOM   853  C  CD  . GLN A 1 122 ? -17.635 9.986   -0.898  1.00 39.10 ? 261 GLN A CD  1 
ATOM   854  O  OE1 . GLN A 1 122 ? -18.416 10.438  -0.067  1.00 41.83 ? 261 GLN A OE1 1 
ATOM   855  N  NE2 . GLN A 1 122 ? -16.476 10.579  -1.186  1.00 40.12 ? 261 GLN A NE2 1 
ATOM   856  N  N   . THR A 1 123 ? -19.053 9.079   -6.088  1.00 25.27 ? 262 THR A N   1 
ATOM   857  C  CA  . THR A 1 123 ? -19.725 9.622   -7.271  1.00 26.55 ? 262 THR A CA  1 
ATOM   858  C  C   . THR A 1 123 ? -20.425 8.500   -8.037  1.00 26.33 ? 262 THR A C   1 
ATOM   859  O  O   . THR A 1 123 ? -21.617 8.620   -8.388  1.00 24.46 ? 262 THR A O   1 
ATOM   860  C  CB  . THR A 1 123 ? -18.702 10.282  -8.224  1.00 27.41 ? 262 THR A CB  1 
ATOM   861  O  OG1 . THR A 1 123 ? -18.015 11.326  -7.538  1.00 29.33 ? 262 THR A OG1 1 
ATOM   862  C  CG2 . THR A 1 123 ? -19.394 10.859  -9.436  1.00 28.09 ? 262 THR A CG2 1 
ATOM   863  N  N   . GLN A 1 124 ? -19.699 7.393   -8.234  1.00 25.46 ? 263 GLN A N   1 
ATOM   864  C  CA  . GLN A 1 124 ? -20.222 6.231   -8.946  1.00 23.92 ? 263 GLN A CA  1 
ATOM   865  C  C   . GLN A 1 124 ? -21.412 5.671   -8.198  1.00 24.67 ? 263 GLN A C   1 
ATOM   866  O  O   . GLN A 1 124 ? -22.451 5.406   -8.809  1.00 21.56 ? 263 GLN A O   1 
ATOM   867  C  CB  . GLN A 1 124 ? -19.145 5.159   -9.100  1.00 26.38 ? 263 GLN A CB  1 
ATOM   868  C  CG  . GLN A 1 124 ? -19.467 4.075   -10.094 1.00 29.64 ? 263 GLN A CG  1 
ATOM   869  C  CD  . GLN A 1 124 ? -18.427 2.954   -10.142 1.00 30.63 ? 263 GLN A CD  1 
ATOM   870  O  OE1 . GLN A 1 124 ? -18.770 1.773   -9.979  1.00 30.32 ? 263 GLN A OE1 1 
ATOM   871  N  NE2 . GLN A 1 124 ? -17.163 3.312   -10.385 1.00 27.61 ? 263 GLN A NE2 1 
ATOM   872  N  N   . ALA A 1 125 ? -21.279 5.568   -6.868  1.00 23.71 ? 264 ALA A N   1 
ATOM   873  C  CA  . ALA A 1 125 ? -22.351 5.044   -6.023  1.00 24.84 ? 264 ALA A CA  1 
ATOM   874  C  C   . ALA A 1 125 ? -23.599 5.948   -6.054  1.00 25.49 ? 264 ALA A C   1 
ATOM   875  O  O   . ALA A 1 125 ? -24.720 5.470   -6.184  1.00 24.00 ? 264 ALA A O   1 
ATOM   876  C  CB  . ALA A 1 125 ? -21.855 4.876   -4.583  1.00 25.45 ? 264 ALA A CB  1 
ATOM   877  N  N   . ARG A 1 126 ? -23.381 7.250   -5.909  1.00 26.81 ? 265 ARG A N   1 
ATOM   878  C  CA  . ARG A 1 126 ? -24.455 8.226   -5.919  1.00 30.17 ? 265 ARG A CA  1 
ATOM   879  C  C   . ARG A 1 126 ? -25.192 8.179   -7.259  1.00 30.78 ? 265 ARG A C   1 
ATOM   880  O  O   . ARG A 1 126 ? -26.431 8.133   -7.293  1.00 28.51 ? 265 ARG A O   1 
ATOM   881  C  CB  . ARG A 1 126 ? -23.894 9.637   -5.672  1.00 30.90 ? 265 ARG A CB  1 
ATOM   882  C  CG  . ARG A 1 126 ? -24.961 10.715  -5.422  1.00 33.08 ? 265 ARG A CG  1 
ATOM   883  C  CD  . ARG A 1 126 ? -25.604 10.620  -4.025  1.00 34.16 ? 265 ARG A CD  1 
ATOM   884  N  NE  . ARG A 1 126 ? -26.509 11.753  -3.780  1.00 35.32 ? 265 ARG A NE  1 
ATOM   885  C  CZ  . ARG A 1 126 ? -27.701 11.668  -3.198  1.00 37.25 ? 265 ARG A CZ  1 
ATOM   886  N  NH1 . ARG A 1 126 ? -28.161 10.494  -2.770  1.00 39.26 ? 265 ARG A NH1 1 
ATOM   887  N  NH2 . ARG A 1 126 ? -28.466 12.751  -3.100  1.00 38.22 ? 265 ARG A NH2 1 
ATOM   888  N  N   . LEU A 1 127 ? -24.435 8.130   -8.358  1.00 30.82 ? 266 LEU A N   1 
ATOM   889  C  CA  . LEU A 1 127 ? -25.053 8.074   -9.674  1.00 32.37 ? 266 LEU A CA  1 
ATOM   890  C  C   . LEU A 1 127 ? -25.853 6.799   -9.837  1.00 34.74 ? 266 LEU A C   1 
ATOM   891  O  O   . LEU A 1 127 ? -26.833 6.762   -10.590 1.00 36.70 ? 266 LEU A O   1 
ATOM   892  C  CB  . LEU A 1 127 ? -24.018 8.167   -10.799 1.00 28.77 ? 266 LEU A CB  1 
ATOM   893  C  CG  . LEU A 1 127 ? -23.314 9.516   -10.930 1.00 29.67 ? 266 LEU A CG  1 
ATOM   894  C  CD1 . LEU A 1 127 ? -22.419 9.536   -12.185 1.00 27.82 ? 266 LEU A CD1 1 
ATOM   895  C  CD2 . LEU A 1 127 ? -24.378 10.638  -10.989 1.00 28.94 ? 266 LEU A CD2 1 
ATOM   896  N  N   . GLN A 1 128 ? -25.440 5.750   -9.137  1.00 36.96 ? 267 GLN A N   1 
ATOM   897  C  CA  . GLN A 1 128 ? -26.128 4.480   -9.237  1.00 39.21 ? 267 GLN A CA  1 
ATOM   898  C  C   . GLN A 1 128 ? -27.455 4.533   -8.505  1.00 39.09 ? 267 GLN A C   1 
ATOM   899  O  O   . GLN A 1 128 ? -28.490 4.161   -9.057  1.00 39.40 ? 267 GLN A O   1 
ATOM   900  C  CB  . GLN A 1 128 ? -25.265 3.361   -8.671  1.00 41.56 ? 267 GLN A CB  1 
ATOM   901  C  CG  . GLN A 1 128 ? -25.640 1.984   -9.176  1.00 46.12 ? 267 GLN A CG  1 
ATOM   902  C  CD  . GLN A 1 128 ? -25.071 0.883   -8.302  1.00 49.22 ? 267 GLN A CD  1 
ATOM   903  O  OE1 . GLN A 1 128 ? -25.752 0.359   -7.411  1.00 51.03 ? 267 GLN A OE1 1 
ATOM   904  N  NE2 . GLN A 1 128 ? -23.807 0.556   -8.516  1.00 51.25 ? 267 GLN A NE2 1 
ATOM   905  N  N   . GLU A 1 129 ? -27.425 5.046   -7.280  1.00 39.63 ? 268 GLU A N   1 
ATOM   906  C  CA  . GLU A 1 129 ? -28.625 5.132   -6.456  1.00 41.08 ? 268 GLU A CA  1 
ATOM   907  C  C   . GLU A 1 129 ? -29.686 6.122   -6.953  1.00 40.42 ? 268 GLU A C   1 
ATOM   908  O  O   . GLU A 1 129 ? -30.821 6.105   -6.479  1.00 40.54 ? 268 GLU A O   1 
ATOM   909  C  CB  . GLU A 1 129 ? -28.260 5.427   -4.999  1.00 41.38 ? 268 GLU A CB  1 
ATOM   910  C  CG  . GLU A 1 129 ? -27.943 6.873   -4.666  1.00 45.01 ? 268 GLU A CG  1 
ATOM   911  C  CD  . GLU A 1 129 ? -27.798 7.091   -3.171  1.00 44.73 ? 268 GLU A CD  1 
ATOM   912  O  OE1 . GLU A 1 129 ? -28.816 7.001   -2.457  1.00 45.63 ? 268 GLU A OE1 1 
ATOM   913  O  OE2 . GLU A 1 129 ? -26.660 7.317   -2.706  1.00 49.36 ? 268 GLU A OE2 1 
ATOM   914  N  N   . LEU A 1 130 ? -29.322 7.011   -7.867  1.00 39.57 ? 269 LEU A N   1 
ATOM   915  C  CA  . LEU A 1 130 ? -30.304 7.955   -8.377  1.00 40.58 ? 269 LEU A CA  1 
ATOM   916  C  C   . LEU A 1 130 ? -30.934 7.385   -9.651  1.00 39.60 ? 269 LEU A C   1 
ATOM   917  O  O   . LEU A 1 130 ? -31.083 8.083   -10.650 1.00 39.79 ? 269 LEU A O   1 
ATOM   918  C  CB  . LEU A 1 130 ? -29.683 9.337   -8.620  1.00 39.47 ? 269 LEU A CB  1 
ATOM   919  C  CG  . LEU A 1 130 ? -29.038 10.138  -7.469  1.00 39.20 ? 269 LEU A CG  1 
ATOM   920  C  CD1 . LEU A 1 130 ? -28.699 11.555  -7.957  1.00 39.49 ? 269 LEU A CD1 1 
ATOM   921  C  CD2 . LEU A 1 130 ? -29.945 10.242  -6.282  1.00 39.21 ? 269 LEU A CD2 1 
HETATM 922  C  C   . CYN B 2 .   ? 0.410   -4.866  -3.204  1.00 15.05 ? 500 CYN A C   1 
HETATM 923  N  N   . CYN B 2 .   ? 0.245   -4.510  -4.174  1.00 15.14 ? 500 CYN A N   1 
HETATM 924  C  CHA . HEM C 3 .   ? 1.634   -8.411  -2.746  1.00 12.48 ? 719 HEM A CHA 1 
HETATM 925  C  CHB . HEM C 3 .   ? -2.319  -6.410  -1.166  1.00 11.63 ? 719 HEM A CHB 1 
HETATM 926  C  CHC . HEM C 3 .   ? 0.087   -2.332  -0.325  1.00 4.83  ? 719 HEM A CHC 1 
HETATM 927  C  CHD . HEM C 3 .   ? 4.162   -4.529  -1.478  1.00 3.03  ? 719 HEM A CHD 1 
HETATM 928  C  C1A . HEM C 3 .   ? 0.330   -8.219  -2.466  1.00 11.79 ? 719 HEM A C1A 1 
HETATM 929  C  C2A . HEM C 3 .   ? -0.727  -9.163  -2.744  1.00 13.24 ? 719 HEM A C2A 1 
HETATM 930  C  C3A . HEM C 3 .   ? -1.844  -8.617  -2.295  1.00 14.63 ? 719 HEM A C3A 1 
HETATM 931  C  C4A . HEM C 3 .   ? -1.500  -7.297  -1.740  1.00 13.16 ? 719 HEM A C4A 1 
HETATM 932  C  CMA . HEM C 3 .   ? -3.278  -9.183  -2.332  1.00 17.73 ? 719 HEM A CMA 1 
HETATM 933  C  CAA . HEM C 3 .   ? -0.509  -10.471 -3.602  1.00 14.03 ? 719 HEM A CAA 1 
HETATM 934  C  CBA . HEM C 3 .   ? -1.237  -10.463 -4.961  1.00 15.12 ? 719 HEM A CBA 1 
HETATM 935  C  CGA . HEM C 3 .   ? -0.920  -11.657 -5.887  1.00 19.10 ? 719 HEM A CGA 1 
HETATM 936  O  O1A . HEM C 3 .   ? -0.046  -12.510 -5.428  1.00 18.48 ? 719 HEM A O1A 1 
HETATM 937  O  O2A . HEM C 3 .   ? -1.512  -11.742 -6.984  1.00 17.47 ? 719 HEM A O2A 1 
HETATM 938  C  C1B . HEM C 3 .   ? -2.007  -5.151  -0.772  1.00 9.46  ? 719 HEM A C1B 1 
HETATM 939  C  C2B . HEM C 3 .   ? -2.926  -4.309  -0.191  1.00 3.57  ? 719 HEM A C2B 1 
HETATM 940  C  C3B . HEM C 3 .   ? -2.306  -3.122  -0.006  1.00 3.16  ? 719 HEM A C3B 1 
HETATM 941  C  C4B . HEM C 3 .   ? -0.913  -3.291  -0.333  1.00 4.17  ? 719 HEM A C4B 1 
HETATM 942  C  CMB . HEM C 3 .   ? -4.430  -4.683  0.011   1.00 6.34  ? 719 HEM A CMB 1 
HETATM 943  C  CAB . HEM C 3 .   ? -2.966  -1.789  0.439   1.00 4.58  ? 719 HEM A CAB 1 
HETATM 944  C  CBB . HEM C 3 .   ? -2.229  -0.928  1.467   1.00 5.99  ? 719 HEM A CBB 1 
HETATM 945  C  C1C . HEM C 3 .   ? 1.423   -2.579  -0.549  1.00 2.00  ? 719 HEM A C1C 1 
HETATM 946  C  C2C . HEM C 3 .   ? 2.457   -1.590  -0.500  1.00 2.62  ? 719 HEM A C2C 1 
HETATM 947  C  C3C . HEM C 3 .   ? 3.597   -2.206  -0.823  1.00 5.21  ? 719 HEM A C3C 1 
HETATM 948  C  C4C . HEM C 3 .   ? 3.278   -3.562  -1.108  1.00 4.24  ? 719 HEM A C4C 1 
HETATM 949  C  CMC . HEM C 3 .   ? 2.210   -0.071  -0.243  1.00 3.91  ? 719 HEM A CMC 1 
HETATM 950  C  CAC . HEM C 3 .   ? 4.992   -1.617  -1.177  1.00 2.00  ? 719 HEM A CAC 1 
HETATM 951  C  CBC . HEM C 3 .   ? 5.198   -0.201  -0.702  1.00 3.72  ? 719 HEM A CBC 1 
HETATM 952  C  C1D . HEM C 3 .   ? 3.833   -5.780  -1.935  1.00 9.82  ? 719 HEM A C1D 1 
HETATM 953  C  C2D . HEM C 3 .   ? 4.732   -6.732  -2.541  1.00 7.60  ? 719 HEM A C2D 1 
HETATM 954  C  C3D . HEM C 3 .   ? 4.020   -7.819  -2.855  1.00 12.59 ? 719 HEM A C3D 1 
HETATM 955  C  C4D . HEM C 3 .   ? 2.666   -7.582  -2.441  1.00 12.85 ? 719 HEM A C4D 1 
HETATM 956  C  CMD . HEM C 3 .   ? 6.237   -6.495  -2.764  1.00 10.76 ? 719 HEM A CMD 1 
HETATM 957  C  CAD . HEM C 3 .   ? 4.466   -9.082  -3.633  1.00 15.22 ? 719 HEM A CAD 1 
HETATM 958  C  CBD . HEM C 3 .   ? 4.628   -8.734  -5.156  1.00 22.50 ? 719 HEM A CBD 1 
HETATM 959  C  CGD . HEM C 3 .   ? 4.232   -9.875  -6.083  1.00 27.15 ? 719 HEM A CGD 1 
HETATM 960  O  O1D . HEM C 3 .   ? 4.593   -9.855  -7.299  1.00 28.78 ? 719 HEM A O1D 1 
HETATM 961  O  O2D . HEM C 3 .   ? 3.513   -10.755 -5.556  1.00 25.32 ? 719 HEM A O2D 1 
HETATM 962  N  NA  . HEM C 3 .   ? -0.179  -7.099  -1.888  1.00 11.42 ? 719 HEM A NA  1 
HETATM 963  N  NB  . HEM C 3 .   ? -0.743  -4.529  -0.820  1.00 6.15  ? 719 HEM A NB  1 
HETATM 964  N  NC  . HEM C 3 .   ? 1.941   -3.780  -0.930  1.00 8.08  ? 719 HEM A NC  1 
HETATM 965  N  ND  . HEM C 3 .   ? 2.518   -6.309  -1.929  1.00 5.62  ? 719 HEM A ND  1 
HETATM 966  FE FE  . HEM C 3 .   ? 0.887   -5.458  -1.366  1.00 11.88 ? 719 HEM A FE  1 
HETATM 967  O  O   . HOH D 4 .   ? 4.068   -3.859  12.303  1.00 20.07 ? 1   HOH A O   1 
HETATM 968  O  O   . HOH D 4 .   ? -3.843  2.031   8.973   1.00 12.67 ? 2   HOH A O   1 
HETATM 969  O  O   . HOH D 4 .   ? -8.164  -3.369  -10.358 1.00 37.54 ? 4   HOH A O   1 
HETATM 970  O  O   . HOH D 4 .   ? -8.121  -5.344  -1.776  1.00 28.78 ? 5   HOH A O   1 
HETATM 971  O  O   . HOH D 4 .   ? 18.725  -9.452  -2.251  1.00 42.19 ? 6   HOH A O   1 
HETATM 972  O  O   . HOH D 4 .   ? -11.236 9.808   -5.353  1.00 51.26 ? 7   HOH A O   1 
HETATM 973  O  O   . HOH D 4 .   ? 7.440   15.509  5.297   1.00 21.83 ? 9   HOH A O   1 
HETATM 974  O  O   . HOH D 4 .   ? -7.498  -5.628  1.154   1.00 15.67 ? 11  HOH A O   1 
HETATM 975  O  O   . HOH D 4 .   ? -4.202  10.349  -4.278  1.00 33.52 ? 13  HOH A O   1 
HETATM 976  O  O   . HOH D 4 .   ? -12.545 -0.511  -0.451  1.00 26.96 ? 14  HOH A O   1 
HETATM 977  O  O   . HOH D 4 .   ? 10.139  -11.870 3.006   1.00 23.44 ? 16  HOH A O   1 
HETATM 978  O  O   . HOH D 4 .   ? -9.444  -5.743  9.325   1.00 9.19  ? 17  HOH A O   1 
HETATM 979  O  O   . HOH D 4 .   ? 8.138   -11.508 5.153   1.00 18.52 ? 18  HOH A O   1 
HETATM 980  O  O   . HOH D 4 .   ? 13.479  -10.775 -3.843  1.00 51.01 ? 20  HOH A O   1 
HETATM 981  O  O   . HOH D 4 .   ? 3.868   13.654  -0.311  1.00 28.19 ? 21  HOH A O   1 
HETATM 982  O  O   . HOH D 4 .   ? 3.329   -8.416  -12.741 1.00 47.69 ? 22  HOH A O   1 
HETATM 983  O  O   . HOH D 4 .   ? 14.684  -6.013  -6.690  1.00 35.48 ? 23  HOH A O   1 
HETATM 984  O  O   . HOH D 4 .   ? 0.326   14.115  -4.073  1.00 47.47 ? 24  HOH A O   1 
HETATM 985  O  O   . HOH D 4 .   ? 3.564   -7.210  4.875   1.00 14.54 ? 25  HOH A O   1 
HETATM 986  O  O   . HOH D 4 .   ? 5.011   -18.748 -6.647  1.00 18.71 ? 26  HOH A O   1 
HETATM 987  O  O   . HOH D 4 .   ? 2.670   16.779  0.099   1.00 24.09 ? 34  HOH A O   1 
HETATM 988  O  O   . HOH D 4 .   ? 2.470   -12.670 -4.188  1.00 30.57 ? 36  HOH A O   1 
HETATM 989  O  O   . HOH D 4 .   ? -7.571  7.894   9.591   1.00 18.96 ? 38  HOH A O   1 
HETATM 990  O  O   . HOH D 4 .   ? 7.197   -14.842 5.889   1.00 32.99 ? 40  HOH A O   1 
HETATM 991  O  O   . HOH D 4 .   ? 0.446   -16.864 -1.294  1.00 36.28 ? 41  HOH A O   1 
HETATM 992  O  O   . HOH D 4 .   ? 9.506   8.975   5.565   1.00 14.95 ? 49  HOH A O   1 
HETATM 993  O  O   . HOH D 4 .   ? 7.450   17.201  1.766   1.00 14.41 ? 50  HOH A O   1 
HETATM 994  O  O   . HOH D 4 .   ? -5.313  -3.022  -13.339 1.00 43.63 ? 52  HOH A O   1 
HETATM 995  O  O   . HOH D 4 .   ? 0.279   -3.102  -8.897  1.00 39.99 ? 55  HOH A O   1 
HETATM 996  O  O   . HOH D 4 .   ? 6.929   2.364   14.804  1.00 12.25 ? 56  HOH A O   1 
HETATM 997  O  O   . HOH D 4 .   ? 1.209   -10.149 6.900   1.00 11.42 ? 57  HOH A O   1 
HETATM 998  O  O   . HOH D 4 .   ? -4.895  -7.962  -5.393  1.00 19.03 ? 58  HOH A O   1 
HETATM 999  O  O   . HOH D 4 .   ? 16.725  4.581   4.205   1.00 20.13 ? 60  HOH A O   1 
HETATM 1000 O  O   . HOH D 4 .   ? 2.322   -5.704  12.059  1.00 13.36 ? 64  HOH A O   1 
HETATM 1001 O  O   . HOH D 4 .   ? 1.795   4.812   21.014  1.00 12.58 ? 65  HOH A O   1 
HETATM 1002 O  O   . HOH D 4 .   ? -10.461 9.677   8.457   1.00 42.20 ? 66  HOH A O   1 
# 
